data_8FZK
#
_entry.id   8FZK
#
_cell.length_a   50.107
_cell.length_b   90.838
_cell.length_c   94.603
_cell.angle_alpha   103.190
_cell.angle_beta   90.370
_cell.angle_gamma   97.390
#
_symmetry.space_group_name_H-M   'P 1'
#
loop_
_entity.id
_entity.type
_entity.pdbx_description
1 polymer 'Importin subunit alpha-1'
2 non-polymer '2-(N-MORPHOLINO)-ETHANESULFONIC ACID'
3 non-polymer 'MAGNESIUM ION'
4 water water
#
_entity_poly.entity_id   1
_entity_poly.type   'polypeptide(L)'
_entity_poly.pdbx_seq_one_letter_code
;SQGTVNWSVDDIVKGINSSNVENQLQATQAARKLLSREKQPPIDNIIRAGLIPKFVSFLGRTDCSPIQFESAWALTNIAS
GTSEQTKAVVDGGAIPAFISLLASPHAHISEQAVWALGNIAGDGSVFRDLVIKYGAVDPLLALLAVPDMSSLACGYLRNL
TWTLSNLCRNKNPAPPIDAVEQILPTLVRLLHHDDPEVLADTCWAISYLTDGPNERIGMVVKTGVVPQLVKLLGASELPI
VTPALRAIGNIVTGTDEQTQVVIDAGALAVFPSLLTNPKTNIQKEATWTMSNITAGRQDQIQQVVNHGLVPFLVSVLSKA
DFKTQKEAVWAVTNYTSGGTVEQIVYLVHCGIIEPLMNLLTAKDTKIILVILDAISNIFQAAEKLGETEKLSIMIEECGG
LDKIEALQNHENESVYKASLSLIEKYFSVEEEEDQNVVPETTSEGYTFQVQDGAPGTFNF
;
_entity_poly.pdbx_strand_id   A,B,C,D
#
loop_
_chem_comp.id
_chem_comp.type
_chem_comp.name
_chem_comp.formula
MES non-polymer '2-(N-MORPHOLINO)-ETHANESULFONIC ACID' 'C6 H13 N O4 S'
MG non-polymer 'MAGNESIUM ION' 'Mg 2'
#
# COMPACT_ATOMS: atom_id res chain seq x y z
N ASP A 10 -43.31 -17.36 33.19
CA ASP A 10 -44.41 -16.45 33.44
C ASP A 10 -44.03 -15.50 34.58
N ASP A 11 -43.44 -16.05 35.63
CA ASP A 11 -43.02 -15.21 36.75
C ASP A 11 -41.97 -14.20 36.33
N ILE A 12 -41.15 -14.53 35.33
CA ILE A 12 -40.10 -13.64 34.87
C ILE A 12 -40.70 -12.42 34.19
N VAL A 13 -41.69 -12.64 33.33
CA VAL A 13 -42.35 -11.52 32.70
C VAL A 13 -42.94 -10.57 33.73
N LYS A 14 -43.56 -11.13 34.79
CA LYS A 14 -44.14 -10.29 35.82
C LYS A 14 -43.09 -9.36 36.45
N GLY A 15 -41.93 -9.91 36.81
CA GLY A 15 -40.89 -9.08 37.37
C GLY A 15 -40.42 -7.99 36.42
N ILE A 16 -40.48 -8.25 35.12
CA ILE A 16 -40.01 -7.24 34.15
C ILE A 16 -41.00 -6.09 34.05
N ASN A 17 -42.28 -6.36 34.32
CA ASN A 17 -43.36 -5.37 34.20
C ASN A 17 -43.70 -4.73 35.55
N SER A 18 -42.73 -4.63 36.44
CA SER A 18 -42.94 -4.07 37.76
C SER A 18 -42.55 -2.59 37.77
N SER A 19 -43.24 -1.82 38.61
CA SER A 19 -43.00 -0.38 38.66
C SER A 19 -41.70 -0.02 39.38
N ASN A 20 -41.22 -0.89 40.27
CA ASN A 20 -40.05 -0.57 41.08
C ASN A 20 -38.81 -0.82 40.23
N VAL A 21 -37.90 0.16 40.23
CA VAL A 21 -36.69 0.06 39.42
C VAL A 21 -35.92 -1.20 39.76
N GLU A 22 -35.64 -1.42 41.05
CA GLU A 22 -34.85 -2.58 41.47
C GLU A 22 -35.51 -3.88 41.04
N ASN A 23 -36.84 -3.96 41.08
CA ASN A 23 -37.52 -5.19 40.71
C ASN A 23 -37.29 -5.48 39.23
N GLN A 24 -37.27 -4.45 38.39
CA GLN A 24 -37.01 -4.64 36.97
C GLN A 24 -35.58 -5.08 36.75
N LEU A 25 -34.64 -4.44 37.45
CA LEU A 25 -33.25 -4.85 37.40
C LEU A 25 -33.10 -6.31 37.80
N GLN A 26 -33.74 -6.70 38.91
CA GLN A 26 -33.64 -8.07 39.41
C GLN A 26 -34.23 -9.08 38.43
N ALA A 27 -35.31 -8.71 37.73
CA ALA A 27 -35.88 -9.60 36.71
C ALA A 27 -34.95 -9.78 35.49
N THR A 28 -34.41 -8.69 34.95
CA THR A 28 -33.54 -8.80 33.77
C THR A 28 -32.22 -9.49 34.12
N GLN A 29 -31.67 -9.19 35.31
CA GLN A 29 -30.52 -9.94 35.79
C GLN A 29 -30.83 -11.43 35.89
N ALA A 30 -31.97 -11.79 36.48
CA ALA A 30 -32.38 -13.19 36.49
C ALA A 30 -32.49 -13.73 35.07
N ALA A 31 -32.99 -12.89 34.16
CA ALA A 31 -33.12 -13.29 32.76
C ALA A 31 -31.76 -13.53 32.15
N ARG A 32 -30.79 -12.64 32.46
CA ARG A 32 -29.41 -12.80 32.02
C ARG A 32 -28.85 -14.13 32.48
N LYS A 33 -29.02 -14.43 33.77
CA LYS A 33 -28.54 -15.69 34.33
C LYS A 33 -29.30 -16.86 33.73
N LEU A 34 -30.62 -16.70 33.57
CA LEU A 34 -31.41 -17.74 32.92
C LEU A 34 -30.97 -17.96 31.48
N LEU A 35 -30.56 -16.89 30.78
CA LEU A 35 -30.09 -16.96 29.40
C LEU A 35 -28.61 -17.27 29.34
N SER A 36 -27.85 -17.02 30.41
CA SER A 36 -26.40 -17.27 30.40
C SER A 36 -26.10 -18.63 29.82
N ARG A 37 -26.83 -19.65 30.28
CA ARG A 37 -26.60 -21.03 29.88
C ARG A 37 -27.27 -21.26 28.52
N GLU A 38 -26.46 -21.64 27.53
CA GLU A 38 -26.97 -22.00 26.19
C GLU A 38 -27.36 -23.46 26.09
N LYS A 39 -28.26 -23.91 26.98
CA LYS A 39 -28.73 -25.28 27.06
C LYS A 39 -30.25 -25.32 26.87
N GLN A 40 -30.65 -25.37 25.61
CA GLN A 40 -32.06 -25.53 25.23
C GLN A 40 -32.96 -24.59 25.99
N PRO A 41 -32.73 -23.28 25.96
CA PRO A 41 -33.65 -22.33 26.60
C PRO A 41 -34.90 -22.13 25.76
N PRO A 42 -36.10 -22.10 26.39
CA PRO A 42 -37.36 -21.93 25.62
C PRO A 42 -37.59 -20.47 25.22
N ILE A 43 -36.81 -20.02 24.23
CA ILE A 43 -36.90 -18.64 23.81
C ILE A 43 -38.22 -18.38 23.07
N ASP A 44 -38.74 -19.39 22.35
CA ASP A 44 -39.95 -19.20 21.57
C ASP A 44 -41.05 -18.53 22.37
N ASN A 45 -41.23 -18.95 23.64
CA ASN A 45 -42.21 -18.29 24.51
C ASN A 45 -41.72 -16.92 24.94
N ILE A 46 -40.41 -16.77 25.15
CA ILE A 46 -39.85 -15.47 25.49
C ILE A 46 -40.20 -14.43 24.44
N ILE A 47 -40.11 -14.79 23.15
CA ILE A 47 -40.54 -13.90 22.07
C ILE A 47 -42.05 -13.68 22.13
N ARG A 48 -42.82 -14.74 22.40
CA ARG A 48 -44.27 -14.61 22.57
C ARG A 48 -44.63 -13.68 23.72
N ALA A 49 -43.87 -13.75 24.81
CA ALA A 49 -44.07 -12.87 25.97
C ALA A 49 -43.69 -11.41 25.71
N GLY A 50 -42.88 -11.13 24.68
CA GLY A 50 -42.49 -9.77 24.34
C GLY A 50 -41.45 -9.17 25.25
N LEU A 51 -40.44 -9.93 25.66
CA LEU A 51 -39.38 -9.41 26.51
C LEU A 51 -38.27 -8.69 25.73
N ILE A 52 -38.13 -8.98 24.44
CA ILE A 52 -37.05 -8.36 23.70
C ILE A 52 -37.21 -6.84 23.75
N PRO A 53 -38.37 -6.27 23.41
CA PRO A 53 -38.48 -4.80 23.48
C PRO A 53 -38.23 -4.23 24.89
N LYS A 54 -38.53 -4.97 25.95
CA LYS A 54 -38.21 -4.52 27.30
C LYS A 54 -36.71 -4.38 27.52
N PHE A 55 -35.96 -5.40 27.14
CA PHE A 55 -34.51 -5.25 27.26
C PHE A 55 -34.01 -4.03 26.52
N VAL A 56 -34.48 -3.83 25.28
CA VAL A 56 -33.94 -2.76 24.43
C VAL A 56 -34.18 -1.43 25.11
N SER A 57 -35.34 -1.28 25.75
CA SER A 57 -35.62 -0.06 26.45
C SER A 57 -34.66 0.12 27.61
N PHE A 58 -34.30 -0.97 28.28
CA PHE A 58 -33.37 -0.88 29.39
C PHE A 58 -32.01 -0.37 28.98
N LEU A 59 -31.62 -0.58 27.71
CA LEU A 59 -30.29 -0.16 27.30
C LEU A 59 -30.16 1.35 27.30
N GLY A 60 -31.28 2.08 27.19
CA GLY A 60 -31.31 3.53 27.18
C GLY A 60 -31.33 4.16 28.55
N ARG A 61 -31.38 3.34 29.59
CA ARG A 61 -31.44 3.83 30.96
C ARG A 61 -30.05 4.27 31.44
N THR A 62 -29.59 5.41 30.91
CA THR A 62 -28.25 5.89 31.23
C THR A 62 -28.03 6.02 32.74
N ASP A 63 -29.06 6.33 33.50
CA ASP A 63 -28.91 6.55 34.94
C ASP A 63 -28.72 5.26 35.73
N CYS A 64 -28.96 4.10 35.12
CA CYS A 64 -28.86 2.80 35.80
C CYS A 64 -27.93 1.87 35.00
N SER A 65 -26.61 2.01 35.23
CA SER A 65 -25.66 1.27 34.41
C SER A 65 -25.85 -0.24 34.51
N PRO A 66 -26.17 -0.80 35.69
CA PRO A 66 -26.31 -2.25 35.76
C PRO A 66 -27.37 -2.76 34.84
N ILE A 67 -28.53 -2.07 34.76
CA ILE A 67 -29.63 -2.56 33.97
C ILE A 67 -29.26 -2.63 32.51
N GLN A 68 -28.52 -1.62 32.05
CA GLN A 68 -27.96 -1.59 30.72
C GLN A 68 -27.06 -2.81 30.49
N PHE A 69 -26.10 -3.01 31.39
CA PHE A 69 -25.20 -4.16 31.30
C PHE A 69 -25.99 -5.47 31.23
N GLU A 70 -26.87 -5.71 32.21
CA GLU A 70 -27.64 -6.96 32.26
C GLU A 70 -28.47 -7.21 31.00
N SER A 71 -29.22 -6.21 30.53
CA SER A 71 -30.06 -6.37 29.34
C SER A 71 -29.22 -6.58 28.09
N ALA A 72 -28.10 -5.86 27.98
CA ALA A 72 -27.20 -6.09 26.86
C ALA A 72 -26.81 -7.56 26.78
N TRP A 73 -26.55 -8.16 27.95
CA TRP A 73 -26.17 -9.57 28.05
C TRP A 73 -27.33 -10.48 27.67
N ALA A 74 -28.55 -10.16 28.13
CA ALA A 74 -29.69 -10.98 27.78
C ALA A 74 -29.98 -10.93 26.27
N LEU A 75 -29.89 -9.75 25.67
CA LEU A 75 -30.21 -9.68 24.25
C LEU A 75 -29.15 -10.38 23.40
N THR A 76 -27.88 -10.28 23.78
CA THR A 76 -26.84 -10.90 22.97
C THR A 76 -26.97 -12.42 23.04
N ASN A 77 -27.29 -12.96 24.21
CA ASN A 77 -27.52 -14.41 24.32
C ASN A 77 -28.65 -14.86 23.41
N ILE A 78 -29.75 -14.11 23.34
CA ILE A 78 -30.84 -14.45 22.44
C ILE A 78 -30.38 -14.35 20.99
N ALA A 79 -29.54 -13.36 20.69
CA ALA A 79 -29.13 -13.11 19.32
C ALA A 79 -28.16 -14.17 18.82
N SER A 80 -27.70 -15.08 19.68
CA SER A 80 -26.74 -16.09 19.29
C SER A 80 -27.40 -17.46 19.08
N GLY A 81 -28.63 -17.48 18.59
CA GLY A 81 -29.29 -18.72 18.23
C GLY A 81 -29.68 -18.81 16.77
N THR A 82 -30.94 -19.16 16.52
CA THR A 82 -31.41 -19.32 15.16
C THR A 82 -31.63 -17.94 14.52
N SER A 83 -31.83 -17.96 13.19
CA SER A 83 -32.00 -16.72 12.45
C SER A 83 -33.23 -15.95 12.93
N GLU A 84 -34.30 -16.67 13.24
CA GLU A 84 -35.52 -16.00 13.70
C GLU A 84 -35.28 -15.31 15.04
N GLN A 85 -34.47 -15.90 15.91
CA GLN A 85 -34.19 -15.26 17.19
C GLN A 85 -33.34 -14.02 16.99
N THR A 86 -32.25 -14.12 16.22
CA THR A 86 -31.50 -12.93 15.85
C THR A 86 -32.40 -11.91 15.15
N LYS A 87 -33.25 -12.36 14.22
CA LYS A 87 -34.16 -11.44 13.54
C LYS A 87 -35.04 -10.70 14.54
N ALA A 88 -35.55 -11.40 15.55
CA ALA A 88 -36.43 -10.77 16.53
C ALA A 88 -35.68 -9.72 17.32
N VAL A 89 -34.43 -10.04 17.70
CA VAL A 89 -33.56 -9.08 18.37
C VAL A 89 -33.35 -7.86 17.52
N VAL A 90 -33.11 -8.05 16.22
CA VAL A 90 -32.79 -6.92 15.37
C VAL A 90 -34.03 -6.06 15.14
N ASP A 91 -35.15 -6.69 14.83
CA ASP A 91 -36.40 -5.95 14.62
C ASP A 91 -36.84 -5.22 15.88
N GLY A 92 -36.42 -5.71 17.06
CA GLY A 92 -36.60 -5.08 18.33
C GLY A 92 -35.89 -3.77 18.49
N GLY A 93 -35.13 -3.33 17.48
CA GLY A 93 -34.31 -2.15 17.61
C GLY A 93 -33.08 -2.29 18.49
N ALA A 94 -32.65 -3.52 18.84
CA ALA A 94 -31.38 -3.71 19.57
C ALA A 94 -30.18 -3.04 18.87
N ILE A 95 -29.98 -3.31 17.59
CA ILE A 95 -28.82 -2.71 16.92
C ILE A 95 -28.65 -1.21 17.20
N PRO A 96 -29.58 -0.32 16.84
CA PRO A 96 -29.42 1.10 17.27
C PRO A 96 -29.21 1.26 18.77
N ALA A 97 -29.97 0.54 19.57
CA ALA A 97 -29.75 0.68 21.01
C ALA A 97 -28.31 0.37 21.35
N PHE A 98 -27.78 -0.70 20.80
CA PHE A 98 -26.42 -1.03 21.17
C PHE A 98 -25.46 0.06 20.74
N ILE A 99 -25.65 0.60 19.53
CA ILE A 99 -24.82 1.69 19.01
C ILE A 99 -24.83 2.88 19.97
N SER A 100 -26.02 3.32 20.41
CA SER A 100 -26.10 4.35 21.46
C SER A 100 -25.33 3.95 22.71
N LEU A 101 -25.17 2.65 22.94
CA LEU A 101 -24.52 2.23 24.16
C LEU A 101 -23.02 2.34 24.05
N LEU A 102 -22.52 2.45 22.82
CA LEU A 102 -21.08 2.47 22.60
C LEU A 102 -20.48 3.71 23.21
N ALA A 103 -21.23 4.81 23.26
CA ALA A 103 -20.69 6.06 23.79
C ALA A 103 -20.70 6.13 25.31
N SER A 104 -21.06 5.05 25.99
CA SER A 104 -21.16 5.09 27.45
C SER A 104 -19.82 5.48 28.05
N PRO A 105 -19.79 6.33 29.08
CA PRO A 105 -18.53 6.62 29.76
C PRO A 105 -17.96 5.46 30.55
N HIS A 106 -18.72 4.39 30.77
CA HIS A 106 -18.23 3.18 31.44
C HIS A 106 -17.68 2.17 30.42
N ALA A 107 -16.42 1.81 30.58
CA ALA A 107 -15.76 0.91 29.65
C ALA A 107 -16.50 -0.43 29.54
N HIS A 108 -16.88 -1.04 30.68
CA HIS A 108 -17.53 -2.36 30.66
C HIS A 108 -18.92 -2.31 30.01
N ILE A 109 -19.55 -1.14 29.89
CA ILE A 109 -20.80 -1.05 29.16
C ILE A 109 -20.54 -0.95 27.65
N SER A 110 -19.62 -0.07 27.25
CA SER A 110 -19.24 -0.01 25.84
C SER A 110 -18.96 -1.40 25.29
N GLU A 111 -18.07 -2.14 25.99
CA GLU A 111 -17.61 -3.47 25.55
C GLU A 111 -18.78 -4.41 25.30
N GLN A 112 -19.78 -4.37 26.18
CA GLN A 112 -20.94 -5.24 26.05
C GLN A 112 -21.64 -4.98 24.73
N ALA A 113 -21.86 -3.69 24.42
CA ALA A 113 -22.42 -3.30 23.15
C ALA A 113 -21.54 -3.75 21.98
N VAL A 114 -20.22 -3.57 22.08
CA VAL A 114 -19.29 -4.02 21.03
C VAL A 114 -19.46 -5.50 20.78
N TRP A 115 -19.55 -6.27 21.87
CA TRP A 115 -19.75 -7.70 21.76
C TRP A 115 -21.09 -8.02 21.13
N ALA A 116 -22.15 -7.25 21.47
CA ALA A 116 -23.46 -7.58 20.94
C ALA A 116 -23.46 -7.28 19.44
N LEU A 117 -22.82 -6.21 19.06
CA LEU A 117 -22.80 -5.86 17.66
C LEU A 117 -21.96 -6.82 16.85
N GLY A 118 -20.86 -7.30 17.42
CA GLY A 118 -20.05 -8.29 16.72
C GLY A 118 -20.78 -9.61 16.52
N ASN A 119 -21.51 -10.08 17.57
CA ASN A 119 -22.32 -11.28 17.39
C ASN A 119 -23.37 -11.11 16.28
N ILE A 120 -24.20 -10.06 16.34
CA ILE A 120 -25.17 -9.81 15.28
C ILE A 120 -24.46 -9.73 13.93
N ALA A 121 -23.39 -8.96 13.84
CA ALA A 121 -22.79 -8.77 12.53
C ALA A 121 -22.22 -10.08 11.98
N GLY A 122 -21.69 -10.92 12.86
CA GLY A 122 -21.16 -12.19 12.41
C GLY A 122 -22.21 -13.21 12.04
N ASP A 123 -23.47 -12.92 12.33
CA ASP A 123 -24.51 -13.89 11.99
C ASP A 123 -24.64 -14.06 10.47
N GLY A 124 -24.32 -13.04 9.70
CA GLY A 124 -24.49 -13.18 8.27
C GLY A 124 -24.36 -11.82 7.62
N SER A 125 -24.27 -11.84 6.29
CA SER A 125 -24.10 -10.59 5.52
C SER A 125 -25.26 -9.61 5.72
N VAL A 126 -26.50 -10.11 5.75
CA VAL A 126 -27.64 -9.21 5.88
C VAL A 126 -27.56 -8.46 7.22
N PHE A 127 -27.15 -9.13 8.31
CA PHE A 127 -27.19 -8.45 9.61
C PHE A 127 -25.93 -7.63 9.78
N ARG A 128 -24.86 -8.08 9.12
CA ARG A 128 -23.67 -7.27 9.07
C ARG A 128 -23.96 -5.89 8.50
N ASP A 129 -24.60 -5.86 7.32
CA ASP A 129 -25.05 -4.64 6.66
C ASP A 129 -26.10 -3.86 7.45
N LEU A 130 -26.97 -4.55 8.18
CA LEU A 130 -27.85 -3.76 9.05
C LEU A 130 -27.05 -3.05 10.13
N VAL A 131 -26.13 -3.76 10.78
CA VAL A 131 -25.30 -3.11 11.76
C VAL A 131 -24.63 -1.88 11.16
N ILE A 132 -24.10 -2.00 9.93
CA ILE A 132 -23.46 -0.86 9.29
C ILE A 132 -24.50 0.22 8.97
N LYS A 133 -25.66 -0.20 8.47
CA LYS A 133 -26.65 0.76 8.03
C LYS A 133 -27.17 1.63 9.16
N TYR A 134 -27.41 1.04 10.34
CA TYR A 134 -27.80 1.84 11.48
C TYR A 134 -26.66 2.74 12.01
N GLY A 135 -25.43 2.68 11.48
CA GLY A 135 -24.40 3.64 11.87
C GLY A 135 -23.39 3.16 12.90
N ALA A 136 -23.20 1.87 13.01
CA ALA A 136 -22.29 1.36 13.99
C ALA A 136 -20.81 1.65 13.71
N VAL A 137 -20.41 1.85 12.46
CA VAL A 137 -18.98 1.88 12.14
C VAL A 137 -18.28 3.05 12.81
N ASP A 138 -18.78 4.26 12.59
CA ASP A 138 -18.12 5.42 13.18
C ASP A 138 -17.94 5.31 14.70
N PRO A 139 -18.97 5.07 15.53
CA PRO A 139 -18.69 4.95 16.97
C PRO A 139 -17.80 3.77 17.32
N LEU A 140 -17.91 2.64 16.60
CA LEU A 140 -16.98 1.55 16.90
C LEU A 140 -15.53 1.99 16.68
N LEU A 141 -15.25 2.65 15.56
CA LEU A 141 -13.91 3.15 15.25
C LEU A 141 -13.45 4.23 16.23
N ALA A 142 -14.37 5.09 16.70
CA ALA A 142 -13.95 6.13 17.63
C ALA A 142 -13.40 5.53 18.90
N LEU A 143 -13.79 4.29 19.21
CA LEU A 143 -13.29 3.69 20.43
C LEU A 143 -11.83 3.33 20.26
N LEU A 144 -11.40 3.12 19.01
CA LEU A 144 -10.01 2.78 18.70
C LEU A 144 -9.24 3.97 18.18
N ALA A 145 -9.82 5.17 18.23
CA ALA A 145 -9.14 6.37 17.75
C ALA A 145 -8.15 6.91 18.78
N VAL A 146 -7.96 6.25 19.92
CA VAL A 146 -7.09 6.77 20.98
C VAL A 146 -5.64 6.77 20.51
N PRO A 147 -4.78 7.62 21.05
CA PRO A 147 -3.39 7.65 20.57
C PRO A 147 -2.59 6.38 20.86
N ASP A 148 -2.74 5.79 22.04
CA ASP A 148 -1.99 4.60 22.42
C ASP A 148 -2.98 3.45 22.67
N MET A 149 -3.01 2.49 21.75
CA MET A 149 -3.93 1.39 21.94
C MET A 149 -3.57 0.49 23.12
N SER A 150 -2.35 0.60 23.67
CA SER A 150 -1.98 -0.16 24.85
C SER A 150 -2.69 0.34 26.10
N SER A 151 -3.22 1.55 26.07
CA SER A 151 -3.96 2.06 27.22
C SER A 151 -5.29 1.34 27.40
N LEU A 152 -5.86 0.83 26.32
CA LEU A 152 -7.13 0.11 26.41
C LEU A 152 -6.86 -1.30 26.93
N ALA A 153 -7.80 -1.82 27.70
CA ALA A 153 -7.66 -3.17 28.23
C ALA A 153 -7.58 -4.19 27.11
N CYS A 154 -6.88 -5.29 27.39
N CYS A 154 -6.88 -5.29 27.39
CA CYS A 154 -6.61 -6.31 26.38
CA CYS A 154 -6.63 -6.31 26.36
C CYS A 154 -7.91 -6.94 25.91
C CYS A 154 -7.91 -6.94 25.91
N GLY A 155 -8.78 -7.27 26.88
CA GLY A 155 -10.06 -7.86 26.55
C GLY A 155 -10.94 -6.92 25.76
N TYR A 156 -10.88 -5.62 26.09
CA TYR A 156 -11.68 -4.65 25.37
C TYR A 156 -11.20 -4.48 23.94
N LEU A 157 -9.89 -4.39 23.73
CA LEU A 157 -9.42 -4.27 22.35
C LEU A 157 -9.70 -5.54 21.54
N ARG A 158 -9.55 -6.70 22.16
CA ARG A 158 -9.80 -7.93 21.41
C ARG A 158 -11.25 -7.99 20.95
N ASN A 159 -12.17 -7.59 21.80
CA ASN A 159 -13.58 -7.56 21.44
C ASN A 159 -13.80 -6.60 20.27
N LEU A 160 -13.15 -5.44 20.30
CA LEU A 160 -13.39 -4.48 19.25
C LEU A 160 -12.84 -5.01 17.93
N THR A 161 -11.67 -5.64 18.02
CA THR A 161 -11.01 -6.15 16.84
C THR A 161 -11.79 -7.31 16.28
N TRP A 162 -12.31 -8.17 17.14
CA TRP A 162 -13.15 -9.23 16.58
C TRP A 162 -14.39 -8.63 15.92
N THR A 163 -14.99 -7.58 16.49
CA THR A 163 -16.22 -7.07 15.89
C THR A 163 -15.95 -6.46 14.53
N LEU A 164 -14.83 -5.73 14.41
CA LEU A 164 -14.41 -5.21 13.11
C LEU A 164 -14.20 -6.33 12.09
N SER A 165 -13.50 -7.40 12.46
CA SER A 165 -13.30 -8.46 11.48
C SER A 165 -14.65 -9.06 11.04
N ASN A 166 -15.66 -9.12 11.95
CA ASN A 166 -16.98 -9.60 11.54
C ASN A 166 -17.66 -8.60 10.62
N LEU A 167 -17.30 -7.31 10.71
CA LEU A 167 -17.84 -6.32 9.78
C LEU A 167 -17.15 -6.37 8.43
N CYS A 168 -16.01 -7.07 8.32
CA CYS A 168 -15.32 -7.21 7.03
C CYS A 168 -15.57 -8.60 6.40
N ARG A 169 -16.27 -9.48 7.14
CA ARG A 169 -16.45 -10.88 6.78
C ARG A 169 -17.68 -11.05 5.90
N ASN A 170 -17.67 -12.18 5.20
CA ASN A 170 -18.80 -12.68 4.43
C ASN A 170 -19.02 -11.92 3.13
N LYS A 171 -19.67 -12.57 2.16
CA LYS A 171 -19.85 -12.01 0.83
C LYS A 171 -21.30 -12.26 0.40
N ASN A 172 -21.59 -11.96 -0.86
N ASN A 172 -21.59 -11.97 -0.86
CA ASN A 172 -22.94 -12.12 -1.42
CA ASN A 172 -22.93 -12.12 -1.41
C ASN A 172 -23.97 -11.42 -0.54
C ASN A 172 -23.97 -11.41 -0.53
N PRO A 173 -23.84 -10.08 -0.32
CA PRO A 173 -22.79 -9.19 -0.86
C PRO A 173 -21.61 -9.00 0.07
N ALA A 174 -20.50 -8.51 -0.47
CA ALA A 174 -19.38 -8.10 0.35
C ALA A 174 -19.76 -6.85 1.13
N PRO A 175 -19.02 -6.53 2.19
CA PRO A 175 -19.31 -5.29 2.92
C PRO A 175 -19.37 -4.13 1.97
N PRO A 176 -20.17 -3.09 2.29
CA PRO A 176 -20.19 -1.87 1.48
C PRO A 176 -18.85 -1.13 1.45
N ILE A 177 -18.55 -0.59 0.27
CA ILE A 177 -17.24 0.02 -0.02
C ILE A 177 -16.90 1.11 0.99
N ASP A 178 -17.80 2.07 1.18
CA ASP A 178 -17.59 3.15 2.15
C ASP A 178 -17.22 2.63 3.52
N ALA A 179 -17.89 1.56 3.99
CA ALA A 179 -17.58 1.08 5.34
C ALA A 179 -16.18 0.50 5.38
N VAL A 180 -15.79 -0.18 4.29
CA VAL A 180 -14.48 -0.80 4.22
C VAL A 180 -13.37 0.25 4.22
N GLU A 181 -13.60 1.36 3.49
CA GLU A 181 -12.66 2.48 3.47
C GLU A 181 -12.58 3.23 4.80
N GLN A 182 -13.66 3.25 5.56
CA GLN A 182 -13.57 3.77 6.94
C GLN A 182 -12.76 2.83 7.83
N ILE A 183 -12.97 1.53 7.68
CA ILE A 183 -12.42 0.55 8.61
C ILE A 183 -10.94 0.30 8.38
N LEU A 184 -10.52 0.32 7.13
CA LEU A 184 -9.15 -0.05 6.76
C LEU A 184 -8.08 0.75 7.47
N PRO A 185 -8.17 2.06 7.59
CA PRO A 185 -7.10 2.74 8.32
C PRO A 185 -6.98 2.30 9.76
N THR A 186 -8.06 1.90 10.44
CA THR A 186 -7.90 1.36 11.79
C THR A 186 -7.28 -0.03 11.77
N LEU A 187 -7.68 -0.86 10.83
CA LEU A 187 -7.00 -2.12 10.66
C LEU A 187 -5.48 -1.93 10.49
N VAL A 188 -5.04 -0.97 9.70
CA VAL A 188 -3.62 -0.68 9.60
C VAL A 188 -2.98 -0.48 10.98
N ARG A 189 -3.56 0.43 11.78
CA ARG A 189 -2.95 0.74 13.07
C ARG A 189 -2.99 -0.45 14.00
N LEU A 190 -4.09 -1.22 13.97
CA LEU A 190 -4.15 -2.43 14.79
C LEU A 190 -3.08 -3.46 14.42
N LEU A 191 -2.66 -3.53 13.15
CA LEU A 191 -1.63 -4.51 12.83
C LEU A 191 -0.25 -4.14 13.34
N HIS A 192 -0.08 -2.97 13.93
CA HIS A 192 1.15 -2.62 14.63
C HIS A 192 1.05 -2.85 16.14
N HIS A 193 -0.10 -3.29 16.66
CA HIS A 193 -0.23 -3.68 18.05
C HIS A 193 0.52 -5.01 18.35
N ASP A 194 0.88 -5.23 19.62
CA ASP A 194 1.69 -6.40 19.95
C ASP A 194 0.90 -7.59 20.46
N ASP A 195 -0.42 -7.47 20.65
CA ASP A 195 -1.19 -8.58 21.18
C ASP A 195 -1.44 -9.65 20.10
N PRO A 196 -1.09 -10.93 20.36
CA PRO A 196 -1.26 -11.94 19.27
C PRO A 196 -2.70 -12.14 18.79
N GLU A 197 -3.68 -12.03 19.68
CA GLU A 197 -5.09 -12.18 19.31
C GLU A 197 -5.59 -11.02 18.47
N VAL A 198 -5.25 -9.79 18.87
CA VAL A 198 -5.58 -8.64 18.04
C VAL A 198 -4.97 -8.81 16.63
N LEU A 199 -3.68 -9.19 16.56
CA LEU A 199 -3.03 -9.37 15.26
C LEU A 199 -3.73 -10.44 14.42
N ALA A 200 -4.07 -11.55 15.05
CA ALA A 200 -4.74 -12.62 14.33
C ALA A 200 -6.06 -12.12 13.76
N ASP A 201 -6.85 -11.41 14.57
CA ASP A 201 -8.20 -11.01 14.15
C ASP A 201 -8.13 -9.95 13.07
N THR A 202 -7.16 -9.04 13.21
CA THR A 202 -6.94 -8.04 12.18
C THR A 202 -6.45 -8.66 10.86
N CYS A 203 -5.50 -9.62 10.90
CA CYS A 203 -5.14 -10.37 9.68
C CYS A 203 -6.34 -11.08 9.06
N TRP A 204 -7.18 -11.72 9.89
CA TRP A 204 -8.38 -12.35 9.33
C TRP A 204 -9.25 -11.31 8.63
N ALA A 205 -9.45 -10.15 9.25
CA ALA A 205 -10.26 -9.12 8.63
C ALA A 205 -9.71 -8.72 7.25
N ILE A 206 -8.38 -8.56 7.14
CA ILE A 206 -7.75 -8.18 5.87
C ILE A 206 -7.90 -9.34 4.87
N SER A 207 -7.84 -10.59 5.36
CA SER A 207 -7.96 -11.70 4.44
C SER A 207 -9.37 -11.73 3.86
N TYR A 208 -10.35 -11.30 4.65
CA TYR A 208 -11.72 -11.18 4.13
C TYR A 208 -11.77 -10.09 3.08
N LEU A 209 -11.23 -8.92 3.42
CA LEU A 209 -11.27 -7.80 2.53
C LEU A 209 -10.57 -8.12 1.22
N THR A 210 -9.56 -9.01 1.25
CA THR A 210 -8.74 -9.29 0.07
C THR A 210 -9.27 -10.42 -0.76
N ASP A 211 -10.32 -11.03 -0.28
CA ASP A 211 -10.95 -12.14 -0.94
C ASP A 211 -12.06 -11.56 -1.79
N GLY A 212 -11.70 -11.07 -2.96
CA GLY A 212 -12.69 -10.48 -3.80
C GLY A 212 -12.02 -9.95 -5.04
N PRO A 213 -12.77 -9.18 -5.82
CA PRO A 213 -12.28 -8.62 -7.08
C PRO A 213 -11.11 -7.69 -6.82
N ASN A 214 -10.34 -7.40 -7.90
CA ASN A 214 -9.11 -6.65 -7.80
C ASN A 214 -9.36 -5.28 -7.17
N GLU A 215 -10.49 -4.64 -7.49
CA GLU A 215 -10.76 -3.37 -6.85
C GLU A 215 -10.81 -3.47 -5.32
N ARG A 216 -11.32 -4.58 -4.77
CA ARG A 216 -11.26 -4.76 -3.31
C ARG A 216 -9.82 -4.97 -2.85
N ILE A 217 -9.11 -5.88 -3.53
CA ILE A 217 -7.68 -6.02 -3.26
C ILE A 217 -7.02 -4.64 -3.24
N GLY A 218 -7.37 -3.78 -4.20
CA GLY A 218 -6.65 -2.51 -4.34
C GLY A 218 -6.93 -1.55 -3.19
N MET A 219 -8.10 -1.68 -2.60
CA MET A 219 -8.41 -0.88 -1.41
C MET A 219 -7.46 -1.22 -0.30
N VAL A 220 -7.12 -2.49 -0.19
CA VAL A 220 -6.22 -2.90 0.87
C VAL A 220 -4.82 -2.44 0.57
N VAL A 221 -4.37 -2.66 -0.67
CA VAL A 221 -2.99 -2.40 -1.00
C VAL A 221 -2.65 -0.93 -0.86
N LYS A 222 -3.58 -0.06 -1.26
CA LYS A 222 -3.32 1.35 -1.27
C LYS A 222 -3.14 1.89 0.15
N THR A 223 -3.60 1.17 1.17
CA THR A 223 -3.39 1.65 2.54
C THR A 223 -1.93 1.64 2.95
N GLY A 224 -1.06 0.94 2.22
CA GLY A 224 0.32 0.82 2.62
C GLY A 224 0.56 -0.32 3.60
N VAL A 225 -0.45 -1.12 3.89
CA VAL A 225 -0.31 -2.12 4.93
C VAL A 225 0.50 -3.37 4.57
N VAL A 226 0.76 -3.64 3.27
CA VAL A 226 1.29 -4.97 2.87
C VAL A 226 2.63 -5.25 3.53
N PRO A 227 3.57 -4.30 3.60
CA PRO A 227 4.85 -4.63 4.28
C PRO A 227 4.64 -5.15 5.72
N GLN A 228 3.66 -4.60 6.50
CA GLN A 228 3.38 -5.11 7.86
C GLN A 228 2.77 -6.51 7.83
N LEU A 229 1.79 -6.76 6.95
CA LEU A 229 1.33 -8.13 6.72
C LEU A 229 2.48 -9.11 6.52
N VAL A 230 3.40 -8.75 5.60
CA VAL A 230 4.56 -9.60 5.26
C VAL A 230 5.42 -9.88 6.49
N LYS A 231 5.71 -8.84 7.27
CA LYS A 231 6.36 -9.03 8.56
C LYS A 231 5.61 -10.05 9.41
N LEU A 232 4.30 -10.06 9.35
CA LEU A 232 3.59 -11.00 10.24
C LEU A 232 3.60 -12.41 9.69
N LEU A 233 3.84 -12.52 8.39
CA LEU A 233 4.01 -13.81 7.78
C LEU A 233 5.11 -14.59 8.47
N GLY A 234 6.00 -13.87 9.14
CA GLY A 234 7.13 -14.51 9.78
C GLY A 234 6.97 -14.70 11.27
N ALA A 235 5.79 -14.40 11.80
CA ALA A 235 5.51 -14.64 13.21
C ALA A 235 5.62 -16.13 13.58
N SER A 236 5.95 -16.36 14.84
CA SER A 236 6.00 -17.72 15.34
C SER A 236 4.60 -18.28 15.66
N GLU A 237 3.65 -17.41 15.97
CA GLU A 237 2.29 -17.85 16.18
C GLU A 237 1.61 -18.24 14.86
N LEU A 238 1.49 -19.55 14.64
CA LEU A 238 0.56 -20.07 13.65
C LEU A 238 -0.78 -19.31 13.59
N PRO A 239 -1.47 -18.94 14.69
CA PRO A 239 -2.80 -18.29 14.51
C PRO A 239 -2.72 -16.90 13.83
N ILE A 240 -1.51 -16.34 13.72
CA ILE A 240 -1.17 -15.12 12.97
C ILE A 240 -0.67 -15.42 11.54
N VAL A 241 0.30 -16.34 11.38
CA VAL A 241 0.83 -16.69 10.06
C VAL A 241 -0.29 -17.11 9.13
N THR A 242 -1.22 -17.93 9.63
CA THR A 242 -2.26 -18.50 8.76
C THR A 242 -3.07 -17.43 8.07
N PRO A 243 -3.70 -16.50 8.78
CA PRO A 243 -4.45 -15.45 8.10
C PRO A 243 -3.57 -14.46 7.36
N ALA A 244 -2.36 -14.14 7.88
CA ALA A 244 -1.51 -13.24 7.13
C ALA A 244 -1.24 -13.83 5.76
N LEU A 245 -0.97 -15.16 5.74
CA LEU A 245 -0.64 -15.86 4.49
C LEU A 245 -1.83 -15.94 3.55
N ARG A 246 -3.00 -16.23 4.08
CA ARG A 246 -4.22 -16.11 3.29
C ARG A 246 -4.33 -14.72 2.63
N ALA A 247 -4.13 -13.65 3.41
CA ALA A 247 -4.25 -12.31 2.89
C ALA A 247 -3.27 -12.07 1.73
N ILE A 248 -2.01 -12.43 1.95
CA ILE A 248 -1.00 -12.21 0.94
C ILE A 248 -1.33 -13.06 -0.29
N GLY A 249 -1.72 -14.30 -0.07
CA GLY A 249 -2.14 -15.11 -1.19
C GLY A 249 -3.31 -14.49 -1.92
N ASN A 250 -4.26 -13.90 -1.20
CA ASN A 250 -5.35 -13.33 -1.99
C ASN A 250 -4.85 -12.18 -2.83
N ILE A 251 -3.95 -11.38 -2.26
CA ILE A 251 -3.58 -10.15 -2.94
C ILE A 251 -2.84 -10.50 -4.23
N VAL A 252 -2.13 -11.64 -4.23
CA VAL A 252 -1.40 -12.05 -5.42
C VAL A 252 -2.27 -12.78 -6.42
N THR A 253 -3.55 -12.99 -6.12
CA THR A 253 -4.50 -13.31 -7.18
C THR A 253 -5.00 -12.07 -7.95
N GLY A 254 -4.61 -10.84 -7.56
CA GLY A 254 -4.98 -9.61 -8.27
C GLY A 254 -4.08 -9.27 -9.45
N THR A 255 -3.96 -7.97 -9.77
CA THR A 255 -3.17 -7.54 -10.92
C THR A 255 -1.66 -7.83 -10.70
N ASP A 256 -0.93 -7.83 -11.83
CA ASP A 256 0.54 -7.87 -11.80
C ASP A 256 1.09 -6.79 -10.91
N GLU A 257 0.51 -5.60 -10.98
N GLU A 257 0.52 -5.58 -10.99
CA GLU A 257 0.97 -4.53 -10.10
CA GLU A 257 0.98 -4.53 -10.09
C GLU A 257 0.68 -4.83 -8.63
C GLU A 257 0.73 -4.90 -8.63
N GLN A 258 -0.44 -5.49 -8.34
CA GLN A 258 -0.77 -5.78 -6.94
C GLN A 258 0.18 -6.82 -6.42
N THR A 259 0.66 -7.66 -7.35
CA THR A 259 1.55 -8.73 -7.02
C THR A 259 2.92 -8.20 -6.74
N GLN A 260 3.31 -7.16 -7.48
CA GLN A 260 4.57 -6.47 -7.27
C GLN A 260 4.61 -5.75 -5.94
N VAL A 261 3.50 -5.20 -5.50
CA VAL A 261 3.47 -4.63 -4.16
C VAL A 261 3.90 -5.69 -3.12
N VAL A 262 3.48 -6.94 -3.30
CA VAL A 262 3.76 -8.00 -2.32
C VAL A 262 5.23 -8.42 -2.36
N ILE A 263 5.75 -8.61 -3.58
CA ILE A 263 7.17 -8.86 -3.78
C ILE A 263 8.01 -7.72 -3.22
N ASP A 264 7.64 -6.49 -3.55
CA ASP A 264 8.41 -5.37 -3.04
C ASP A 264 8.33 -5.26 -1.52
N ALA A 265 7.25 -5.75 -0.88
CA ALA A 265 7.23 -5.73 0.58
C ALA A 265 8.11 -6.83 1.23
N GLY A 266 8.76 -7.66 0.44
CA GLY A 266 9.68 -8.60 1.00
C GLY A 266 9.13 -10.00 1.07
N ALA A 267 7.96 -10.26 0.48
CA ALA A 267 7.31 -11.53 0.83
C ALA A 267 8.19 -12.74 0.52
N LEU A 268 8.92 -12.70 -0.60
CA LEU A 268 9.55 -13.91 -1.09
C LEU A 268 10.66 -14.37 -0.14
N ALA A 269 11.24 -13.44 0.65
CA ALA A 269 12.31 -13.83 1.59
C ALA A 269 11.77 -14.77 2.68
N VAL A 270 10.45 -14.76 2.89
CA VAL A 270 9.84 -15.57 3.92
C VAL A 270 9.47 -16.96 3.38
N PHE A 271 9.50 -17.16 2.05
CA PHE A 271 8.96 -18.45 1.58
C PHE A 271 9.83 -19.70 1.76
N PRO A 272 11.16 -19.56 1.98
CA PRO A 272 11.96 -20.73 2.41
C PRO A 272 11.39 -21.34 3.62
N SER A 273 10.88 -20.52 4.58
CA SER A 273 10.28 -21.05 5.82
C SER A 273 8.86 -21.58 5.59
N LEU A 274 8.01 -20.84 4.88
CA LEU A 274 6.65 -21.27 4.61
C LEU A 274 6.58 -22.60 3.84
N LEU A 275 7.37 -22.73 2.77
CA LEU A 275 7.41 -23.92 1.96
C LEU A 275 7.94 -25.14 2.68
N THR A 276 8.70 -24.98 3.77
CA THR A 276 9.18 -26.15 4.49
C THR A 276 8.47 -26.28 5.83
N ASN A 277 7.45 -25.44 6.06
CA ASN A 277 6.79 -25.40 7.38
C ASN A 277 6.16 -26.76 7.69
N PRO A 278 6.35 -27.32 8.90
CA PRO A 278 5.70 -28.59 9.26
C PRO A 278 4.16 -28.63 9.16
N LYS A 279 3.48 -27.53 9.43
CA LYS A 279 2.06 -27.46 9.14
C LYS A 279 1.82 -27.63 7.62
N THR A 280 1.18 -28.73 7.25
CA THR A 280 1.02 -28.99 5.83
C THR A 280 0.08 -27.97 5.22
N ASN A 281 -0.81 -27.40 6.02
CA ASN A 281 -1.69 -26.37 5.46
C ASN A 281 -0.92 -25.12 5.08
N ILE A 282 0.13 -24.80 5.85
CA ILE A 282 0.94 -23.62 5.53
C ILE A 282 1.69 -23.85 4.22
N GLN A 283 2.26 -25.06 4.07
CA GLN A 283 2.90 -25.44 2.82
C GLN A 283 1.96 -25.32 1.64
N LYS A 284 0.73 -25.83 1.78
CA LYS A 284 -0.25 -25.76 0.70
C LYS A 284 -0.55 -24.33 0.33
N GLU A 285 -0.85 -23.49 1.32
CA GLU A 285 -1.26 -22.11 1.00
C GLU A 285 -0.11 -21.34 0.43
N ALA A 286 1.11 -21.61 0.91
CA ALA A 286 2.30 -20.92 0.41
C ALA A 286 2.63 -21.36 -1.01
N THR A 287 2.46 -22.64 -1.32
CA THR A 287 2.69 -23.09 -2.69
C THR A 287 1.58 -22.54 -3.57
N TRP A 288 0.33 -22.53 -3.07
CA TRP A 288 -0.73 -21.83 -3.80
C TRP A 288 -0.28 -20.40 -4.10
N THR A 289 0.19 -19.71 -3.06
CA THR A 289 0.55 -18.31 -3.24
C THR A 289 1.66 -18.21 -4.26
N MET A 290 2.65 -19.10 -4.19
N MET A 290 2.65 -19.10 -4.18
CA MET A 290 3.75 -19.03 -5.15
CA MET A 290 3.74 -19.05 -5.13
C MET A 290 3.25 -19.32 -6.57
C MET A 290 3.23 -19.29 -6.55
N SER A 291 2.31 -20.24 -6.73
CA SER A 291 1.76 -20.48 -8.06
C SER A 291 1.14 -19.23 -8.67
N ASN A 292 0.49 -18.41 -7.85
CA ASN A 292 -0.02 -17.18 -8.40
C ASN A 292 1.09 -16.19 -8.69
N ILE A 293 2.21 -16.29 -8.02
CA ILE A 293 3.30 -15.39 -8.38
C ILE A 293 3.98 -15.86 -9.66
N THR A 294 4.12 -17.17 -9.87
CA THR A 294 4.73 -17.60 -11.13
C THR A 294 3.79 -17.44 -12.30
N ALA A 295 2.54 -17.08 -12.03
CA ALA A 295 1.60 -16.78 -13.08
C ALA A 295 1.72 -15.33 -13.49
N GLY A 296 2.74 -14.64 -13.00
CA GLY A 296 2.90 -13.22 -13.24
C GLY A 296 3.88 -12.98 -14.36
N ARG A 297 4.37 -11.75 -14.42
CA ARG A 297 5.21 -11.35 -15.53
C ARG A 297 6.52 -12.11 -15.42
N GLN A 298 7.31 -12.05 -16.52
CA GLN A 298 8.67 -12.58 -16.52
C GLN A 298 9.60 -11.92 -15.49
N ASP A 299 9.53 -10.62 -15.28
CA ASP A 299 10.42 -10.13 -14.21
C ASP A 299 10.02 -10.64 -12.85
N GLN A 300 8.75 -10.99 -12.65
CA GLN A 300 8.35 -11.56 -11.36
C GLN A 300 8.84 -12.98 -11.21
N ILE A 301 8.72 -13.77 -12.29
CA ILE A 301 9.29 -15.12 -12.27
C ILE A 301 10.75 -15.01 -11.90
N GLN A 302 11.40 -14.00 -12.49
CA GLN A 302 12.82 -13.80 -12.27
C GLN A 302 13.12 -13.48 -10.81
N GLN A 303 12.23 -12.74 -10.11
CA GLN A 303 12.42 -12.48 -8.67
C GLN A 303 12.26 -13.76 -7.85
N VAL A 304 11.29 -14.60 -8.20
CA VAL A 304 11.20 -15.93 -7.60
C VAL A 304 12.52 -16.65 -7.77
N VAL A 305 13.11 -16.55 -8.96
CA VAL A 305 14.37 -17.23 -9.19
C VAL A 305 15.45 -16.61 -8.33
N ASN A 306 15.47 -15.28 -8.31
CA ASN A 306 16.49 -14.52 -7.57
C ASN A 306 16.43 -14.81 -6.11
N HIS A 307 15.24 -15.06 -5.58
CA HIS A 307 15.15 -15.32 -4.15
C HIS A 307 15.37 -16.80 -3.79
N GLY A 308 15.93 -17.61 -4.70
CA GLY A 308 16.36 -18.98 -4.41
C GLY A 308 15.24 -19.97 -4.26
N LEU A 309 14.06 -19.66 -4.78
CA LEU A 309 12.87 -20.43 -4.42
C LEU A 309 12.64 -21.63 -5.32
N VAL A 310 13.25 -21.66 -6.50
CA VAL A 310 12.97 -22.77 -7.41
C VAL A 310 13.36 -24.09 -6.77
N PRO A 311 14.54 -24.22 -6.13
CA PRO A 311 14.85 -25.50 -5.44
C PRO A 311 13.81 -25.85 -4.40
N PHE A 312 13.21 -24.83 -3.75
CA PHE A 312 12.22 -25.12 -2.71
C PHE A 312 10.97 -25.71 -3.31
N LEU A 313 10.59 -25.19 -4.49
CA LEU A 313 9.44 -25.67 -5.27
C LEU A 313 9.67 -27.07 -5.83
N VAL A 314 10.87 -27.38 -6.30
CA VAL A 314 11.22 -28.76 -6.64
C VAL A 314 11.05 -29.68 -5.43
N SER A 315 11.60 -29.27 -4.28
CA SER A 315 11.46 -30.14 -3.12
C SER A 315 10.00 -30.38 -2.79
N VAL A 316 9.18 -29.32 -2.80
CA VAL A 316 7.77 -29.49 -2.49
C VAL A 316 7.10 -30.44 -3.48
N LEU A 317 7.42 -30.28 -4.76
CA LEU A 317 6.79 -31.12 -5.78
C LEU A 317 7.18 -32.55 -5.57
N SER A 318 8.38 -32.75 -5.08
CA SER A 318 8.91 -34.08 -4.91
C SER A 318 8.36 -34.76 -3.65
N LYS A 319 8.31 -34.06 -2.52
CA LYS A 319 8.09 -34.73 -1.25
C LYS A 319 6.87 -34.32 -0.48
N ALA A 320 6.15 -33.30 -0.92
CA ALA A 320 5.03 -32.84 -0.12
C ALA A 320 3.81 -33.73 -0.32
N ASP A 321 2.82 -33.56 0.57
CA ASP A 321 1.54 -34.24 0.39
C ASP A 321 0.86 -33.82 -0.91
N PHE A 322 -0.10 -34.65 -1.35
CA PHE A 322 -0.67 -34.52 -2.68
C PHE A 322 -1.38 -33.19 -2.87
N LYS A 323 -2.10 -32.73 -1.84
CA LYS A 323 -2.75 -31.43 -1.93
C LYS A 323 -1.74 -30.33 -2.21
N THR A 324 -0.58 -30.39 -1.54
CA THR A 324 0.45 -29.39 -1.79
C THR A 324 1.13 -29.64 -3.12
N GLN A 325 1.37 -30.90 -3.45
CA GLN A 325 1.92 -31.22 -4.76
C GLN A 325 1.05 -30.64 -5.86
N LYS A 326 -0.29 -30.72 -5.73
CA LYS A 326 -1.15 -30.16 -6.77
C LYS A 326 -0.94 -28.66 -6.97
N GLU A 327 -0.82 -27.90 -5.87
CA GLU A 327 -0.48 -26.49 -5.99
C GLU A 327 0.90 -26.31 -6.63
N ALA A 328 1.85 -27.18 -6.29
CA ALA A 328 3.19 -27.08 -6.90
C ALA A 328 3.12 -27.31 -8.42
N VAL A 329 2.29 -28.27 -8.86
CA VAL A 329 2.05 -28.51 -10.28
C VAL A 329 1.58 -27.22 -10.97
N TRP A 330 0.57 -26.58 -10.40
CA TRP A 330 0.14 -25.30 -10.97
C TRP A 330 1.32 -24.31 -11.01
N ALA A 331 2.06 -24.17 -9.91
CA ALA A 331 3.17 -23.21 -9.85
C ALA A 331 4.14 -23.47 -10.98
N VAL A 332 4.46 -24.75 -11.20
CA VAL A 332 5.40 -25.12 -12.25
C VAL A 332 4.85 -24.79 -13.62
N THR A 333 3.60 -25.18 -13.90
CA THR A 333 3.02 -24.96 -15.21
C THR A 333 2.89 -23.47 -15.51
N ASN A 334 2.46 -22.67 -14.50
CA ASN A 334 2.47 -21.22 -14.66
C ASN A 334 3.86 -20.70 -14.94
N TYR A 335 4.86 -21.17 -14.20
CA TYR A 335 6.23 -20.81 -14.54
C TYR A 335 6.57 -21.15 -15.99
N THR A 336 6.34 -22.38 -16.41
CA THR A 336 6.75 -22.72 -17.77
C THR A 336 5.91 -22.01 -18.81
N SER A 337 4.69 -21.54 -18.44
CA SER A 337 3.84 -20.86 -19.41
C SER A 337 4.32 -19.42 -19.66
N GLY A 338 4.55 -18.65 -18.60
CA GLY A 338 5.03 -17.30 -18.74
C GLY A 338 6.53 -17.07 -18.72
N GLY A 339 7.38 -18.08 -18.49
CA GLY A 339 8.79 -17.80 -18.33
C GLY A 339 9.58 -17.75 -19.62
N THR A 340 10.78 -17.16 -19.55
CA THR A 340 11.71 -17.19 -20.68
C THR A 340 12.28 -18.59 -20.82
N VAL A 341 12.92 -18.79 -21.96
CA VAL A 341 13.67 -20.01 -22.22
C VAL A 341 14.74 -20.21 -21.15
N GLU A 342 15.47 -19.15 -20.76
CA GLU A 342 16.51 -19.27 -19.72
C GLU A 342 15.91 -19.61 -18.36
N GLN A 343 14.75 -19.06 -18.05
CA GLN A 343 14.15 -19.41 -16.77
C GLN A 343 13.77 -20.88 -16.77
N ILE A 344 13.35 -21.39 -17.93
CA ILE A 344 12.88 -22.77 -18.02
C ILE A 344 14.07 -23.72 -18.00
N VAL A 345 15.17 -23.33 -18.65
CA VAL A 345 16.41 -24.11 -18.55
C VAL A 345 16.79 -24.27 -17.08
N TYR A 346 16.82 -23.15 -16.34
CA TYR A 346 17.10 -23.14 -14.91
C TYR A 346 16.15 -24.08 -14.14
N LEU A 347 14.84 -23.99 -14.40
CA LEU A 347 13.89 -24.94 -13.83
C LEU A 347 14.33 -26.38 -14.04
N VAL A 348 14.76 -26.70 -15.28
CA VAL A 348 15.20 -28.07 -15.53
C VAL A 348 16.48 -28.34 -14.75
N HIS A 349 17.39 -27.40 -14.76
CA HIS A 349 18.62 -27.55 -14.00
C HIS A 349 18.35 -27.75 -12.51
N CYS A 350 17.27 -27.19 -12.00
CA CYS A 350 16.95 -27.42 -10.60
C CYS A 350 16.28 -28.77 -10.35
N GLY A 351 16.01 -29.57 -11.38
CA GLY A 351 15.56 -30.93 -11.13
C GLY A 351 14.07 -31.18 -11.25
N ILE A 352 13.37 -30.37 -12.05
CA ILE A 352 11.92 -30.39 -12.01
C ILE A 352 11.35 -31.61 -12.72
N ILE A 353 12.09 -32.21 -13.66
CA ILE A 353 11.54 -33.21 -14.57
C ILE A 353 11.09 -34.46 -13.82
N GLU A 354 11.99 -35.07 -13.06
CA GLU A 354 11.64 -36.33 -12.41
C GLU A 354 10.45 -36.16 -11.47
N PRO A 355 10.44 -35.21 -10.49
CA PRO A 355 9.25 -35.03 -9.62
C PRO A 355 7.97 -34.72 -10.40
N LEU A 356 8.08 -33.95 -11.48
CA LEU A 356 6.92 -33.66 -12.32
C LEU A 356 6.40 -34.93 -12.99
N MET A 357 7.29 -35.77 -13.51
CA MET A 357 6.84 -36.96 -14.23
C MET A 357 6.20 -37.97 -13.29
N ASN A 358 6.75 -38.13 -12.07
CA ASN A 358 6.17 -39.04 -11.07
C ASN A 358 4.71 -38.73 -10.75
N LEU A 359 4.26 -37.49 -10.91
CA LEU A 359 2.87 -37.15 -10.62
C LEU A 359 1.91 -37.56 -11.75
N LEU A 360 2.43 -38.01 -12.87
CA LEU A 360 1.57 -38.51 -13.92
C LEU A 360 0.89 -39.82 -13.58
N THR A 361 1.19 -40.43 -12.42
CA THR A 361 0.36 -41.51 -11.89
C THR A 361 -0.91 -41.04 -11.15
N ALA A 362 -1.13 -39.76 -10.95
CA ALA A 362 -2.31 -39.32 -10.21
C ALA A 362 -3.57 -39.55 -11.03
N LYS A 363 -4.69 -39.74 -10.36
CA LYS A 363 -5.94 -40.02 -11.06
C LYS A 363 -6.70 -38.79 -11.49
N ASP A 364 -6.33 -37.62 -10.98
CA ASP A 364 -7.03 -36.37 -11.27
C ASP A 364 -6.78 -35.97 -12.73
N THR A 365 -7.83 -36.06 -13.54
CA THR A 365 -7.66 -35.65 -14.93
C THR A 365 -7.14 -34.21 -15.05
N LYS A 366 -7.68 -33.28 -14.27
CA LYS A 366 -7.27 -31.89 -14.45
C LYS A 366 -5.77 -31.73 -14.18
N ILE A 367 -5.30 -32.33 -13.08
CA ILE A 367 -3.87 -32.28 -12.76
C ILE A 367 -3.04 -32.91 -13.87
N ILE A 368 -3.52 -34.05 -14.44
CA ILE A 368 -2.78 -34.74 -15.49
C ILE A 368 -2.60 -33.83 -16.70
N LEU A 369 -3.70 -33.20 -17.14
CA LEU A 369 -3.60 -32.31 -18.29
C LEU A 369 -2.71 -31.12 -17.99
N VAL A 370 -2.73 -30.65 -16.73
CA VAL A 370 -1.91 -29.50 -16.37
C VAL A 370 -0.43 -29.88 -16.40
N ILE A 371 -0.11 -31.08 -15.94
CA ILE A 371 1.29 -31.54 -15.98
C ILE A 371 1.75 -31.64 -17.43
N LEU A 372 0.94 -32.26 -18.29
CA LEU A 372 1.30 -32.41 -19.69
C LEU A 372 1.49 -31.06 -20.36
N ASP A 373 0.64 -30.08 -20.04
CA ASP A 373 0.88 -28.71 -20.51
C ASP A 373 2.27 -28.25 -20.06
N ALA A 374 2.62 -28.48 -18.79
CA ALA A 374 3.93 -28.09 -18.33
C ALA A 374 5.02 -28.77 -19.16
N ILE A 375 4.85 -30.06 -19.44
CA ILE A 375 5.84 -30.76 -20.25
C ILE A 375 5.92 -30.14 -21.63
N SER A 376 4.76 -29.83 -22.25
CA SER A 376 4.77 -29.26 -23.60
C SER A 376 5.51 -27.93 -23.60
N ASN A 377 5.32 -27.16 -22.52
CA ASN A 377 5.97 -25.85 -22.43
C ASN A 377 7.47 -26.02 -22.31
N ILE A 378 7.90 -27.04 -21.58
CA ILE A 378 9.33 -27.27 -21.46
C ILE A 378 9.89 -27.66 -22.83
N PHE A 379 9.16 -28.51 -23.54
CA PHE A 379 9.59 -28.97 -24.84
C PHE A 379 9.66 -27.81 -25.82
N GLN A 380 8.75 -26.84 -25.69
CA GLN A 380 8.85 -25.66 -26.55
C GLN A 380 10.13 -24.88 -26.29
N ALA A 381 10.47 -24.64 -25.03
CA ALA A 381 11.79 -24.07 -24.74
C ALA A 381 12.90 -24.93 -25.36
N ALA A 382 12.80 -26.26 -25.26
CA ALA A 382 13.80 -27.14 -25.88
C ALA A 382 13.89 -26.92 -27.40
N GLU A 383 12.74 -26.77 -28.06
CA GLU A 383 12.72 -26.50 -29.49
C GLU A 383 13.47 -25.23 -29.83
N LYS A 384 13.22 -24.15 -29.09
CA LYS A 384 13.95 -22.91 -29.34
C LYS A 384 15.46 -23.10 -29.17
N LEU A 385 15.88 -24.04 -28.32
CA LEU A 385 17.30 -24.29 -28.15
C LEU A 385 17.84 -25.41 -29.05
N GLY A 386 17.00 -26.12 -29.79
CA GLY A 386 17.44 -27.33 -30.50
C GLY A 386 17.87 -28.52 -29.64
N GLU A 387 17.26 -28.69 -28.47
CA GLU A 387 17.66 -29.73 -27.52
C GLU A 387 16.49 -30.64 -27.18
N THR A 388 15.55 -30.80 -28.13
CA THR A 388 14.37 -31.61 -27.84
C THR A 388 14.76 -33.07 -27.61
N GLU A 389 15.75 -33.57 -28.35
CA GLU A 389 16.19 -34.95 -28.12
C GLU A 389 16.78 -35.11 -26.73
N LYS A 390 17.68 -34.20 -26.31
CA LYS A 390 18.23 -34.29 -24.96
C LYS A 390 17.11 -34.30 -23.91
N LEU A 391 16.07 -33.48 -24.11
CA LEU A 391 14.97 -33.49 -23.15
C LEU A 391 14.25 -34.83 -23.17
N SER A 392 14.01 -35.39 -24.37
CA SER A 392 13.33 -36.67 -24.47
C SER A 392 14.09 -37.73 -23.71
N ILE A 393 15.41 -37.79 -23.94
CA ILE A 393 16.24 -38.73 -23.20
C ILE A 393 16.05 -38.55 -21.70
N MET A 394 16.06 -37.31 -21.21
CA MET A 394 15.88 -37.09 -19.78
C MET A 394 14.54 -37.61 -19.29
N ILE A 395 13.48 -37.37 -20.07
CA ILE A 395 12.17 -37.85 -19.68
C ILE A 395 12.13 -39.37 -19.73
N GLU A 396 12.73 -39.96 -20.75
CA GLU A 396 12.74 -41.42 -20.85
C GLU A 396 13.55 -42.04 -19.70
N GLU A 397 14.68 -41.42 -19.33
CA GLU A 397 15.59 -41.99 -18.34
C GLU A 397 14.93 -42.14 -16.95
N CYS A 398 14.20 -41.11 -16.51
CA CYS A 398 13.59 -41.17 -15.19
C CYS A 398 12.28 -41.93 -15.17
N GLY A 399 12.01 -42.76 -16.18
CA GLY A 399 10.73 -43.44 -16.31
C GLY A 399 9.58 -42.55 -16.71
N GLY A 400 9.84 -41.31 -17.11
CA GLY A 400 8.75 -40.43 -17.50
C GLY A 400 7.99 -40.92 -18.71
N LEU A 401 8.73 -41.45 -19.71
CA LEU A 401 8.10 -41.91 -20.93
C LEU A 401 7.13 -43.05 -20.64
N ASP A 402 7.53 -44.00 -19.80
CA ASP A 402 6.61 -45.04 -19.38
C ASP A 402 5.35 -44.44 -18.76
N LYS A 403 5.50 -43.38 -17.99
CA LYS A 403 4.34 -42.78 -17.36
C LYS A 403 3.45 -42.11 -18.39
N ILE A 404 4.07 -41.51 -19.42
CA ILE A 404 3.29 -40.90 -20.49
C ILE A 404 2.55 -41.97 -21.26
N GLU A 405 3.22 -43.09 -21.57
CA GLU A 405 2.61 -44.17 -22.33
C GLU A 405 1.46 -44.81 -21.54
N ALA A 406 1.61 -44.92 -20.21
CA ALA A 406 0.50 -45.42 -19.39
C ALA A 406 -0.75 -44.58 -19.57
N LEU A 407 -0.60 -43.32 -19.98
CA LEU A 407 -1.75 -42.44 -20.14
C LEU A 407 -2.50 -42.71 -21.43
N GLN A 408 -1.98 -43.61 -22.27
CA GLN A 408 -2.58 -43.94 -23.56
C GLN A 408 -3.74 -44.92 -23.35
N ASN A 409 -4.78 -44.42 -22.71
CA ASN A 409 -5.97 -45.20 -22.38
C ASN A 409 -7.19 -44.47 -22.93
N HIS A 410 -7.92 -45.14 -23.82
CA HIS A 410 -9.07 -44.50 -24.47
C HIS A 410 -10.23 -44.26 -23.52
N GLU A 411 -10.22 -44.85 -22.31
CA GLU A 411 -11.26 -44.57 -21.33
C GLU A 411 -11.30 -43.10 -20.94
N ASN A 412 -10.20 -42.39 -21.14
CA ASN A 412 -10.13 -40.95 -20.89
C ASN A 412 -9.57 -40.30 -22.14
N GLU A 413 -10.46 -39.77 -22.99
CA GLU A 413 -10.05 -39.27 -24.31
C GLU A 413 -9.21 -38.02 -24.20
N SER A 414 -9.52 -37.14 -23.24
CA SER A 414 -8.71 -35.93 -23.06
C SER A 414 -7.27 -36.29 -22.74
N VAL A 415 -7.07 -37.23 -21.81
CA VAL A 415 -5.71 -37.57 -21.40
C VAL A 415 -5.02 -38.30 -22.53
N TYR A 416 -5.76 -39.19 -23.22
CA TYR A 416 -5.20 -39.91 -24.37
C TYR A 416 -4.71 -38.95 -25.43
N LYS A 417 -5.57 -38.01 -25.84
CA LYS A 417 -5.19 -37.02 -26.88
C LYS A 417 -3.98 -36.19 -26.45
N ALA A 418 -3.96 -35.71 -25.20
CA ALA A 418 -2.82 -34.92 -24.75
C ALA A 418 -1.55 -35.76 -24.77
N SER A 419 -1.64 -36.99 -24.25
CA SER A 419 -0.45 -37.82 -24.12
C SER A 419 0.01 -38.30 -25.49
N LEU A 420 -0.95 -38.50 -26.40
CA LEU A 420 -0.62 -38.90 -27.77
C LEU A 420 0.12 -37.79 -28.50
N SER A 421 -0.31 -36.54 -28.33
CA SER A 421 0.37 -35.43 -28.97
C SER A 421 1.84 -35.38 -28.57
N LEU A 422 2.12 -35.47 -27.26
CA LEU A 422 3.52 -35.44 -26.81
C LEU A 422 4.30 -36.63 -27.37
N ILE A 423 3.70 -37.82 -27.35
CA ILE A 423 4.41 -39.01 -27.83
C ILE A 423 4.75 -38.87 -29.31
N GLU A 424 3.76 -38.45 -30.12
CA GLU A 424 3.97 -38.32 -31.55
C GLU A 424 5.00 -37.25 -31.87
N LYS A 425 4.98 -36.14 -31.12
CA LYS A 425 5.84 -35.01 -31.45
C LYS A 425 7.28 -35.24 -31.01
N TYR A 426 7.49 -35.83 -29.84
CA TYR A 426 8.85 -35.94 -29.31
C TYR A 426 9.31 -37.36 -29.01
N PHE A 427 8.47 -38.38 -29.15
CA PHE A 427 8.84 -39.73 -28.79
C PHE A 427 8.49 -40.72 -29.90
N SER A 428 8.47 -40.22 -31.14
CA SER A 428 8.22 -41.09 -32.28
C SER A 428 9.45 -41.93 -32.59
N TRP B 7 -4.28 -17.44 -26.00
CA TRP B 7 -5.09 -16.83 -27.05
C TRP B 7 -5.80 -15.54 -26.59
N SER B 8 -6.40 -14.83 -27.54
CA SER B 8 -7.12 -13.60 -27.24
C SER B 8 -8.62 -13.89 -27.29
N VAL B 9 -9.39 -12.95 -26.71
CA VAL B 9 -10.84 -13.07 -26.77
C VAL B 9 -11.33 -13.14 -28.21
N ASP B 10 -10.58 -12.59 -29.17
CA ASP B 10 -11.00 -12.66 -30.56
C ASP B 10 -10.69 -14.03 -31.15
N ASP B 11 -9.50 -14.56 -30.88
CA ASP B 11 -9.13 -15.85 -31.45
C ASP B 11 -10.04 -16.94 -30.93
N ILE B 12 -10.42 -16.85 -29.66
CA ILE B 12 -11.27 -17.88 -29.08
C ILE B 12 -12.68 -17.77 -29.64
N VAL B 13 -13.21 -16.55 -29.76
CA VAL B 13 -14.54 -16.34 -30.34
C VAL B 13 -14.60 -16.87 -31.76
N LYS B 14 -13.54 -16.68 -32.54
CA LYS B 14 -13.53 -17.19 -33.92
C LYS B 14 -13.54 -18.71 -33.92
N GLY B 15 -12.76 -19.32 -33.03
CA GLY B 15 -12.72 -20.76 -32.93
C GLY B 15 -14.03 -21.35 -32.48
N ILE B 16 -14.72 -20.66 -31.56
CA ILE B 16 -15.99 -21.15 -31.05
C ILE B 16 -17.13 -20.97 -32.07
N ASN B 17 -17.06 -19.94 -32.91
CA ASN B 17 -18.04 -19.75 -33.98
C ASN B 17 -17.68 -20.50 -35.26
N SER B 18 -16.82 -21.51 -35.16
CA SER B 18 -16.44 -22.31 -36.32
C SER B 18 -17.25 -23.60 -36.34
N SER B 19 -17.52 -24.08 -37.54
CA SER B 19 -18.23 -25.33 -37.74
C SER B 19 -17.38 -26.54 -37.39
N ASN B 20 -16.05 -26.39 -37.48
CA ASN B 20 -15.09 -27.47 -37.25
C ASN B 20 -15.08 -27.76 -35.76
N VAL B 21 -15.81 -28.81 -35.36
CA VAL B 21 -15.93 -29.14 -33.94
C VAL B 21 -14.56 -29.26 -33.29
N GLU B 22 -13.57 -29.81 -34.01
CA GLU B 22 -12.21 -29.91 -33.48
C GLU B 22 -11.63 -28.52 -33.22
N ASN B 23 -11.91 -27.57 -34.11
CA ASN B 23 -11.46 -26.19 -33.89
C ASN B 23 -12.18 -25.55 -32.72
N GLN B 24 -13.45 -25.93 -32.51
CA GLN B 24 -14.18 -25.48 -31.34
C GLN B 24 -13.52 -26.02 -30.08
N LEU B 25 -13.13 -27.29 -30.10
CA LEU B 25 -12.45 -27.91 -28.97
C LEU B 25 -11.17 -27.14 -28.65
N GLN B 26 -10.37 -26.85 -29.68
CA GLN B 26 -9.13 -26.12 -29.41
C GLN B 26 -9.41 -24.77 -28.79
N ALA B 27 -10.48 -24.11 -29.23
CA ALA B 27 -10.78 -22.78 -28.71
C ALA B 27 -11.19 -22.86 -27.25
N THR B 28 -11.96 -23.90 -26.91
CA THR B 28 -12.39 -24.10 -25.53
C THR B 28 -11.21 -24.46 -24.62
N GLN B 29 -10.28 -25.28 -25.11
CA GLN B 29 -9.06 -25.56 -24.38
C GLN B 29 -8.25 -24.28 -24.11
N ALA B 30 -8.03 -23.47 -25.15
CA ALA B 30 -7.46 -22.15 -24.92
C ALA B 30 -8.28 -21.37 -23.90
N ALA B 31 -9.61 -21.43 -24.03
CA ALA B 31 -10.47 -20.83 -23.02
C ALA B 31 -10.14 -21.37 -21.64
N ARG B 32 -10.02 -22.69 -21.50
CA ARG B 32 -9.59 -23.29 -20.23
C ARG B 32 -8.27 -22.69 -19.71
N LYS B 33 -7.26 -22.55 -20.58
CA LYS B 33 -5.94 -22.09 -20.14
C LYS B 33 -5.97 -20.62 -19.71
N LEU B 34 -6.73 -19.78 -20.41
CA LEU B 34 -6.90 -18.40 -19.97
C LEU B 34 -7.74 -18.30 -18.72
N LEU B 35 -8.78 -19.12 -18.59
CA LEU B 35 -9.65 -19.06 -17.43
C LEU B 35 -9.12 -19.80 -16.20
N SER B 36 -8.20 -20.75 -16.35
CA SER B 36 -7.77 -21.58 -15.22
C SER B 36 -6.72 -20.86 -14.38
N ARG B 37 -6.02 -19.91 -14.95
CA ARG B 37 -5.13 -19.06 -14.15
C ARG B 37 -5.98 -18.27 -13.14
N GLU B 38 -5.58 -18.34 -11.87
CA GLU B 38 -6.21 -17.54 -10.82
C GLU B 38 -5.63 -16.11 -10.76
N LYS B 39 -4.82 -15.74 -11.74
CA LYS B 39 -4.22 -14.41 -11.88
C LYS B 39 -4.83 -13.79 -13.14
N GLN B 40 -5.80 -12.91 -12.95
CA GLN B 40 -6.37 -12.13 -14.04
C GLN B 40 -7.03 -13.00 -15.11
N PRO B 41 -7.96 -13.89 -14.74
CA PRO B 41 -8.74 -14.61 -15.76
C PRO B 41 -9.69 -13.66 -16.47
N PRO B 42 -9.67 -13.60 -17.80
CA PRO B 42 -10.50 -12.58 -18.51
C PRO B 42 -11.97 -12.96 -18.52
N ILE B 43 -12.60 -12.98 -17.34
CA ILE B 43 -13.97 -13.48 -17.25
C ILE B 43 -14.96 -12.47 -17.81
N ASP B 44 -14.76 -11.20 -17.49
CA ASP B 44 -15.74 -10.19 -17.86
C ASP B 44 -15.89 -10.09 -19.38
N ASN B 45 -14.77 -10.08 -20.12
CA ASN B 45 -14.88 -9.97 -21.57
C ASN B 45 -15.43 -11.26 -22.18
N ILE B 46 -15.09 -12.41 -21.60
CA ILE B 46 -15.60 -13.69 -22.08
C ILE B 46 -17.12 -13.76 -21.93
N ILE B 47 -17.64 -13.26 -20.79
CA ILE B 47 -19.08 -13.14 -20.61
C ILE B 47 -19.69 -12.16 -21.61
N ARG B 48 -19.08 -10.98 -21.74
N ARG B 48 -19.08 -10.97 -21.73
CA ARG B 48 -19.58 -9.99 -22.70
CA ARG B 48 -19.54 -9.98 -22.69
C ARG B 48 -19.51 -10.49 -24.13
C ARG B 48 -19.50 -10.49 -24.12
N ALA B 49 -18.71 -11.52 -24.39
CA ALA B 49 -18.66 -12.13 -25.72
C ALA B 49 -19.78 -13.14 -25.96
N GLY B 50 -20.54 -13.51 -24.93
CA GLY B 50 -21.60 -14.49 -25.10
C GLY B 50 -21.13 -15.92 -25.15
N LEU B 51 -20.02 -16.24 -24.50
CA LEU B 51 -19.49 -17.58 -24.59
C LEU B 51 -20.10 -18.53 -23.56
N ILE B 52 -20.70 -17.97 -22.50
CA ILE B 52 -21.32 -18.81 -21.47
C ILE B 52 -22.34 -19.75 -22.12
N PRO B 53 -23.37 -19.24 -22.81
CA PRO B 53 -24.29 -20.15 -23.51
C PRO B 53 -23.59 -21.10 -24.47
N LYS B 54 -22.47 -20.70 -25.07
CA LYS B 54 -21.75 -21.61 -25.96
C LYS B 54 -21.13 -22.75 -25.16
N PHE B 55 -20.48 -22.44 -24.04
CA PHE B 55 -19.95 -23.51 -23.20
C PHE B 55 -21.07 -24.42 -22.69
N VAL B 56 -22.17 -23.83 -22.22
CA VAL B 56 -23.28 -24.64 -21.73
C VAL B 56 -23.77 -25.60 -22.81
N SER B 57 -23.88 -25.12 -24.05
CA SER B 57 -24.29 -25.99 -25.13
C SER B 57 -23.26 -27.10 -25.34
N PHE B 58 -21.97 -26.78 -25.21
CA PHE B 58 -20.95 -27.81 -25.46
C PHE B 58 -21.04 -28.92 -24.44
N LEU B 59 -21.58 -28.60 -23.25
CA LEU B 59 -21.69 -29.59 -22.19
C LEU B 59 -22.53 -30.76 -22.64
N GLY B 60 -23.47 -30.53 -23.55
CA GLY B 60 -24.34 -31.56 -24.08
C GLY B 60 -23.78 -32.38 -25.23
N ARG B 61 -22.56 -32.10 -25.69
CA ARG B 61 -21.99 -32.81 -26.84
C ARG B 61 -21.46 -34.16 -26.38
N THR B 62 -22.38 -35.12 -26.22
CA THR B 62 -21.99 -36.42 -25.70
C THR B 62 -20.98 -37.14 -26.60
N ASP B 63 -21.00 -36.86 -27.91
CA ASP B 63 -20.08 -37.50 -28.82
C ASP B 63 -18.65 -37.00 -28.68
N CYS B 64 -18.41 -35.89 -27.94
CA CYS B 64 -17.08 -35.27 -27.79
C CYS B 64 -16.85 -35.01 -26.30
N SER B 65 -16.41 -36.05 -25.60
CA SER B 65 -16.17 -35.90 -24.17
C SER B 65 -15.16 -34.80 -23.86
N PRO B 66 -14.09 -34.62 -24.64
CA PRO B 66 -13.12 -33.57 -24.28
C PRO B 66 -13.72 -32.17 -24.25
N ILE B 67 -14.59 -31.84 -25.20
CA ILE B 67 -15.21 -30.52 -25.16
C ILE B 67 -16.13 -30.38 -23.95
N GLN B 68 -16.83 -31.45 -23.56
CA GLN B 68 -17.61 -31.39 -22.32
C GLN B 68 -16.72 -31.12 -21.13
N PHE B 69 -15.62 -31.89 -21.01
CA PHE B 69 -14.70 -31.71 -19.90
C PHE B 69 -14.11 -30.29 -19.89
N GLU B 70 -13.62 -29.83 -21.06
CA GLU B 70 -13.05 -28.49 -21.17
C GLU B 70 -14.09 -27.41 -20.93
N SER B 71 -15.29 -27.58 -21.47
CA SER B 71 -16.31 -26.57 -21.23
C SER B 71 -16.68 -26.49 -19.78
N ALA B 72 -16.83 -27.64 -19.12
CA ALA B 72 -17.15 -27.70 -17.70
C ALA B 72 -16.07 -27.03 -16.87
N TRP B 73 -14.82 -27.22 -17.25
CA TRP B 73 -13.73 -26.55 -16.55
C TRP B 73 -13.83 -25.03 -16.74
N ALA B 74 -14.09 -24.58 -17.98
CA ALA B 74 -14.21 -23.14 -18.23
C ALA B 74 -15.35 -22.51 -17.43
N LEU B 75 -16.50 -23.20 -17.36
CA LEU B 75 -17.65 -22.63 -16.69
C LEU B 75 -17.41 -22.54 -15.20
N THR B 76 -16.79 -23.59 -14.63
CA THR B 76 -16.43 -23.56 -13.22
C THR B 76 -15.48 -22.41 -12.92
N ASN B 77 -14.45 -22.21 -13.76
CA ASN B 77 -13.52 -21.09 -13.54
C ASN B 77 -14.27 -19.76 -13.58
N ILE B 78 -15.14 -19.59 -14.56
CA ILE B 78 -15.97 -18.38 -14.57
C ILE B 78 -16.80 -18.28 -13.30
N ALA B 79 -17.41 -19.39 -12.88
CA ALA B 79 -18.31 -19.33 -11.74
C ALA B 79 -17.56 -19.12 -10.45
N SER B 80 -16.23 -19.33 -10.43
CA SER B 80 -15.38 -19.11 -9.25
C SER B 80 -14.94 -17.65 -9.10
N GLY B 81 -15.47 -16.76 -9.92
CA GLY B 81 -15.10 -15.37 -9.82
C GLY B 81 -16.08 -14.59 -8.96
N THR B 82 -16.56 -13.45 -9.44
CA THR B 82 -17.46 -12.65 -8.60
C THR B 82 -18.84 -13.30 -8.56
N SER B 83 -19.67 -12.82 -7.64
CA SER B 83 -21.02 -13.36 -7.52
C SER B 83 -21.83 -13.14 -8.80
N GLU B 84 -21.65 -11.97 -9.43
CA GLU B 84 -22.34 -11.72 -10.69
C GLU B 84 -21.91 -12.71 -11.77
N GLN B 85 -20.64 -13.11 -11.76
CA GLN B 85 -20.19 -14.11 -12.75
C GLN B 85 -20.79 -15.47 -12.46
N THR B 86 -20.90 -15.84 -11.17
CA THR B 86 -21.59 -17.08 -10.81
C THR B 86 -23.03 -17.01 -11.28
N LYS B 87 -23.68 -15.85 -11.10
CA LYS B 87 -25.07 -15.71 -11.53
C LYS B 87 -25.17 -15.86 -13.04
N ALA B 88 -24.19 -15.33 -13.76
CA ALA B 88 -24.19 -15.46 -15.21
C ALA B 88 -24.12 -16.92 -15.65
N VAL B 89 -23.34 -17.74 -14.95
CA VAL B 89 -23.24 -19.16 -15.27
C VAL B 89 -24.55 -19.88 -14.94
N VAL B 90 -25.14 -19.55 -13.79
CA VAL B 90 -26.39 -20.20 -13.39
C VAL B 90 -27.54 -19.77 -14.30
N ASP B 91 -27.64 -18.47 -14.57
CA ASP B 91 -28.67 -17.99 -15.50
C ASP B 91 -28.45 -18.56 -16.90
N GLY B 92 -27.21 -18.92 -17.25
CA GLY B 92 -26.89 -19.61 -18.48
C GLY B 92 -27.40 -21.03 -18.57
N GLY B 93 -27.98 -21.56 -17.50
CA GLY B 93 -28.48 -22.91 -17.58
C GLY B 93 -27.45 -23.96 -17.24
N ALA B 94 -26.36 -23.56 -16.58
CA ALA B 94 -25.26 -24.50 -16.41
C ALA B 94 -25.62 -25.65 -15.47
N ILE B 95 -26.48 -25.41 -14.48
CA ILE B 95 -26.73 -26.44 -13.48
C ILE B 95 -27.41 -27.65 -14.08
N PRO B 96 -28.55 -27.52 -14.81
CA PRO B 96 -29.12 -28.71 -15.48
C PRO B 96 -28.15 -29.39 -16.41
N ALA B 97 -27.32 -28.61 -17.12
CA ALA B 97 -26.40 -29.24 -18.05
C ALA B 97 -25.38 -30.06 -17.27
N PHE B 98 -24.91 -29.53 -16.13
CA PHE B 98 -23.99 -30.27 -15.27
C PHE B 98 -24.65 -31.52 -14.75
N ILE B 99 -25.93 -31.41 -14.33
CA ILE B 99 -26.70 -32.57 -13.89
C ILE B 99 -26.74 -33.64 -14.98
N SER B 100 -26.97 -33.24 -16.23
CA SER B 100 -27.01 -34.22 -17.30
C SER B 100 -25.68 -34.94 -17.44
N LEU B 101 -24.56 -34.28 -17.09
CA LEU B 101 -23.22 -34.87 -17.17
C LEU B 101 -22.96 -35.84 -16.03
N LEU B 102 -23.78 -35.80 -14.98
CA LEU B 102 -23.57 -36.68 -13.85
C LEU B 102 -23.71 -38.13 -14.24
N ALA B 103 -24.61 -38.44 -15.20
CA ALA B 103 -24.85 -39.82 -15.63
C ALA B 103 -23.88 -40.28 -16.70
N SER B 104 -22.86 -39.49 -17.05
CA SER B 104 -21.95 -39.91 -18.12
C SER B 104 -21.35 -41.28 -17.79
N PRO B 105 -21.17 -42.17 -18.77
CA PRO B 105 -20.44 -43.42 -18.50
C PRO B 105 -18.95 -43.19 -18.25
N HIS B 106 -18.44 -41.98 -18.48
CA HIS B 106 -17.02 -41.66 -18.30
C HIS B 106 -16.83 -41.07 -16.92
N ALA B 107 -16.10 -41.80 -16.06
CA ALA B 107 -15.95 -41.40 -14.67
C ALA B 107 -15.46 -39.96 -14.56
N HIS B 108 -14.43 -39.58 -15.32
CA HIS B 108 -13.88 -38.24 -15.20
C HIS B 108 -14.86 -37.16 -15.66
N ILE B 109 -15.80 -37.52 -16.52
CA ILE B 109 -16.82 -36.57 -16.93
C ILE B 109 -17.81 -36.34 -15.81
N SER B 110 -18.43 -37.42 -15.30
CA SER B 110 -19.29 -37.26 -14.12
C SER B 110 -18.56 -36.55 -12.98
N GLU B 111 -17.28 -36.89 -12.74
CA GLU B 111 -16.48 -36.24 -11.68
C GLU B 111 -16.30 -34.74 -11.92
N GLN B 112 -15.98 -34.35 -13.16
CA GLN B 112 -15.99 -32.93 -13.47
C GLN B 112 -17.34 -32.30 -13.14
N ALA B 113 -18.46 -33.00 -13.43
CA ALA B 113 -19.76 -32.40 -13.15
C ALA B 113 -19.98 -32.30 -11.65
N VAL B 114 -19.58 -33.34 -10.92
CA VAL B 114 -19.63 -33.24 -9.46
C VAL B 114 -18.82 -32.05 -8.99
N TRP B 115 -17.57 -31.95 -9.42
CA TRP B 115 -16.71 -30.84 -9.03
C TRP B 115 -17.38 -29.50 -9.35
N ALA B 116 -17.92 -29.36 -10.57
CA ALA B 116 -18.53 -28.09 -10.96
C ALA B 116 -19.73 -27.76 -10.05
N LEU B 117 -20.57 -28.75 -9.77
CA LEU B 117 -21.73 -28.51 -8.92
C LEU B 117 -21.35 -28.20 -7.47
N GLY B 118 -20.32 -28.86 -6.94
CA GLY B 118 -19.84 -28.55 -5.61
C GLY B 118 -19.26 -27.14 -5.49
N ASN B 119 -18.61 -26.67 -6.56
CA ASN B 119 -18.03 -25.33 -6.56
C ASN B 119 -19.12 -24.27 -6.57
N ILE B 120 -20.16 -24.51 -7.37
CA ILE B 120 -21.31 -23.61 -7.38
C ILE B 120 -21.93 -23.58 -5.99
N ALA B 121 -22.14 -24.78 -5.40
CA ALA B 121 -22.85 -24.85 -4.12
C ALA B 121 -22.04 -24.19 -3.00
N GLY B 122 -20.72 -24.37 -3.02
CA GLY B 122 -19.85 -23.78 -2.02
C GLY B 122 -19.70 -22.27 -2.15
N ASP B 123 -20.20 -21.68 -3.25
CA ASP B 123 -20.10 -20.23 -3.41
C ASP B 123 -20.95 -19.52 -2.38
N GLY B 124 -22.02 -20.15 -1.91
CA GLY B 124 -22.79 -19.57 -0.83
C GLY B 124 -24.16 -20.19 -0.80
N SER B 125 -24.94 -19.74 0.18
CA SER B 125 -26.24 -20.35 0.44
C SER B 125 -27.23 -20.18 -0.72
N VAL B 126 -27.28 -18.99 -1.34
CA VAL B 126 -28.18 -18.79 -2.49
C VAL B 126 -27.82 -19.72 -3.65
N PHE B 127 -26.51 -19.88 -3.96
CA PHE B 127 -26.14 -20.79 -5.05
C PHE B 127 -26.29 -22.25 -4.64
N ARG B 128 -26.04 -22.56 -3.38
CA ARG B 128 -26.33 -23.90 -2.87
C ARG B 128 -27.82 -24.24 -3.06
N ASP B 129 -28.73 -23.32 -2.69
CA ASP B 129 -30.17 -23.59 -2.80
C ASP B 129 -30.62 -23.69 -4.25
N LEU B 130 -29.98 -22.95 -5.15
CA LEU B 130 -30.25 -23.11 -6.58
C LEU B 130 -29.86 -24.51 -7.05
N VAL B 131 -28.70 -25.00 -6.61
CA VAL B 131 -28.25 -26.33 -6.97
C VAL B 131 -29.23 -27.37 -6.47
N ILE B 132 -29.70 -27.19 -5.24
CA ILE B 132 -30.75 -28.04 -4.70
C ILE B 132 -32.05 -27.83 -5.47
N LYS B 133 -32.40 -26.56 -5.76
CA LYS B 133 -33.68 -26.30 -6.41
C LYS B 133 -33.78 -26.98 -7.76
N TYR B 134 -32.69 -26.97 -8.54
CA TYR B 134 -32.71 -27.57 -9.87
C TYR B 134 -32.49 -29.08 -9.86
N GLY B 135 -32.53 -29.70 -8.69
CA GLY B 135 -32.60 -31.14 -8.61
C GLY B 135 -31.25 -31.83 -8.59
N ALA B 136 -30.19 -31.20 -8.07
CA ALA B 136 -28.90 -31.87 -8.10
C ALA B 136 -28.76 -33.01 -7.09
N VAL B 137 -29.49 -32.94 -5.98
CA VAL B 137 -29.22 -33.88 -4.89
C VAL B 137 -29.45 -35.32 -5.31
N ASP B 138 -30.59 -35.58 -5.98
CA ASP B 138 -30.95 -36.94 -6.37
C ASP B 138 -29.88 -37.61 -7.22
N PRO B 139 -29.46 -37.03 -8.37
CA PRO B 139 -28.41 -37.69 -9.16
C PRO B 139 -27.07 -37.74 -8.43
N LEU B 140 -26.75 -36.74 -7.59
CA LEU B 140 -25.48 -36.81 -6.86
C LEU B 140 -25.49 -38.00 -5.89
N LEU B 141 -26.55 -38.16 -5.12
CA LEU B 141 -26.66 -39.28 -4.20
C LEU B 141 -26.74 -40.62 -4.95
N ALA B 142 -27.37 -40.65 -6.12
CA ALA B 142 -27.45 -41.91 -6.85
C ALA B 142 -26.06 -42.45 -7.17
N LEU B 143 -25.07 -41.57 -7.28
CA LEU B 143 -23.72 -42.06 -7.57
C LEU B 143 -23.14 -42.87 -6.44
N LEU B 144 -23.70 -42.78 -5.23
CA LEU B 144 -23.17 -43.52 -4.12
C LEU B 144 -24.10 -44.63 -3.67
N ALA B 145 -25.12 -44.91 -4.48
CA ALA B 145 -26.10 -45.95 -4.19
C ALA B 145 -25.55 -47.37 -4.38
N VAL B 146 -24.26 -47.53 -4.60
CA VAL B 146 -23.65 -48.83 -4.86
C VAL B 146 -23.54 -49.65 -3.58
N PRO B 147 -23.48 -50.98 -3.66
CA PRO B 147 -23.42 -51.78 -2.42
C PRO B 147 -22.14 -51.58 -1.63
N ASP B 148 -21.00 -51.53 -2.31
CA ASP B 148 -19.71 -51.38 -1.65
C ASP B 148 -19.09 -50.08 -2.14
N MET B 149 -18.84 -49.15 -1.20
CA MET B 149 -18.27 -47.88 -1.55
C MET B 149 -16.79 -47.94 -1.91
N SER B 150 -16.10 -49.06 -1.62
CA SER B 150 -14.70 -49.25 -2.02
C SER B 150 -14.52 -49.46 -3.52
N SER B 151 -15.61 -49.75 -4.22
CA SER B 151 -15.50 -49.90 -5.65
C SER B 151 -15.19 -48.56 -6.32
N LEU B 152 -15.67 -47.46 -5.75
CA LEU B 152 -15.42 -46.14 -6.31
C LEU B 152 -13.99 -45.73 -5.99
N ALA B 153 -13.33 -45.08 -6.96
CA ALA B 153 -11.97 -44.58 -6.74
C ALA B 153 -11.93 -43.57 -5.59
N CYS B 154 -10.73 -43.39 -5.05
CA CYS B 154 -10.56 -42.47 -3.93
C CYS B 154 -10.90 -41.05 -4.35
N GLY B 155 -10.23 -40.55 -5.38
CA GLY B 155 -10.42 -39.15 -5.74
C GLY B 155 -11.86 -38.85 -6.07
N TYR B 156 -12.50 -39.75 -6.82
CA TYR B 156 -13.91 -39.62 -7.17
C TYR B 156 -14.78 -39.50 -5.94
N LEU B 157 -14.51 -40.33 -4.93
CA LEU B 157 -15.30 -40.28 -3.70
C LEU B 157 -15.06 -39.00 -2.93
N ARG B 158 -13.81 -38.58 -2.81
CA ARG B 158 -13.51 -37.33 -2.14
C ARG B 158 -14.24 -36.17 -2.80
N ASN B 159 -14.23 -36.11 -4.12
CA ASN B 159 -14.93 -35.03 -4.82
C ASN B 159 -16.41 -35.03 -4.46
N LEU B 160 -17.03 -36.20 -4.52
CA LEU B 160 -18.45 -36.30 -4.20
C LEU B 160 -18.70 -35.92 -2.75
N THR B 161 -17.87 -36.43 -1.83
CA THR B 161 -18.04 -36.09 -0.42
C THR B 161 -17.91 -34.61 -0.20
N TRP B 162 -16.93 -33.96 -0.83
CA TRP B 162 -16.80 -32.51 -0.69
C TRP B 162 -18.00 -31.78 -1.26
N THR B 163 -18.54 -32.26 -2.37
CA THR B 163 -19.70 -31.59 -2.93
C THR B 163 -20.90 -31.69 -1.99
N LEU B 164 -21.10 -32.86 -1.40
CA LEU B 164 -22.21 -33.02 -0.49
C LEU B 164 -21.99 -32.17 0.75
N SER B 165 -20.78 -32.20 1.25
CA SER B 165 -20.46 -31.33 2.36
C SER B 165 -20.92 -29.90 2.05
N ASN B 166 -20.65 -29.44 0.81
CA ASN B 166 -20.97 -28.06 0.43
C ASN B 166 -22.48 -27.83 0.42
N LEU B 167 -23.25 -28.86 0.04
CA LEU B 167 -24.71 -28.81 0.11
C LEU B 167 -25.22 -28.77 1.55
N CYS B 168 -24.42 -29.18 2.52
CA CYS B 168 -24.80 -29.10 3.94
C CYS B 168 -24.35 -27.79 4.58
N ARG B 169 -23.48 -27.07 3.91
CA ARG B 169 -22.78 -25.97 4.54
C ARG B 169 -23.57 -24.69 4.40
N ASN B 170 -23.22 -23.74 5.27
CA ASN B 170 -23.59 -22.34 5.14
C ASN B 170 -24.99 -22.11 5.65
N LYS B 171 -25.27 -20.87 6.04
CA LYS B 171 -26.53 -20.53 6.69
C LYS B 171 -27.15 -19.31 6.00
N ASN B 172 -28.25 -18.83 6.55
CA ASN B 172 -28.89 -17.63 6.01
C ASN B 172 -29.24 -17.71 4.53
N PRO B 173 -30.11 -18.67 4.15
CA PRO B 173 -30.75 -19.68 5.01
C PRO B 173 -29.93 -20.95 5.24
N ALA B 174 -30.31 -21.79 6.20
CA ALA B 174 -29.78 -23.14 6.35
C ALA B 174 -30.21 -24.00 5.18
N PRO B 175 -29.57 -25.14 4.97
CA PRO B 175 -29.95 -26.01 3.84
C PRO B 175 -31.42 -26.36 3.95
N PRO B 176 -32.12 -26.52 2.85
CA PRO B 176 -33.55 -26.91 2.92
C PRO B 176 -33.73 -28.23 3.68
N ILE B 177 -34.80 -28.28 4.47
CA ILE B 177 -35.11 -29.45 5.29
C ILE B 177 -35.13 -30.71 4.45
N ASP B 178 -35.85 -30.67 3.31
CA ASP B 178 -36.00 -31.85 2.48
C ASP B 178 -34.65 -32.37 1.97
N ALA B 179 -33.77 -31.48 1.53
CA ALA B 179 -32.46 -31.89 1.04
C ALA B 179 -31.63 -32.56 2.14
N VAL B 180 -31.66 -32.00 3.35
CA VAL B 180 -30.95 -32.59 4.49
C VAL B 180 -31.46 -33.99 4.77
N GLU B 181 -32.77 -34.19 4.70
CA GLU B 181 -33.31 -35.52 4.94
C GLU B 181 -32.83 -36.52 3.88
N GLN B 182 -32.73 -36.09 2.63
CA GLN B 182 -32.26 -36.98 1.58
C GLN B 182 -30.78 -37.28 1.69
N ILE B 183 -29.98 -36.28 2.12
CA ILE B 183 -28.53 -36.41 2.13
C ILE B 183 -28.04 -37.20 3.34
N LEU B 184 -28.74 -37.09 4.48
CA LEU B 184 -28.18 -37.59 5.73
C LEU B 184 -27.79 -39.06 5.65
N PRO B 185 -28.64 -39.97 5.18
CA PRO B 185 -28.25 -41.39 5.16
C PRO B 185 -26.95 -41.64 4.41
N THR B 186 -26.70 -40.93 3.31
CA THR B 186 -25.45 -41.20 2.62
C THR B 186 -24.26 -40.77 3.46
N LEU B 187 -24.37 -39.62 4.17
CA LEU B 187 -23.30 -39.11 5.04
C LEU B 187 -22.95 -40.12 6.12
N VAL B 188 -23.95 -40.70 6.80
CA VAL B 188 -23.65 -41.66 7.87
C VAL B 188 -22.90 -42.85 7.32
N ARG B 189 -23.25 -43.27 6.11
CA ARG B 189 -22.52 -44.37 5.52
C ARG B 189 -21.08 -43.97 5.27
N LEU B 190 -20.87 -42.78 4.68
CA LEU B 190 -19.50 -42.34 4.38
C LEU B 190 -18.71 -42.27 5.66
N LEU B 191 -19.37 -42.07 6.79
CA LEU B 191 -18.65 -41.93 8.05
C LEU B 191 -18.03 -43.24 8.51
N HIS B 192 -18.32 -44.36 7.83
CA HIS B 192 -17.70 -45.64 8.09
C HIS B 192 -16.69 -46.03 7.01
N HIS B 193 -16.43 -45.13 6.06
CA HIS B 193 -15.36 -45.30 5.11
C HIS B 193 -14.01 -45.08 5.79
N ASP B 194 -12.94 -45.62 5.18
CA ASP B 194 -11.63 -45.65 5.82
C ASP B 194 -10.70 -44.55 5.32
N ASP B 195 -11.10 -43.77 4.35
CA ASP B 195 -10.23 -42.71 3.85
C ASP B 195 -10.28 -41.50 4.78
N PRO B 196 -9.12 -41.01 5.25
CA PRO B 196 -9.14 -39.83 6.13
C PRO B 196 -9.83 -38.61 5.53
N GLU B 197 -9.65 -38.32 4.25
CA GLU B 197 -10.25 -37.11 3.69
C GLU B 197 -11.77 -37.20 3.64
N VAL B 198 -12.28 -38.35 3.19
CA VAL B 198 -13.73 -38.61 3.25
C VAL B 198 -14.26 -38.43 4.67
N LEU B 199 -13.56 -39.00 5.66
CA LEU B 199 -14.05 -38.89 7.03
C LEU B 199 -14.04 -37.45 7.53
N ALA B 200 -12.97 -36.71 7.21
CA ALA B 200 -12.92 -35.31 7.60
C ALA B 200 -14.09 -34.53 7.02
N ASP B 201 -14.34 -34.71 5.71
CA ASP B 201 -15.36 -33.96 5.01
C ASP B 201 -16.74 -34.32 5.55
N THR B 202 -16.94 -35.60 5.85
CA THR B 202 -18.22 -36.04 6.39
C THR B 202 -18.42 -35.47 7.78
N CYS B 203 -17.38 -35.51 8.61
CA CYS B 203 -17.48 -34.93 9.94
C CYS B 203 -17.76 -33.45 9.87
N TRP B 204 -17.20 -32.76 8.87
CA TRP B 204 -17.49 -31.35 8.68
C TRP B 204 -18.92 -31.18 8.22
N ALA B 205 -19.38 -32.06 7.31
CA ALA B 205 -20.77 -31.97 6.88
C ALA B 205 -21.71 -32.08 8.08
N ILE B 206 -21.47 -33.03 8.97
CA ILE B 206 -22.38 -33.22 10.09
C ILE B 206 -22.28 -32.06 11.07
N SER B 207 -21.08 -31.50 11.21
CA SER B 207 -20.94 -30.35 12.08
C SER B 207 -21.77 -29.19 11.54
N TYR B 208 -21.85 -29.04 10.21
CA TYR B 208 -22.69 -27.98 9.65
C TYR B 208 -24.16 -28.26 9.97
N LEU B 209 -24.57 -29.50 9.74
CA LEU B 209 -25.95 -29.85 9.97
C LEU B 209 -26.37 -29.66 11.43
N THR B 210 -25.46 -29.90 12.39
CA THR B 210 -25.83 -29.83 13.79
C THR B 210 -25.67 -28.44 14.37
N ASP B 211 -25.14 -27.51 13.57
CA ASP B 211 -25.07 -26.08 13.91
C ASP B 211 -26.34 -25.40 13.39
N GLY B 212 -27.42 -25.54 14.15
CA GLY B 212 -28.66 -25.00 13.69
C GLY B 212 -29.77 -25.30 14.66
N PRO B 213 -31.01 -25.19 14.20
CA PRO B 213 -32.15 -25.40 15.10
C PRO B 213 -32.12 -26.78 15.74
N ASN B 214 -32.86 -26.92 16.83
CA ASN B 214 -32.91 -28.20 17.52
C ASN B 214 -33.33 -29.34 16.57
N GLU B 215 -34.28 -29.05 15.68
CA GLU B 215 -34.77 -30.11 14.81
C GLU B 215 -33.63 -30.76 14.05
N ARG B 216 -32.67 -29.95 13.60
CA ARG B 216 -31.55 -30.49 12.85
C ARG B 216 -30.75 -31.42 13.74
N ILE B 217 -30.49 -31.00 14.98
CA ILE B 217 -29.74 -31.84 15.90
C ILE B 217 -30.48 -33.14 16.08
N GLY B 218 -31.81 -33.06 16.10
CA GLY B 218 -32.61 -34.25 16.30
C GLY B 218 -32.49 -35.20 15.13
N MET B 219 -32.47 -34.68 13.91
CA MET B 219 -32.32 -35.54 12.74
C MET B 219 -30.96 -36.23 12.74
N VAL B 220 -29.93 -35.55 13.22
CA VAL B 220 -28.61 -36.16 13.23
C VAL B 220 -28.53 -37.28 14.26
N VAL B 221 -28.93 -36.98 15.50
CA VAL B 221 -28.78 -37.96 16.57
C VAL B 221 -29.62 -39.20 16.28
N LYS B 222 -30.79 -39.01 15.69
CA LYS B 222 -31.68 -40.14 15.49
C LYS B 222 -31.07 -41.19 14.56
N THR B 223 -30.12 -40.80 13.71
CA THR B 223 -29.51 -41.75 12.80
C THR B 223 -28.69 -42.80 13.54
N GLY B 224 -28.41 -42.59 14.83
CA GLY B 224 -27.53 -43.50 15.55
C GLY B 224 -26.06 -43.31 15.23
N VAL B 225 -25.69 -42.16 14.65
CA VAL B 225 -24.33 -41.95 14.22
C VAL B 225 -23.43 -41.43 15.34
N VAL B 226 -24.01 -40.97 16.46
CA VAL B 226 -23.19 -40.36 17.51
C VAL B 226 -22.11 -41.31 18.00
N PRO B 227 -22.36 -42.62 18.19
CA PRO B 227 -21.24 -43.52 18.54
C PRO B 227 -20.09 -43.46 17.56
N GLN B 228 -20.37 -43.47 16.26
CA GLN B 228 -19.31 -43.39 15.27
C GLN B 228 -18.56 -42.05 15.33
N LEU B 229 -19.29 -40.94 15.48
CA LEU B 229 -18.63 -39.67 15.77
C LEU B 229 -17.69 -39.79 16.96
N VAL B 230 -18.18 -40.43 18.05
CA VAL B 230 -17.37 -40.62 19.25
C VAL B 230 -16.17 -41.45 18.91
N LYS B 231 -16.35 -42.49 18.09
CA LYS B 231 -15.20 -43.26 17.61
C LYS B 231 -14.19 -42.34 16.92
N LEU B 232 -14.67 -41.47 16.03
CA LEU B 232 -13.74 -40.61 15.31
C LEU B 232 -13.22 -39.49 16.19
N LEU B 233 -13.91 -39.16 17.29
CA LEU B 233 -13.35 -38.23 18.26
C LEU B 233 -11.97 -38.69 18.76
N GLY B 234 -11.67 -39.98 18.74
CA GLY B 234 -10.37 -40.51 19.16
C GLY B 234 -9.41 -40.83 18.03
N ALA B 235 -9.77 -40.49 16.83
CA ALA B 235 -8.86 -40.69 15.73
C ALA B 235 -7.55 -39.93 15.96
N SER B 236 -6.48 -40.47 15.38
CA SER B 236 -5.17 -39.84 15.48
C SER B 236 -5.09 -38.61 14.60
N GLU B 237 -5.86 -38.57 13.53
CA GLU B 237 -5.75 -37.46 12.59
C GLU B 237 -6.47 -36.28 13.22
N LEU B 238 -5.74 -35.20 13.48
CA LEU B 238 -6.37 -33.97 13.91
C LEU B 238 -7.40 -33.44 12.92
N PRO B 239 -7.24 -33.58 11.60
CA PRO B 239 -8.29 -33.11 10.66
C PRO B 239 -9.60 -33.84 10.83
N ILE B 240 -9.57 -34.98 11.49
CA ILE B 240 -10.79 -35.70 11.81
C ILE B 240 -11.33 -35.34 13.17
N VAL B 241 -10.43 -35.21 14.17
CA VAL B 241 -10.86 -34.96 15.54
C VAL B 241 -11.51 -33.59 15.66
N THR B 242 -10.95 -32.60 14.98
CA THR B 242 -11.47 -31.23 15.08
C THR B 242 -12.93 -31.15 14.63
N PRO B 243 -13.32 -31.64 13.45
CA PRO B 243 -14.75 -31.57 13.10
C PRO B 243 -15.58 -32.51 13.95
N ALA B 244 -15.09 -33.71 14.25
CA ALA B 244 -15.85 -34.59 15.15
C ALA B 244 -16.16 -33.88 16.47
N LEU B 245 -15.14 -33.30 17.12
CA LEU B 245 -15.38 -32.57 18.37
C LEU B 245 -16.36 -31.41 18.19
N ARG B 246 -16.26 -30.65 17.10
CA ARG B 246 -17.25 -29.60 16.88
C ARG B 246 -18.65 -30.18 16.77
N ALA B 247 -18.82 -31.20 15.94
CA ALA B 247 -20.15 -31.80 15.84
C ALA B 247 -20.67 -32.23 17.21
N ILE B 248 -19.86 -32.94 18.00
CA ILE B 248 -20.33 -33.38 19.31
C ILE B 248 -20.64 -32.19 20.18
N GLY B 249 -19.75 -31.20 20.17
CA GLY B 249 -20.03 -29.94 20.85
C GLY B 249 -21.34 -29.31 20.45
N ASN B 250 -21.68 -29.33 19.16
CA ASN B 250 -22.96 -28.76 18.72
C ASN B 250 -24.12 -29.58 19.27
N ILE B 251 -23.93 -30.90 19.36
CA ILE B 251 -25.04 -31.75 19.78
C ILE B 251 -25.36 -31.48 21.25
N VAL B 252 -24.32 -31.37 22.08
CA VAL B 252 -24.55 -31.10 23.50
C VAL B 252 -25.02 -29.67 23.78
N THR B 253 -25.15 -28.81 22.77
CA THR B 253 -25.87 -27.58 23.00
C THR B 253 -27.38 -27.77 22.93
N GLY B 254 -27.83 -28.93 22.48
CA GLY B 254 -29.24 -29.29 22.49
C GLY B 254 -29.82 -29.69 23.84
N THR B 255 -30.80 -30.59 23.79
CA THR B 255 -31.55 -30.97 24.97
C THR B 255 -30.71 -31.86 25.89
N ASP B 256 -31.14 -31.96 27.13
CA ASP B 256 -30.48 -32.85 28.07
C ASP B 256 -30.44 -34.28 27.53
N GLU B 257 -31.41 -34.68 26.71
CA GLU B 257 -31.42 -36.03 26.16
C GLU B 257 -30.40 -36.17 25.06
N GLN B 258 -30.37 -35.19 24.16
CA GLN B 258 -29.36 -35.20 23.11
C GLN B 258 -27.97 -35.25 23.73
N THR B 259 -27.77 -34.51 24.83
CA THR B 259 -26.50 -34.57 25.55
C THR B 259 -26.26 -35.97 26.09
N GLN B 260 -27.32 -36.59 26.62
CA GLN B 260 -27.18 -37.94 27.16
C GLN B 260 -26.78 -38.93 26.08
N VAL B 261 -27.26 -38.73 24.85
CA VAL B 261 -26.85 -39.57 23.72
C VAL B 261 -25.36 -39.45 23.50
N VAL B 262 -24.83 -38.23 23.60
CA VAL B 262 -23.39 -38.05 23.49
C VAL B 262 -22.68 -38.75 24.63
N ILE B 263 -23.18 -38.62 25.86
CA ILE B 263 -22.53 -39.24 27.01
C ILE B 263 -22.57 -40.77 26.88
N ASP B 264 -23.75 -41.29 26.48
CA ASP B 264 -23.92 -42.73 26.40
C ASP B 264 -22.99 -43.34 25.38
N ALA B 265 -22.60 -42.59 24.36
CA ALA B 265 -21.65 -43.09 23.39
C ALA B 265 -20.21 -43.13 23.91
N GLY B 266 -19.95 -42.63 25.10
CA GLY B 266 -18.62 -42.68 25.64
C GLY B 266 -17.79 -41.44 25.38
N ALA B 267 -18.40 -40.35 24.95
CA ALA B 267 -17.61 -39.15 24.63
C ALA B 267 -16.74 -38.71 25.81
N LEU B 268 -17.27 -38.76 27.04
CA LEU B 268 -16.53 -38.25 28.19
C LEU B 268 -15.22 -39.00 28.38
N ALA B 269 -15.16 -40.29 27.98
CA ALA B 269 -13.95 -41.09 28.13
C ALA B 269 -12.79 -40.54 27.31
N VAL B 270 -13.09 -39.75 26.27
CA VAL B 270 -12.03 -39.24 25.41
C VAL B 270 -11.53 -37.90 25.90
N PHE B 271 -12.23 -37.27 26.86
CA PHE B 271 -11.88 -35.90 27.23
C PHE B 271 -10.63 -35.76 28.10
N PRO B 272 -10.11 -36.81 28.75
CA PRO B 272 -8.81 -36.67 29.42
C PRO B 272 -7.71 -36.23 28.46
N SER B 273 -7.79 -36.70 27.23
CA SER B 273 -6.72 -36.32 26.31
C SER B 273 -7.05 -34.98 25.67
N LEU B 274 -8.33 -34.77 25.36
CA LEU B 274 -8.73 -33.55 24.69
C LEU B 274 -8.45 -32.32 25.54
N LEU B 275 -8.67 -32.42 26.85
CA LEU B 275 -8.48 -31.25 27.70
C LEU B 275 -6.99 -30.91 27.91
N THR B 276 -6.06 -31.80 27.56
CA THR B 276 -4.62 -31.56 27.69
C THR B 276 -3.94 -31.56 26.33
N ASN B 277 -4.74 -31.49 25.29
CA ASN B 277 -4.19 -31.61 23.95
C ASN B 277 -3.34 -30.35 23.69
N PRO B 278 -2.12 -30.49 23.21
CA PRO B 278 -1.22 -29.35 23.04
C PRO B 278 -1.81 -28.29 22.13
N LYS B 279 -2.62 -28.67 21.17
CA LYS B 279 -3.36 -27.67 20.43
C LYS B 279 -4.34 -26.91 21.34
N THR B 280 -4.12 -25.60 21.46
CA THR B 280 -4.97 -24.80 22.32
C THR B 280 -6.40 -24.78 21.83
N ASN B 281 -6.61 -24.92 20.51
CA ASN B 281 -7.99 -24.91 19.96
C ASN B 281 -8.76 -26.16 20.38
N ILE B 282 -8.17 -27.34 20.25
CA ILE B 282 -8.80 -28.53 20.80
C ILE B 282 -9.09 -28.36 22.31
N GLN B 283 -8.09 -27.89 23.08
CA GLN B 283 -8.32 -27.64 24.51
C GLN B 283 -9.52 -26.72 24.74
N LYS B 284 -9.58 -25.57 24.04
CA LYS B 284 -10.71 -24.65 24.22
C LYS B 284 -12.01 -25.31 23.82
N GLU B 285 -12.01 -26.04 22.70
CA GLU B 285 -13.27 -26.62 22.22
C GLU B 285 -13.73 -27.71 23.14
N ALA B 286 -12.78 -28.41 23.73
CA ALA B 286 -13.09 -29.48 24.69
C ALA B 286 -13.72 -28.92 25.96
N THR B 287 -13.21 -27.77 26.43
CA THR B 287 -13.70 -27.12 27.65
C THR B 287 -15.02 -26.42 27.38
N TRP B 288 -15.18 -25.91 26.16
CA TRP B 288 -16.49 -25.44 25.73
C TRP B 288 -17.52 -26.56 25.80
N THR B 289 -17.25 -27.69 25.13
CA THR B 289 -18.15 -28.84 25.14
C THR B 289 -18.45 -29.30 26.57
N MET B 290 -17.44 -29.29 27.45
CA MET B 290 -17.72 -29.70 28.84
C MET B 290 -18.60 -28.69 29.56
N SER B 291 -18.48 -27.41 29.20
CA SER B 291 -19.29 -26.41 29.85
C SER B 291 -20.74 -26.68 29.54
N ASN B 292 -21.02 -27.17 28.33
CA ASN B 292 -22.41 -27.45 28.00
C ASN B 292 -22.90 -28.73 28.61
N ILE B 293 -21.98 -29.62 28.96
CA ILE B 293 -22.37 -30.82 29.67
C ILE B 293 -22.68 -30.50 31.13
N THR B 294 -21.86 -29.64 31.75
CA THR B 294 -22.03 -29.39 33.17
C THR B 294 -23.19 -28.43 33.41
N ALA B 295 -23.73 -27.84 32.34
CA ALA B 295 -24.99 -27.15 32.32
C ALA B 295 -26.21 -28.08 32.21
N GLY B 296 -26.01 -29.41 32.18
CA GLY B 296 -27.09 -30.38 32.12
C GLY B 296 -27.60 -30.78 33.50
N ARG B 297 -28.20 -31.98 33.56
CA ARG B 297 -28.71 -32.56 34.79
C ARG B 297 -27.58 -32.89 35.79
N GLN B 298 -27.99 -33.18 37.02
CA GLN B 298 -27.05 -33.53 38.07
C GLN B 298 -26.45 -34.92 37.84
N ASP B 299 -27.23 -35.86 37.30
CA ASP B 299 -26.64 -37.16 36.99
C ASP B 299 -25.61 -37.04 35.85
N GLN B 300 -25.77 -36.07 34.96
CA GLN B 300 -24.78 -35.82 33.90
C GLN B 300 -23.53 -35.18 34.48
N ILE B 301 -23.69 -34.23 35.41
CA ILE B 301 -22.55 -33.69 36.16
C ILE B 301 -21.83 -34.82 36.89
N GLN B 302 -22.60 -35.76 37.44
CA GLN B 302 -22.00 -36.86 38.18
C GLN B 302 -21.09 -37.70 37.28
N GLN B 303 -21.48 -37.88 36.01
CA GLN B 303 -20.69 -38.68 35.09
C GLN B 303 -19.40 -37.96 34.71
N VAL B 304 -19.49 -36.63 34.54
CA VAL B 304 -18.28 -35.81 34.42
C VAL B 304 -17.34 -36.06 35.61
N VAL B 305 -17.89 -36.05 36.84
CA VAL B 305 -17.06 -36.36 38.00
C VAL B 305 -16.50 -37.77 37.88
N ASN B 306 -17.35 -38.75 37.55
CA ASN B 306 -16.93 -40.14 37.54
C ASN B 306 -15.74 -40.38 36.61
N HIS B 307 -15.70 -39.66 35.51
CA HIS B 307 -14.61 -39.81 34.55
C HIS B 307 -13.37 -39.01 34.94
N GLY B 308 -13.26 -38.51 36.17
CA GLY B 308 -12.06 -37.81 36.58
C GLY B 308 -11.80 -36.51 35.85
N LEU B 309 -12.85 -35.89 35.34
CA LEU B 309 -12.72 -34.69 34.53
C LEU B 309 -12.60 -33.39 35.32
N VAL B 310 -12.97 -33.37 36.60
CA VAL B 310 -12.99 -32.11 37.32
C VAL B 310 -11.56 -31.58 37.45
N PRO B 311 -10.58 -32.38 37.92
CA PRO B 311 -9.21 -31.85 37.99
C PRO B 311 -8.72 -31.27 36.66
N PHE B 312 -9.02 -31.91 35.53
CA PHE B 312 -8.57 -31.33 34.26
C PHE B 312 -9.13 -29.92 34.08
N LEU B 313 -10.39 -29.72 34.48
CA LEU B 313 -11.05 -28.42 34.43
C LEU B 313 -10.33 -27.42 35.33
N VAL B 314 -9.99 -27.86 36.56
CA VAL B 314 -9.22 -27.02 37.48
C VAL B 314 -7.89 -26.63 36.85
N SER B 315 -7.14 -27.64 36.39
CA SER B 315 -5.86 -27.34 35.76
C SER B 315 -6.03 -26.38 34.58
N VAL B 316 -7.06 -26.59 33.76
CA VAL B 316 -7.34 -25.68 32.65
C VAL B 316 -7.55 -24.26 33.15
N LEU B 317 -8.38 -24.12 34.15
CA LEU B 317 -8.61 -22.80 34.70
C LEU B 317 -7.31 -22.17 35.21
N SER B 318 -6.39 -23.00 35.67
CA SER B 318 -5.21 -22.46 36.34
C SER B 318 -4.13 -22.00 35.37
N LYS B 319 -3.85 -22.76 34.30
CA LYS B 319 -2.65 -22.55 33.47
C LYS B 319 -2.91 -22.32 31.99
N ALA B 320 -4.17 -22.38 31.55
CA ALA B 320 -4.44 -22.24 30.12
C ALA B 320 -4.53 -20.77 29.76
N ASP B 321 -4.53 -20.50 28.45
CA ASP B 321 -4.71 -19.15 27.96
C ASP B 321 -6.04 -18.59 28.41
N PHE B 322 -6.13 -17.25 28.32
CA PHE B 322 -7.27 -16.54 28.89
C PHE B 322 -8.57 -16.94 28.20
N LYS B 323 -8.54 -17.05 26.86
CA LYS B 323 -9.74 -17.46 26.14
C LYS B 323 -10.18 -18.86 26.55
N THR B 324 -9.23 -19.79 26.76
CA THR B 324 -9.60 -21.11 27.26
C THR B 324 -10.02 -21.08 28.74
N GLN B 325 -9.32 -20.29 29.57
CA GLN B 325 -9.74 -20.05 30.95
C GLN B 325 -11.17 -19.51 31.02
N LYS B 326 -11.54 -18.57 30.14
CA LYS B 326 -12.94 -18.12 30.15
C LYS B 326 -13.90 -19.30 29.96
N GLU B 327 -13.57 -20.20 29.03
CA GLU B 327 -14.39 -21.39 28.79
C GLU B 327 -14.49 -22.21 30.05
N ALA B 328 -13.35 -22.33 30.78
CA ALA B 328 -13.32 -23.11 32.00
C ALA B 328 -14.11 -22.43 33.11
N VAL B 329 -14.10 -21.08 33.14
CA VAL B 329 -14.93 -20.38 34.12
C VAL B 329 -16.39 -20.77 33.93
N TRP B 330 -16.81 -20.97 32.68
CA TRP B 330 -18.24 -21.24 32.44
C TRP B 330 -18.51 -22.68 32.77
N ALA B 331 -17.55 -23.55 32.47
CA ALA B 331 -17.64 -24.92 32.93
C ALA B 331 -17.87 -25.00 34.43
N VAL B 332 -17.06 -24.26 35.20
CA VAL B 332 -17.12 -24.36 36.68
C VAL B 332 -18.40 -23.74 37.21
N THR B 333 -18.79 -22.58 36.67
CA THR B 333 -19.99 -21.89 37.14
C THR B 333 -21.23 -22.70 36.84
N ASN B 334 -21.32 -23.26 35.64
CA ASN B 334 -22.47 -24.10 35.34
C ASN B 334 -22.51 -25.28 36.27
N TYR B 335 -21.35 -25.88 36.53
CA TYR B 335 -21.27 -26.94 37.49
C TYR B 335 -21.82 -26.45 38.82
N THR B 336 -21.37 -25.30 39.30
CA THR B 336 -21.78 -24.89 40.65
C THR B 336 -23.25 -24.53 40.68
N SER B 337 -23.76 -24.04 39.54
CA SER B 337 -25.15 -23.58 39.45
C SER B 337 -26.15 -24.74 39.43
N GLY B 338 -25.89 -25.84 38.70
CA GLY B 338 -26.79 -27.00 38.74
C GLY B 338 -26.40 -28.14 39.68
N GLY B 339 -25.26 -28.07 40.31
CA GLY B 339 -24.71 -29.25 40.96
C GLY B 339 -25.17 -29.48 42.39
N THR B 340 -25.04 -30.72 42.83
CA THR B 340 -25.41 -31.06 44.19
C THR B 340 -24.36 -30.52 45.16
N VAL B 341 -24.73 -30.52 46.44
CA VAL B 341 -23.81 -30.06 47.48
C VAL B 341 -22.52 -30.91 47.48
N GLU B 342 -22.65 -32.22 47.40
CA GLU B 342 -21.45 -33.05 47.48
C GLU B 342 -20.59 -32.85 46.25
N GLN B 343 -21.22 -32.64 45.11
CA GLN B 343 -20.47 -32.30 43.92
C GLN B 343 -19.73 -30.98 44.07
N ILE B 344 -20.28 -30.04 44.85
CA ILE B 344 -19.58 -28.78 45.02
C ILE B 344 -18.44 -28.94 46.01
N VAL B 345 -18.63 -29.70 47.07
CA VAL B 345 -17.52 -29.95 47.94
C VAL B 345 -16.37 -30.58 47.18
N TYR B 346 -16.67 -31.59 46.38
CA TYR B 346 -15.62 -32.23 45.61
C TYR B 346 -14.88 -31.20 44.77
N LEU B 347 -15.63 -30.30 44.11
CA LEU B 347 -14.99 -29.26 43.33
C LEU B 347 -14.07 -28.41 44.18
N VAL B 348 -14.53 -27.99 45.36
CA VAL B 348 -13.58 -27.32 46.23
C VAL B 348 -12.44 -28.25 46.64
N HIS B 349 -12.72 -29.55 46.86
CA HIS B 349 -11.64 -30.48 47.21
C HIS B 349 -10.64 -30.66 46.05
N CYS B 350 -11.03 -30.29 44.81
CA CYS B 350 -10.13 -30.34 43.68
C CYS B 350 -9.28 -29.08 43.55
N GLY B 351 -9.45 -28.10 44.44
CA GLY B 351 -8.59 -26.94 44.42
C GLY B 351 -9.13 -25.82 43.54
N ILE B 352 -10.45 -25.70 43.41
CA ILE B 352 -10.99 -24.71 42.51
C ILE B 352 -10.82 -23.28 43.03
N ILE B 353 -10.88 -23.10 44.35
CA ILE B 353 -10.91 -21.76 44.92
C ILE B 353 -9.73 -20.92 44.42
N GLU B 354 -8.52 -21.40 44.62
CA GLU B 354 -7.36 -20.55 44.31
C GLU B 354 -7.30 -20.08 42.85
N PRO B 355 -7.37 -20.96 41.83
CA PRO B 355 -7.37 -20.45 40.45
C PRO B 355 -8.57 -19.61 40.15
N LEU B 356 -9.71 -19.92 40.78
CA LEU B 356 -10.93 -19.16 40.58
C LEU B 356 -10.75 -17.74 41.10
N MET B 357 -10.07 -17.60 42.24
CA MET B 357 -9.79 -16.27 42.77
C MET B 357 -8.74 -15.53 41.94
N ASN B 358 -7.72 -16.23 41.43
CA ASN B 358 -6.70 -15.56 40.61
C ASN B 358 -7.32 -14.88 39.39
N LEU B 359 -8.42 -15.40 38.84
CA LEU B 359 -9.01 -14.77 37.65
C LEU B 359 -9.76 -13.49 38.00
N LEU B 360 -10.01 -13.25 39.28
CA LEU B 360 -10.70 -12.04 39.70
C LEU B 360 -9.88 -10.78 39.43
N THR B 361 -8.63 -10.92 38.98
CA THR B 361 -7.86 -9.78 38.49
C THR B 361 -8.06 -9.52 37.00
N ALA B 362 -8.79 -10.38 36.30
CA ALA B 362 -9.13 -10.13 34.90
C ALA B 362 -10.01 -8.89 34.75
N LYS B 363 -9.88 -8.23 33.61
CA LYS B 363 -10.66 -7.05 33.30
C LYS B 363 -12.06 -7.37 32.77
N ASP B 364 -12.32 -8.61 32.39
CA ASP B 364 -13.59 -9.00 31.79
C ASP B 364 -14.73 -8.94 32.83
N THR B 365 -15.60 -7.94 32.68
CA THR B 365 -16.67 -7.76 33.66
C THR B 365 -17.56 -8.99 33.68
N LYS B 366 -17.92 -9.51 32.51
CA LYS B 366 -18.77 -10.68 32.47
C LYS B 366 -18.16 -11.79 33.29
N ILE B 367 -16.86 -12.06 33.04
CA ILE B 367 -16.20 -13.18 33.71
C ILE B 367 -16.15 -12.95 35.23
N ILE B 368 -15.75 -11.72 35.64
CA ILE B 368 -15.72 -11.36 37.05
C ILE B 368 -17.05 -11.69 37.69
N LEU B 369 -18.15 -11.27 37.05
CA LEU B 369 -19.49 -11.44 37.60
C LEU B 369 -19.90 -12.90 37.62
N VAL B 370 -19.53 -13.64 36.59
CA VAL B 370 -19.76 -15.09 36.55
C VAL B 370 -18.96 -15.80 37.66
N ILE B 371 -17.72 -15.37 37.91
CA ILE B 371 -16.95 -16.02 38.97
C ILE B 371 -17.59 -15.73 40.33
N LEU B 372 -18.00 -14.48 40.56
CA LEU B 372 -18.60 -14.18 41.84
C LEU B 372 -19.85 -15.00 42.03
N ASP B 373 -20.59 -15.26 40.95
CA ASP B 373 -21.79 -16.06 41.08
C ASP B 373 -21.43 -17.48 41.48
N ALA B 374 -20.39 -18.03 40.84
CA ALA B 374 -19.90 -19.36 41.20
C ALA B 374 -19.53 -19.44 42.69
N ILE B 375 -18.79 -18.43 43.18
CA ILE B 375 -18.41 -18.41 44.58
C ILE B 375 -19.64 -18.37 45.46
N SER B 376 -20.64 -17.58 45.06
CA SER B 376 -21.93 -17.53 45.78
C SER B 376 -22.57 -18.91 45.85
N ASN B 377 -22.63 -19.62 44.72
CA ASN B 377 -23.13 -21.00 44.70
C ASN B 377 -22.27 -21.92 45.59
N ILE B 378 -20.96 -21.77 45.59
CA ILE B 378 -20.16 -22.57 46.50
C ILE B 378 -20.52 -22.24 47.95
N PHE B 379 -20.66 -20.94 48.28
CA PHE B 379 -21.03 -20.60 49.65
C PHE B 379 -22.38 -21.17 50.00
N GLN B 380 -23.31 -21.23 49.03
CA GLN B 380 -24.62 -21.79 49.32
C GLN B 380 -24.51 -23.24 49.75
N ALA B 381 -23.68 -24.01 49.06
CA ALA B 381 -23.45 -25.38 49.45
C ALA B 381 -22.88 -25.45 50.86
N ALA B 382 -21.99 -24.51 51.19
CA ALA B 382 -21.43 -24.43 52.53
C ALA B 382 -22.49 -24.12 53.58
N GLU B 383 -23.39 -23.19 53.28
CA GLU B 383 -24.48 -22.92 54.20
C GLU B 383 -25.28 -24.19 54.50
N LYS B 384 -25.65 -24.92 53.45
CA LYS B 384 -26.42 -26.14 53.65
C LYS B 384 -25.68 -27.14 54.52
N LEU B 385 -24.35 -27.14 54.49
CA LEU B 385 -23.55 -27.98 55.38
C LEU B 385 -23.13 -27.25 56.66
N GLY B 386 -23.36 -25.95 56.77
CA GLY B 386 -22.83 -25.21 57.91
C GLY B 386 -21.32 -25.10 58.01
N GLU B 387 -20.61 -25.07 56.88
CA GLU B 387 -19.15 -24.98 56.90
C GLU B 387 -18.66 -23.75 56.15
N THR B 388 -19.49 -22.69 56.16
CA THR B 388 -19.13 -21.46 55.46
C THR B 388 -17.92 -20.78 56.08
N GLU B 389 -17.72 -20.98 57.39
CA GLU B 389 -16.56 -20.38 58.06
C GLU B 389 -15.26 -20.87 57.43
N LYS B 390 -15.11 -22.19 57.30
CA LYS B 390 -13.87 -22.73 56.76
C LYS B 390 -13.67 -22.29 55.31
N LEU B 391 -14.78 -22.22 54.57
CA LEU B 391 -14.70 -21.73 53.20
C LEU B 391 -14.25 -20.28 53.16
N SER B 392 -14.84 -19.44 54.00
CA SER B 392 -14.41 -18.04 54.12
C SER B 392 -12.91 -17.92 54.43
N ILE B 393 -12.44 -18.64 55.44
CA ILE B 393 -11.00 -18.59 55.72
C ILE B 393 -10.23 -19.09 54.50
N MET B 394 -10.66 -20.21 53.94
CA MET B 394 -9.99 -20.76 52.78
C MET B 394 -9.83 -19.73 51.67
N ILE B 395 -10.92 -18.99 51.38
CA ILE B 395 -10.83 -17.92 50.38
C ILE B 395 -9.81 -16.89 50.83
N GLU B 396 -9.80 -16.55 52.13
CA GLU B 396 -8.84 -15.59 52.63
C GLU B 396 -7.41 -16.17 52.60
N GLU B 397 -7.26 -17.47 52.86
CA GLU B 397 -5.93 -18.06 52.94
C GLU B 397 -5.14 -17.81 51.67
N CYS B 398 -5.76 -18.04 50.51
CA CYS B 398 -5.10 -17.86 49.23
C CYS B 398 -5.15 -16.44 48.72
N GLY B 399 -5.50 -15.48 49.56
CA GLY B 399 -5.59 -14.11 49.12
C GLY B 399 -6.83 -13.79 48.32
N GLY B 400 -7.82 -14.69 48.30
CA GLY B 400 -9.06 -14.43 47.57
C GLY B 400 -9.84 -13.23 48.07
N LEU B 401 -9.91 -13.06 49.39
CA LEU B 401 -10.69 -11.95 49.94
C LEU B 401 -10.11 -10.60 49.52
N ASP B 402 -8.78 -10.47 49.55
CA ASP B 402 -8.15 -9.24 49.08
C ASP B 402 -8.54 -8.94 47.64
N LYS B 403 -8.56 -9.97 46.78
CA LYS B 403 -9.04 -9.81 45.41
C LYS B 403 -10.49 -9.35 45.36
N ILE B 404 -11.36 -9.95 46.20
CA ILE B 404 -12.76 -9.54 46.27
C ILE B 404 -12.87 -8.08 46.70
N GLU B 405 -12.11 -7.70 47.72
CA GLU B 405 -12.13 -6.31 48.19
C GLU B 405 -11.61 -5.35 47.12
N ALA B 406 -10.58 -5.78 46.37
CA ALA B 406 -10.11 -4.97 45.25
C ALA B 406 -11.22 -4.70 44.23
N LEU B 407 -12.22 -5.59 44.14
CA LEU B 407 -13.32 -5.41 43.20
C LEU B 407 -14.30 -4.35 43.65
N GLN B 408 -14.18 -3.88 44.89
CA GLN B 408 -15.03 -2.81 45.40
C GLN B 408 -14.47 -1.48 44.90
N ASN B 409 -14.65 -1.26 43.61
CA ASN B 409 -14.21 -0.04 42.96
C ASN B 409 -15.40 0.59 42.24
N HIS B 410 -15.71 1.85 42.58
CA HIS B 410 -16.86 2.54 42.01
C HIS B 410 -16.75 2.80 40.50
N GLU B 411 -15.59 2.57 39.89
CA GLU B 411 -15.49 2.71 38.43
C GLU B 411 -16.40 1.73 37.69
N ASN B 412 -16.81 0.65 38.34
CA ASN B 412 -17.64 -0.39 37.75
C ASN B 412 -18.69 -0.74 38.77
N GLU B 413 -19.89 -0.16 38.60
CA GLU B 413 -20.95 -0.31 39.60
C GLU B 413 -21.47 -1.75 39.64
N SER B 414 -21.60 -2.42 38.50
CA SER B 414 -22.04 -3.81 38.50
C SER B 414 -21.08 -4.68 39.32
N VAL B 415 -19.77 -4.47 39.15
CA VAL B 415 -18.80 -5.30 39.86
C VAL B 415 -18.72 -4.88 41.31
N TYR B 416 -18.74 -3.58 41.55
CA TYR B 416 -18.79 -3.08 42.91
C TYR B 416 -19.95 -3.73 43.67
N LYS B 417 -21.17 -3.69 43.13
CA LYS B 417 -22.33 -4.19 43.86
C LYS B 417 -22.24 -5.71 44.03
N ALA B 418 -21.74 -6.40 43.01
CA ALA B 418 -21.65 -7.84 43.07
C ALA B 418 -20.71 -8.29 44.19
N SER B 419 -19.51 -7.68 44.23
CA SER B 419 -18.53 -8.01 45.27
C SER B 419 -19.00 -7.51 46.64
N LEU B 420 -19.72 -6.40 46.68
CA LEU B 420 -20.23 -5.90 47.97
C LEU B 420 -21.28 -6.84 48.54
N SER B 421 -22.23 -7.29 47.72
CA SER B 421 -23.21 -8.28 48.17
C SER B 421 -22.53 -9.55 48.68
N LEU B 422 -21.60 -10.10 47.92
CA LEU B 422 -20.91 -11.29 48.41
C LEU B 422 -20.26 -11.03 49.78
N ILE B 423 -19.63 -9.87 49.95
CA ILE B 423 -18.95 -9.58 51.21
C ILE B 423 -19.95 -9.41 52.36
N GLU B 424 -21.08 -8.75 52.11
CA GLU B 424 -22.06 -8.57 53.17
C GLU B 424 -22.62 -9.90 53.66
N LYS B 425 -22.83 -10.86 52.75
CA LYS B 425 -23.50 -12.10 53.14
C LYS B 425 -22.53 -13.06 53.79
N TYR B 426 -21.30 -13.11 53.32
CA TYR B 426 -20.38 -14.14 53.78
C TYR B 426 -19.09 -13.61 54.38
N PHE B 427 -18.77 -12.33 54.20
CA PHE B 427 -17.56 -11.76 54.77
C PHE B 427 -17.87 -10.58 55.69
N SER B 428 -19.04 -10.61 56.31
CA SER B 428 -19.50 -9.57 57.21
C SER B 428 -20.45 -10.23 58.20
N TRP C 7 37.98 16.65 -33.93
CA TRP C 7 38.05 17.65 -34.99
C TRP C 7 38.12 19.05 -34.41
N SER C 8 38.45 20.02 -35.26
CA SER C 8 38.58 21.41 -34.86
C SER C 8 37.50 22.21 -35.58
N VAL C 9 37.17 23.38 -35.05
CA VAL C 9 36.01 24.08 -35.59
C VAL C 9 36.29 24.48 -37.03
N ASP C 10 37.51 24.96 -37.28
CA ASP C 10 37.91 25.23 -38.65
C ASP C 10 37.69 24.01 -39.53
N ASP C 11 38.12 22.84 -39.08
CA ASP C 11 37.90 21.66 -39.90
C ASP C 11 36.42 21.41 -40.10
N ILE C 12 35.60 21.70 -39.09
CA ILE C 12 34.17 21.51 -39.20
C ILE C 12 33.58 22.39 -40.28
N VAL C 13 33.93 23.67 -40.26
CA VAL C 13 33.40 24.60 -41.26
C VAL C 13 33.92 24.24 -42.64
N LYS C 14 35.15 23.74 -42.72
CA LYS C 14 35.60 23.26 -44.03
C LYS C 14 34.73 22.10 -44.51
N GLY C 15 34.62 21.05 -43.69
CA GLY C 15 33.75 19.93 -44.06
C GLY C 15 32.30 20.34 -44.30
N ILE C 16 31.77 21.31 -43.55
CA ILE C 16 30.37 21.65 -43.73
C ILE C 16 30.13 22.44 -45.03
N ASN C 17 31.14 23.18 -45.47
CA ASN C 17 31.07 23.95 -46.71
C ASN C 17 31.49 23.14 -47.92
N SER C 18 31.47 21.83 -47.83
CA SER C 18 31.95 20.95 -48.89
C SER C 18 30.79 20.47 -49.74
N SER C 19 31.08 20.24 -51.04
CA SER C 19 30.09 19.77 -52.00
C SER C 19 29.77 18.29 -51.81
N ASN C 20 30.72 17.52 -51.30
CA ASN C 20 30.47 16.11 -51.00
C ASN C 20 29.56 15.96 -49.76
N VAL C 21 28.44 15.24 -49.94
CA VAL C 21 27.44 15.04 -48.90
C VAL C 21 28.05 14.27 -47.72
N GLU C 22 29.01 13.40 -47.99
CA GLU C 22 29.61 12.66 -46.88
C GLU C 22 30.46 13.58 -46.03
N ASN C 23 31.16 14.51 -46.65
CA ASN C 23 32.02 15.39 -45.89
C ASN C 23 31.20 16.32 -45.00
N GLN C 24 30.08 16.79 -45.54
CA GLN C 24 29.12 17.55 -44.73
C GLN C 24 28.57 16.73 -43.58
N LEU C 25 28.19 15.47 -43.83
CA LEU C 25 27.65 14.63 -42.75
C LEU C 25 28.70 14.44 -41.68
N GLN C 26 29.93 14.10 -42.11
CA GLN C 26 31.01 13.84 -41.17
C GLN C 26 31.28 15.06 -40.31
N ALA C 27 31.28 16.23 -40.92
CA ALA C 27 31.59 17.44 -40.17
C ALA C 27 30.47 17.75 -39.18
N THR C 28 29.21 17.51 -39.59
CA THR C 28 28.08 17.75 -38.72
C THR C 28 28.12 16.79 -37.54
N GLN C 29 28.46 15.51 -37.82
CA GLN C 29 28.73 14.52 -36.76
C GLN C 29 29.84 14.98 -35.83
N ALA C 30 30.96 15.40 -36.37
CA ALA C 30 32.00 15.91 -35.47
C ALA C 30 31.50 17.10 -34.64
N ALA C 31 30.66 17.97 -35.24
CA ALA C 31 30.10 19.10 -34.48
C ALA C 31 29.29 18.59 -33.32
N ARG C 32 28.37 17.68 -33.66
CA ARG C 32 27.45 17.06 -32.72
C ARG C 32 28.21 16.46 -31.55
N LYS C 33 29.31 15.75 -31.82
CA LYS C 33 30.12 15.20 -30.75
C LYS C 33 30.67 16.29 -29.86
N LEU C 34 31.23 17.36 -30.43
CA LEU C 34 31.77 18.39 -29.55
C LEU C 34 30.66 19.07 -28.77
N LEU C 35 29.55 19.35 -29.43
CA LEU C 35 28.45 20.08 -28.78
C LEU C 35 27.69 19.24 -27.71
N SER C 36 27.71 17.89 -27.80
N SER C 36 27.73 17.89 -27.81
CA SER C 36 27.05 17.03 -26.82
CA SER C 36 27.10 16.99 -26.84
C SER C 36 27.85 16.90 -25.51
C SER C 36 27.85 16.93 -25.51
N ARG C 37 29.10 17.35 -25.47
CA ARG C 37 29.85 17.34 -24.23
C ARG C 37 29.17 18.22 -23.18
N GLU C 38 29.01 17.69 -21.98
CA GLU C 38 28.60 18.61 -20.91
C GLU C 38 29.74 19.50 -20.41
N LYS C 39 30.94 19.07 -20.60
CA LYS C 39 32.11 19.81 -20.16
C LYS C 39 32.60 20.64 -21.31
N GLN C 40 32.52 21.96 -21.16
CA GLN C 40 33.18 22.87 -22.10
C GLN C 40 32.82 22.57 -23.55
N PRO C 41 31.55 22.35 -23.88
CA PRO C 41 31.18 22.31 -25.30
C PRO C 41 31.50 23.63 -25.97
N PRO C 42 32.04 23.61 -27.18
CA PRO C 42 32.43 24.92 -27.75
C PRO C 42 31.29 25.61 -28.50
N ILE C 43 30.22 25.87 -27.76
CA ILE C 43 29.01 26.40 -28.36
C ILE C 43 29.28 27.73 -29.05
N ASP C 44 29.89 28.69 -28.32
CA ASP C 44 30.03 30.05 -28.87
C ASP C 44 30.97 30.06 -30.07
N ASN C 45 32.01 29.25 -30.03
CA ASN C 45 32.84 29.11 -31.22
C ASN C 45 32.04 28.55 -32.39
N ILE C 46 31.22 27.55 -32.16
CA ILE C 46 30.45 27.01 -33.28
C ILE C 46 29.53 28.09 -33.83
N ILE C 47 28.90 28.85 -32.93
CA ILE C 47 27.97 29.90 -33.34
C ILE C 47 28.70 30.96 -34.13
N ARG C 48 29.81 31.47 -33.57
CA ARG C 48 30.57 32.53 -34.21
C ARG C 48 31.07 32.12 -35.58
N ALA C 49 31.34 30.82 -35.74
CA ALA C 49 31.72 30.31 -37.03
C ALA C 49 30.59 30.40 -38.04
N GLY C 50 29.36 30.79 -37.67
CA GLY C 50 28.27 30.76 -38.64
C GLY C 50 27.62 29.43 -39.00
N LEU C 51 27.77 28.43 -38.17
CA LEU C 51 27.26 27.12 -38.51
C LEU C 51 25.78 26.95 -38.26
N ILE C 52 25.17 27.75 -37.40
N ILE C 52 25.13 27.74 -37.41
CA ILE C 52 23.76 27.50 -37.10
CA ILE C 52 23.73 27.49 -37.09
C ILE C 52 22.94 27.46 -38.38
C ILE C 52 22.86 27.51 -38.35
N PRO C 53 23.02 28.45 -39.28
CA PRO C 53 22.18 28.40 -40.50
C PRO C 53 22.45 27.19 -41.35
N LYS C 54 23.70 26.70 -41.34
CA LYS C 54 24.04 25.50 -42.10
C LYS C 54 23.30 24.32 -41.52
N PHE C 55 23.32 24.21 -40.21
CA PHE C 55 22.58 23.12 -39.60
C PHE C 55 21.09 23.20 -39.92
N VAL C 56 20.48 24.36 -39.64
CA VAL C 56 19.05 24.54 -39.96
C VAL C 56 18.76 24.10 -41.40
N SER C 57 19.50 24.62 -42.38
CA SER C 57 19.31 24.17 -43.76
C SER C 57 19.46 22.66 -43.87
N PHE C 58 20.44 22.05 -43.15
CA PHE C 58 20.52 20.61 -43.22
C PHE C 58 19.25 19.94 -42.72
N LEU C 59 18.50 20.61 -41.85
CA LEU C 59 17.26 19.95 -41.41
C LEU C 59 16.31 19.62 -42.57
N GLY C 60 16.42 20.32 -43.67
CA GLY C 60 15.49 20.16 -44.77
C GLY C 60 15.90 19.12 -45.77
N ARG C 61 17.02 18.41 -45.52
CA ARG C 61 17.57 17.42 -46.43
C ARG C 61 16.80 16.10 -46.30
N THR C 62 15.61 16.09 -46.87
CA THR C 62 14.77 14.92 -46.82
C THR C 62 15.46 13.71 -47.43
N ASP C 63 16.37 13.93 -48.38
CA ASP C 63 17.05 12.86 -49.06
C ASP C 63 18.14 12.23 -48.20
N CYS C 64 18.55 12.89 -47.10
CA CYS C 64 19.66 12.45 -46.24
C CYS C 64 19.19 12.57 -44.78
N SER C 65 18.41 11.58 -44.35
CA SER C 65 17.92 11.62 -42.99
C SER C 65 19.08 11.68 -41.99
N PRO C 66 20.29 11.13 -42.26
CA PRO C 66 21.36 11.24 -41.24
C PRO C 66 21.81 12.65 -41.03
N ILE C 67 21.98 13.45 -42.09
CA ILE C 67 22.35 14.82 -41.81
C ILE C 67 21.20 15.56 -41.13
N GLN C 68 19.93 15.20 -41.36
CA GLN C 68 18.87 15.87 -40.60
C GLN C 68 18.98 15.51 -39.14
N PHE C 69 19.28 14.25 -38.90
CA PHE C 69 19.30 13.78 -37.52
C PHE C 69 20.40 14.46 -36.74
N GLU C 70 21.60 14.59 -37.37
CA GLU C 70 22.77 15.13 -36.68
C GLU C 70 22.74 16.65 -36.57
N SER C 71 22.30 17.34 -37.62
CA SER C 71 22.03 18.76 -37.50
C SER C 71 20.98 19.01 -36.43
N ALA C 72 19.89 18.25 -36.38
CA ALA C 72 18.93 18.45 -35.26
C ALA C 72 19.60 18.22 -33.88
N TRP C 73 20.40 17.17 -33.75
CA TRP C 73 21.14 16.94 -32.53
C TRP C 73 22.02 18.15 -32.17
N ALA C 74 22.83 18.65 -33.17
CA ALA C 74 23.77 19.74 -32.88
C ALA C 74 23.02 21.01 -32.44
N LEU C 75 21.94 21.35 -33.15
CA LEU C 75 21.09 22.48 -32.79
C LEU C 75 20.48 22.29 -31.41
N THR C 76 20.06 21.07 -31.06
CA THR C 76 19.37 20.94 -29.76
C THR C 76 20.39 21.08 -28.64
N ASN C 77 21.61 20.57 -28.85
CA ASN C 77 22.67 20.79 -27.89
C ASN C 77 22.94 22.27 -27.70
N ILE C 78 22.99 23.04 -28.79
CA ILE C 78 23.22 24.48 -28.62
C ILE C 78 22.03 25.08 -27.88
N ALA C 79 20.83 24.70 -28.28
CA ALA C 79 19.60 25.19 -27.64
C ALA C 79 19.46 24.79 -26.18
N SER C 80 20.16 23.73 -25.74
CA SER C 80 20.11 23.32 -24.34
CA SER C 80 20.08 23.35 -24.32
C SER C 80 21.02 24.18 -23.48
N GLY C 81 21.68 25.16 -24.08
CA GLY C 81 22.71 25.93 -23.42
C GLY C 81 22.13 27.13 -22.70
N THR C 82 22.85 28.26 -22.72
CA THR C 82 22.35 29.51 -22.15
C THR C 82 21.16 30.05 -22.95
N SER C 83 20.49 31.10 -22.42
CA SER C 83 19.35 31.69 -23.16
C SER C 83 19.79 32.35 -24.47
N GLU C 84 20.96 33.01 -24.46
CA GLU C 84 21.51 33.54 -25.71
C GLU C 84 21.80 32.42 -26.71
N GLN C 85 22.27 31.25 -26.25
CA GLN C 85 22.55 30.16 -27.18
C GLN C 85 21.27 29.67 -27.79
N THR C 86 20.22 29.56 -26.97
CA THR C 86 18.91 29.18 -27.45
C THR C 86 18.39 30.20 -28.42
N LYS C 87 18.68 31.44 -28.16
CA LYS C 87 18.24 32.50 -29.03
C LYS C 87 18.90 32.39 -30.39
N ALA C 88 20.22 32.10 -30.40
CA ALA C 88 20.93 31.93 -31.66
C ALA C 88 20.31 30.78 -32.48
N VAL C 89 19.81 29.71 -31.83
CA VAL C 89 19.12 28.67 -32.58
C VAL C 89 17.75 29.19 -33.12
N VAL C 90 16.95 29.88 -32.31
CA VAL C 90 15.62 30.38 -32.80
C VAL C 90 15.83 31.34 -33.96
N ASP C 91 16.78 32.28 -33.76
CA ASP C 91 17.16 33.30 -34.70
C ASP C 91 17.66 32.73 -36.00
N GLY C 92 18.11 31.48 -36.03
CA GLY C 92 18.49 30.85 -37.29
C GLY C 92 17.38 30.15 -38.04
N GLY C 93 16.14 30.28 -37.59
CA GLY C 93 14.97 29.76 -38.29
C GLY C 93 14.57 28.36 -37.84
N ALA C 94 15.14 27.86 -36.74
CA ALA C 94 15.03 26.44 -36.42
C ALA C 94 13.63 26.04 -36.07
N ILE C 95 12.87 26.93 -35.47
CA ILE C 95 11.57 26.46 -35.02
C ILE C 95 10.69 25.96 -36.16
N PRO C 96 10.49 26.73 -37.25
CA PRO C 96 9.66 26.16 -38.32
C PRO C 96 10.29 24.96 -38.94
N ALA C 97 11.63 24.91 -39.03
CA ALA C 97 12.35 23.75 -39.60
C ALA C 97 12.08 22.52 -38.73
N PHE C 98 11.99 22.69 -37.44
CA PHE C 98 11.65 21.57 -36.57
C PHE C 98 10.20 21.15 -36.67
N ILE C 99 9.29 22.11 -36.82
CA ILE C 99 7.90 21.69 -36.87
C ILE C 99 7.70 20.87 -38.14
N SER C 100 8.35 21.26 -39.26
CA SER C 100 8.26 20.49 -40.51
C SER C 100 8.77 19.07 -40.33
N LEU C 101 9.77 18.89 -39.48
CA LEU C 101 10.39 17.59 -39.28
C LEU C 101 9.46 16.68 -38.49
N LEU C 102 8.44 17.25 -37.82
CA LEU C 102 7.58 16.42 -37.00
C LEU C 102 6.80 15.41 -37.84
N ALA C 103 6.58 15.71 -39.09
CA ALA C 103 5.82 14.88 -40.02
C ALA C 103 6.70 13.89 -40.76
N SER C 104 8.00 13.87 -40.46
CA SER C 104 8.88 12.96 -41.16
C SER C 104 8.36 11.52 -41.07
N PRO C 105 8.36 10.76 -42.18
CA PRO C 105 8.03 9.33 -42.05
C PRO C 105 9.03 8.54 -41.16
N HIS C 106 10.18 9.11 -40.78
CA HIS C 106 11.17 8.39 -39.97
C HIS C 106 10.97 8.73 -38.50
N ALA C 107 10.57 7.72 -37.72
CA ALA C 107 10.14 7.97 -36.35
C ALA C 107 11.24 8.64 -35.56
N HIS C 108 12.49 8.25 -35.78
CA HIS C 108 13.56 8.84 -34.97
C HIS C 108 13.82 10.29 -35.34
N ILE C 109 13.54 10.67 -36.57
CA ILE C 109 13.72 12.05 -36.98
C ILE C 109 12.63 12.87 -36.36
N SER C 110 11.40 12.34 -36.44
CA SER C 110 10.27 13.01 -35.82
C SER C 110 10.54 13.23 -34.34
N GLU C 111 11.01 12.17 -33.67
CA GLU C 111 11.43 12.22 -32.27
C GLU C 111 12.52 13.27 -32.01
N GLN C 112 13.58 13.36 -32.85
CA GLN C 112 14.56 14.42 -32.59
C GLN C 112 13.91 15.81 -32.63
N ALA C 113 13.07 16.08 -33.64
CA ALA C 113 12.34 17.36 -33.73
C ALA C 113 11.47 17.60 -32.48
N VAL C 114 10.80 16.57 -31.96
CA VAL C 114 10.02 16.73 -30.70
C VAL C 114 10.95 17.15 -29.54
N TRP C 115 12.02 16.39 -29.34
CA TRP C 115 13.03 16.76 -28.39
C TRP C 115 13.56 18.17 -28.59
N ALA C 116 14.02 18.50 -29.81
CA ALA C 116 14.46 19.87 -30.09
C ALA C 116 13.42 20.89 -29.65
N LEU C 117 12.14 20.68 -29.98
CA LEU C 117 11.17 21.75 -29.74
C LEU C 117 10.94 21.92 -28.24
N GLY C 118 11.11 20.80 -27.53
CA GLY C 118 10.91 20.79 -26.10
C GLY C 118 12.04 21.49 -25.39
N ASN C 119 13.25 21.35 -25.96
CA ASN C 119 14.37 22.11 -25.42
C ASN C 119 14.20 23.60 -25.65
N ILE C 120 13.84 24.00 -26.87
CA ILE C 120 13.57 25.41 -27.15
C ILE C 120 12.47 25.95 -26.25
N ALA C 121 11.35 25.23 -26.18
CA ALA C 121 10.23 25.71 -25.35
C ALA C 121 10.64 25.82 -23.90
N GLY C 122 11.48 24.90 -23.45
CA GLY C 122 11.83 24.82 -22.06
C GLY C 122 12.69 25.94 -21.59
N ASP C 123 13.19 26.74 -22.50
CA ASP C 123 14.01 27.83 -22.06
C ASP C 123 13.22 28.84 -21.24
N GLY C 124 11.92 28.90 -21.38
CA GLY C 124 11.21 30.02 -20.77
C GLY C 124 10.02 30.43 -21.60
N SER C 125 9.27 31.41 -21.06
CA SER C 125 7.89 31.62 -21.50
C SER C 125 7.86 32.22 -22.92
N VAL C 126 8.80 33.11 -23.20
CA VAL C 126 8.91 33.70 -24.51
C VAL C 126 9.02 32.62 -25.57
N PHE C 127 10.09 31.78 -25.53
CA PHE C 127 10.23 30.83 -26.61
C PHE C 127 9.24 29.68 -26.50
N ARG C 128 8.84 29.28 -25.28
CA ARG C 128 7.65 28.43 -25.20
C ARG C 128 6.49 29.00 -25.99
N ASP C 129 6.16 30.30 -25.80
CA ASP C 129 5.00 30.88 -26.49
C ASP C 129 5.26 31.05 -27.99
N LEU C 130 6.52 31.34 -28.39
CA LEU C 130 6.85 31.43 -29.82
C LEU C 130 6.66 30.06 -30.50
N VAL C 131 7.18 28.97 -29.88
CA VAL C 131 6.98 27.60 -30.38
C VAL C 131 5.48 27.31 -30.51
N ILE C 132 4.71 27.65 -29.50
CA ILE C 132 3.27 27.50 -29.59
C ILE C 132 2.69 28.39 -30.70
N LYS C 133 3.08 29.64 -30.77
CA LYS C 133 2.47 30.52 -31.77
C LYS C 133 2.75 30.04 -33.19
N TYR C 134 3.89 29.38 -33.40
CA TYR C 134 4.12 28.80 -34.72
C TYR C 134 3.13 27.70 -35.06
N GLY C 135 2.39 27.15 -34.09
CA GLY C 135 1.48 26.06 -34.33
C GLY C 135 2.07 24.72 -34.04
N ALA C 136 3.05 24.65 -33.16
CA ALA C 136 3.59 23.34 -32.91
C ALA C 136 2.61 22.41 -32.19
N VAL C 137 1.58 22.91 -31.45
CA VAL C 137 0.82 21.99 -30.58
C VAL C 137 0.03 21.00 -31.43
N ASP C 138 -0.58 21.47 -32.51
CA ASP C 138 -1.40 20.58 -33.30
C ASP C 138 -0.65 19.38 -33.85
N PRO C 139 0.46 19.56 -34.56
CA PRO C 139 1.22 18.38 -34.98
C PRO C 139 1.79 17.51 -33.83
N LEU C 140 2.29 18.08 -32.72
CA LEU C 140 2.72 17.29 -31.56
C LEU C 140 1.57 16.42 -31.02
N LEU C 141 0.38 17.00 -30.95
CA LEU C 141 -0.70 16.23 -30.36
C LEU C 141 -1.28 15.26 -31.36
N ALA C 142 -1.29 15.62 -32.64
CA ALA C 142 -1.78 14.65 -33.60
C ALA C 142 -0.99 13.35 -33.50
N LEU C 143 0.31 13.44 -33.18
CA LEU C 143 1.05 12.19 -33.00
C LEU C 143 0.37 11.31 -31.97
N LEU C 144 -0.32 11.92 -30.98
CA LEU C 144 -0.89 11.18 -29.85
C LEU C 144 -2.38 10.90 -30.02
N ALA C 145 -2.99 11.34 -31.12
CA ALA C 145 -4.42 11.19 -31.27
C ALA C 145 -4.84 9.75 -31.55
N VAL C 146 -3.89 8.83 -31.73
CA VAL C 146 -4.24 7.44 -32.04
C VAL C 146 -5.06 6.80 -30.91
N PRO C 147 -5.92 5.82 -31.23
CA PRO C 147 -6.79 5.23 -30.19
C PRO C 147 -6.02 4.50 -29.11
N ASP C 148 -4.93 3.79 -29.46
CA ASP C 148 -4.14 3.10 -28.44
C ASP C 148 -2.70 3.62 -28.45
N MET C 149 -2.38 4.39 -27.41
CA MET C 149 -1.05 4.95 -27.33
C MET C 149 0.08 3.93 -27.13
N SER C 150 -0.23 2.65 -26.82
CA SER C 150 0.79 1.61 -26.75
C SER C 150 1.34 1.27 -28.13
N SER C 151 0.67 1.71 -29.19
CA SER C 151 1.20 1.46 -30.53
C SER C 151 2.45 2.30 -30.78
N LEU C 152 2.57 3.42 -30.09
CA LEU C 152 3.74 4.28 -30.18
C LEU C 152 4.90 3.71 -29.40
N ALA C 153 6.09 3.87 -29.96
CA ALA C 153 7.31 3.44 -29.27
C ALA C 153 7.43 4.15 -27.92
N CYS C 154 7.88 3.40 -26.93
CA CYS C 154 8.03 3.94 -25.59
C CYS C 154 8.95 5.16 -25.58
N GLY C 155 10.15 5.01 -26.11
CA GLY C 155 11.04 6.17 -26.19
C GLY C 155 10.35 7.38 -26.80
N TYR C 156 9.56 7.14 -27.85
CA TYR C 156 8.93 8.19 -28.63
C TYR C 156 7.89 8.94 -27.80
N LEU C 157 7.19 8.21 -26.96
CA LEU C 157 6.12 8.80 -26.21
C LEU C 157 6.69 9.57 -25.07
N ARG C 158 7.81 9.07 -24.53
CA ARG C 158 8.43 9.74 -23.40
C ARG C 158 8.95 11.06 -23.85
N ASN C 159 9.50 11.10 -25.06
CA ASN C 159 9.95 12.37 -25.57
C ASN C 159 8.84 13.38 -25.75
N LEU C 160 7.76 12.94 -26.38
CA LEU C 160 6.63 13.84 -26.65
C LEU C 160 6.03 14.36 -25.34
N THR C 161 5.88 13.46 -24.33
CA THR C 161 5.37 13.83 -23.02
C THR C 161 6.26 14.86 -22.35
N TRP C 162 7.58 14.68 -22.47
CA TRP C 162 8.50 15.67 -21.93
C TRP C 162 8.31 17.00 -22.60
N THR C 163 8.16 17.01 -23.90
CA THR C 163 8.04 18.29 -24.60
C THR C 163 6.71 18.94 -24.27
N LEU C 164 5.64 18.17 -24.15
CA LEU C 164 4.38 18.76 -23.71
C LEU C 164 4.51 19.36 -22.31
N SER C 165 5.24 18.70 -21.39
CA SER C 165 5.43 19.22 -20.04
C SER C 165 6.18 20.55 -20.08
N ASN C 166 7.10 20.71 -21.02
CA ASN C 166 7.78 21.98 -21.09
C ASN C 166 6.86 23.06 -21.61
N LEU C 167 5.95 22.67 -22.49
CA LEU C 167 4.98 23.62 -23.02
C LEU C 167 3.96 24.04 -21.95
N CYS C 168 3.84 23.28 -20.85
CA CYS C 168 2.98 23.60 -19.72
C CYS C 168 3.72 24.34 -18.61
N ARG C 169 5.05 24.45 -18.73
CA ARG C 169 5.90 24.89 -17.65
C ARG C 169 6.08 26.41 -17.76
N ASN C 170 6.39 27.02 -16.62
CA ASN C 170 6.88 28.41 -16.54
C ASN C 170 5.77 29.47 -16.45
N LYS C 171 6.14 30.64 -15.93
CA LYS C 171 5.10 31.64 -15.70
C LYS C 171 5.56 33.02 -16.13
N ASN C 172 4.74 34.03 -15.86
CA ASN C 172 5.04 35.42 -16.22
C ASN C 172 5.43 35.55 -17.70
N PRO C 173 4.54 35.23 -18.62
CA PRO C 173 3.18 34.71 -18.39
C PRO C 173 3.12 33.17 -18.36
N ALA C 174 2.07 32.67 -17.72
CA ALA C 174 1.66 31.29 -17.86
C ALA C 174 1.37 30.94 -19.32
N PRO C 175 1.35 29.66 -19.64
CA PRO C 175 1.10 29.23 -21.04
C PRO C 175 -0.21 29.82 -21.57
N PRO C 176 -0.33 30.01 -22.88
CA PRO C 176 -1.58 30.61 -23.41
C PRO C 176 -2.78 29.69 -23.14
N ILE C 177 -3.89 30.29 -22.77
CA ILE C 177 -5.06 29.50 -22.36
C ILE C 177 -5.47 28.48 -23.43
N ASP C 178 -5.53 28.93 -24.70
CA ASP C 178 -5.87 28.03 -25.80
C ASP C 178 -4.93 26.81 -25.88
N ALA C 179 -3.61 27.02 -25.76
CA ALA C 179 -2.67 25.90 -25.81
C ALA C 179 -2.95 24.90 -24.67
N VAL C 180 -3.17 25.42 -23.45
CA VAL C 180 -3.43 24.56 -22.29
C VAL C 180 -4.71 23.71 -22.47
N GLU C 181 -5.83 24.32 -22.91
CA GLU C 181 -7.06 23.55 -23.17
C GLU C 181 -6.89 22.52 -24.30
N GLN C 182 -5.93 22.75 -25.16
CA GLN C 182 -5.57 21.80 -26.20
C GLN C 182 -4.73 20.65 -25.68
N ILE C 183 -3.71 20.97 -24.89
CA ILE C 183 -2.85 19.95 -24.30
C ILE C 183 -3.60 19.18 -23.22
N LEU C 184 -4.36 19.86 -22.36
CA LEU C 184 -4.88 19.13 -21.20
C LEU C 184 -5.59 17.83 -21.57
N PRO C 185 -6.63 17.81 -22.45
CA PRO C 185 -7.27 16.51 -22.74
C PRO C 185 -6.31 15.38 -23.15
N THR C 186 -5.22 15.65 -23.89
CA THR C 186 -4.24 14.58 -24.20
C THR C 186 -3.53 14.14 -22.93
N LEU C 187 -3.26 15.11 -22.03
CA LEU C 187 -2.61 14.78 -20.78
C LEU C 187 -3.48 13.82 -20.01
N VAL C 188 -4.79 14.03 -20.10
CA VAL C 188 -5.72 13.14 -19.41
C VAL C 188 -5.58 11.73 -19.90
N ARG C 189 -5.47 11.57 -21.23
N ARG C 189 -5.45 11.57 -21.22
CA ARG C 189 -5.31 10.25 -21.83
CA ARG C 189 -5.31 10.24 -21.81
C ARG C 189 -3.95 9.66 -21.47
C ARG C 189 -3.93 9.65 -21.55
N LEU C 190 -2.91 10.50 -21.43
CA LEU C 190 -1.57 10.00 -21.12
C LEU C 190 -1.46 9.45 -19.70
N LEU C 191 -2.28 9.92 -18.79
CA LEU C 191 -2.28 9.39 -17.43
C LEU C 191 -2.91 8.01 -17.28
N HIS C 192 -3.52 7.48 -18.34
CA HIS C 192 -3.91 6.07 -18.39
C HIS C 192 -2.83 5.21 -19.06
N HIS C 193 -1.69 5.77 -19.44
CA HIS C 193 -0.65 4.93 -20.01
C HIS C 193 0.08 4.22 -18.86
N ASP C 194 0.75 3.09 -19.18
CA ASP C 194 1.41 2.30 -18.15
C ASP C 194 2.91 2.57 -18.03
N ASP C 195 3.47 3.38 -18.89
CA ASP C 195 4.90 3.61 -18.77
C ASP C 195 5.20 4.61 -17.65
N PRO C 196 6.07 4.27 -16.69
CA PRO C 196 6.35 5.16 -15.56
C PRO C 196 6.89 6.50 -15.94
N GLU C 197 7.70 6.56 -16.99
CA GLU C 197 8.34 7.82 -17.26
C GLU C 197 7.32 8.73 -17.91
N VAL C 198 6.47 8.15 -18.75
CA VAL C 198 5.38 8.92 -19.35
C VAL C 198 4.50 9.49 -18.25
N LEU C 199 4.13 8.62 -17.28
CA LEU C 199 3.25 9.05 -16.19
C LEU C 199 3.89 10.15 -15.37
N ALA C 200 5.17 9.97 -15.00
CA ALA C 200 5.89 10.99 -14.24
C ALA C 200 5.85 12.32 -14.95
N ASP C 201 6.23 12.35 -16.22
CA ASP C 201 6.27 13.64 -16.89
C ASP C 201 4.87 14.23 -17.04
N THR C 202 3.87 13.39 -17.25
CA THR C 202 2.52 13.89 -17.36
C THR C 202 2.06 14.49 -16.03
N CYS C 203 2.38 13.84 -14.90
CA CYS C 203 2.03 14.42 -13.61
C CYS C 203 2.77 15.75 -13.37
N TRP C 204 4.06 15.82 -13.74
CA TRP C 204 4.80 17.09 -13.69
C TRP C 204 4.10 18.16 -14.53
N ALA C 205 3.62 17.80 -15.74
CA ALA C 205 2.94 18.81 -16.55
C ALA C 205 1.76 19.40 -15.81
N ILE C 206 0.97 18.51 -15.24
CA ILE C 206 -0.21 18.88 -14.48
C ILE C 206 0.18 19.66 -13.23
N SER C 207 1.25 19.24 -12.55
CA SER C 207 1.71 20.02 -11.41
C SER C 207 1.99 21.48 -11.82
N TYR C 208 2.60 21.73 -12.99
CA TYR C 208 2.84 23.10 -13.42
C TYR C 208 1.53 23.83 -13.68
N LEU C 209 0.60 23.14 -14.32
CA LEU C 209 -0.68 23.78 -14.66
C LEU C 209 -1.49 24.11 -13.40
N THR C 210 -1.29 23.41 -12.31
CA THR C 210 -2.04 23.70 -11.11
C THR C 210 -1.33 24.67 -10.20
N ASP C 211 -0.17 25.16 -10.62
CA ASP C 211 0.65 26.01 -9.78
C ASP C 211 0.32 27.41 -10.25
N GLY C 212 -0.83 27.89 -9.83
CA GLY C 212 -1.26 29.22 -10.15
C GLY C 212 -2.58 29.56 -9.48
N PRO C 213 -3.19 30.64 -9.94
CA PRO C 213 -4.43 31.10 -9.31
C PRO C 213 -5.51 30.06 -9.52
N ASN C 214 -6.64 30.29 -8.82
CA ASN C 214 -7.72 29.34 -8.84
C ASN C 214 -8.17 29.04 -10.27
N GLU C 215 -8.31 30.08 -11.09
CA GLU C 215 -8.75 29.86 -12.46
C GLU C 215 -7.90 28.81 -13.18
N ARG C 216 -6.58 28.83 -12.94
CA ARG C 216 -5.70 27.84 -13.54
C ARG C 216 -5.96 26.47 -12.95
N ILE C 217 -6.11 26.38 -11.62
CA ILE C 217 -6.54 25.13 -11.06
C ILE C 217 -7.82 24.62 -11.71
N GLY C 218 -8.84 25.51 -11.80
CA GLY C 218 -10.08 25.15 -12.47
C GLY C 218 -9.89 24.47 -13.82
N MET C 219 -8.97 24.97 -14.65
CA MET C 219 -8.71 24.40 -15.98
C MET C 219 -8.29 22.96 -15.89
N VAL C 220 -7.46 22.64 -14.92
CA VAL C 220 -7.10 21.25 -14.72
C VAL C 220 -8.27 20.45 -14.20
N VAL C 221 -8.92 20.93 -13.14
CA VAL C 221 -9.97 20.14 -12.49
C VAL C 221 -11.12 19.85 -13.45
N LYS C 222 -11.48 20.83 -14.30
CA LYS C 222 -12.66 20.65 -15.12
C LYS C 222 -12.44 19.57 -16.18
N THR C 223 -11.19 19.14 -16.43
CA THR C 223 -10.94 18.08 -17.43
C THR C 223 -11.31 16.69 -16.94
N GLY C 224 -11.50 16.47 -15.64
CA GLY C 224 -11.84 15.13 -15.21
C GLY C 224 -10.66 14.24 -14.97
N VAL C 225 -9.49 14.80 -14.94
CA VAL C 225 -8.34 13.99 -14.63
C VAL C 225 -8.05 13.75 -13.16
N VAL C 226 -8.67 14.46 -12.22
CA VAL C 226 -8.32 14.26 -10.82
C VAL C 226 -8.44 12.79 -10.42
N PRO C 227 -9.48 11.99 -10.83
CA PRO C 227 -9.54 10.61 -10.31
C PRO C 227 -8.34 9.73 -10.70
N GLN C 228 -7.84 9.89 -11.92
CA GLN C 228 -6.61 9.22 -12.35
C GLN C 228 -5.40 9.78 -11.62
N LEU C 229 -5.36 11.10 -11.36
CA LEU C 229 -4.26 11.61 -10.54
C LEU C 229 -4.21 10.90 -9.19
N VAL C 230 -5.38 10.83 -8.53
CA VAL C 230 -5.50 10.14 -7.24
C VAL C 230 -5.03 8.69 -7.33
N LYS C 231 -5.46 7.94 -8.36
CA LYS C 231 -4.96 6.57 -8.50
C LYS C 231 -3.43 6.53 -8.43
N LEU C 232 -2.79 7.43 -9.17
CA LEU C 232 -1.36 7.49 -9.23
C LEU C 232 -0.71 7.94 -7.91
N LEU C 233 -1.39 8.71 -7.05
CA LEU C 233 -0.89 8.89 -5.69
C LEU C 233 -0.50 7.56 -5.04
N GLY C 234 -1.04 6.47 -5.54
CA GLY C 234 -0.93 5.18 -4.90
C GLY C 234 0.04 4.29 -5.63
N ALA C 235 0.68 4.82 -6.67
CA ALA C 235 1.76 4.11 -7.37
C ALA C 235 2.95 3.80 -6.46
N SER C 236 3.71 2.75 -6.85
CA SER C 236 4.95 2.44 -6.15
C SER C 236 6.13 3.25 -6.63
N GLU C 237 6.11 3.84 -7.83
CA GLU C 237 7.28 4.59 -8.24
C GLU C 237 7.22 5.95 -7.55
N LEU C 238 8.22 6.26 -6.73
CA LEU C 238 8.32 7.60 -6.19
C LEU C 238 8.36 8.67 -7.29
N PRO C 239 8.90 8.43 -8.49
CA PRO C 239 8.91 9.49 -9.50
C PRO C 239 7.54 9.76 -10.06
N ILE C 240 6.58 8.88 -9.81
CA ILE C 240 5.18 9.19 -10.12
C ILE C 240 4.48 9.88 -8.94
N VAL C 241 4.58 9.27 -7.76
CA VAL C 241 3.86 9.77 -6.57
C VAL C 241 4.22 11.21 -6.28
N THR C 242 5.50 11.56 -6.41
CA THR C 242 5.97 12.90 -6.04
C THR C 242 5.24 13.97 -6.81
N PRO C 243 5.22 13.94 -8.15
CA PRO C 243 4.46 14.96 -8.88
C PRO C 243 2.97 14.80 -8.82
N ALA C 244 2.46 13.57 -8.79
CA ALA C 244 1.04 13.42 -8.54
C ALA C 244 0.66 14.11 -7.22
N LEU C 245 1.47 13.95 -6.18
CA LEU C 245 1.13 14.53 -4.89
C LEU C 245 1.26 16.04 -4.97
N ARG C 246 2.29 16.54 -5.65
CA ARG C 246 2.37 17.98 -5.82
C ARG C 246 1.12 18.55 -6.53
N ALA C 247 0.63 17.90 -7.57
CA ALA C 247 -0.60 18.38 -8.23
C ALA C 247 -1.83 18.37 -7.31
N ILE C 248 -2.14 17.25 -6.69
CA ILE C 248 -3.24 17.16 -5.74
C ILE C 248 -3.12 18.28 -4.70
N GLY C 249 -1.91 18.43 -4.14
CA GLY C 249 -1.64 19.43 -3.15
C GLY C 249 -1.90 20.83 -3.68
N ASN C 250 -1.43 21.10 -4.89
CA ASN C 250 -1.77 22.39 -5.47
C ASN C 250 -3.28 22.57 -5.58
N ILE C 251 -3.98 21.55 -6.07
CA ILE C 251 -5.42 21.67 -6.36
C ILE C 251 -6.19 22.02 -5.11
N VAL C 252 -5.85 21.38 -4.00
CA VAL C 252 -6.57 21.63 -2.75
C VAL C 252 -6.17 22.94 -2.10
N THR C 253 -5.26 23.70 -2.72
CA THR C 253 -5.09 25.08 -2.27
C THR C 253 -6.16 26.00 -2.86
N GLY C 254 -7.07 25.46 -3.67
CA GLY C 254 -8.04 26.28 -4.38
C GLY C 254 -9.35 26.33 -3.64
N THR C 255 -10.42 26.49 -4.36
CA THR C 255 -11.72 26.69 -3.76
C THR C 255 -12.23 25.43 -3.06
N ASP C 256 -13.26 25.62 -2.22
CA ASP C 256 -13.87 24.46 -1.58
C ASP C 256 -14.38 23.47 -2.61
N GLU C 257 -14.97 23.96 -3.70
CA GLU C 257 -15.42 23.11 -4.81
C GLU C 257 -14.26 22.31 -5.39
N GLN C 258 -13.13 22.96 -5.62
CA GLN C 258 -12.03 22.26 -6.25
C GLN C 258 -11.53 21.18 -5.32
N THR C 259 -11.57 21.46 -4.01
CA THR C 259 -11.14 20.49 -3.02
C THR C 259 -12.09 19.32 -2.96
N GLN C 260 -13.38 19.62 -3.15
CA GLN C 260 -14.35 18.55 -3.14
C GLN C 260 -14.12 17.61 -4.28
N VAL C 261 -13.74 18.12 -5.45
CA VAL C 261 -13.45 17.22 -6.56
C VAL C 261 -12.39 16.18 -6.18
N VAL C 262 -11.33 16.62 -5.46
CA VAL C 262 -10.21 15.75 -5.03
C VAL C 262 -10.70 14.68 -4.04
N ILE C 263 -11.50 15.12 -3.07
CA ILE C 263 -12.07 14.19 -2.09
C ILE C 263 -12.98 13.18 -2.77
N ASP C 264 -13.86 13.65 -3.65
CA ASP C 264 -14.82 12.77 -4.31
C ASP C 264 -14.10 11.78 -5.21
N ALA C 265 -12.87 12.08 -5.61
CA ALA C 265 -12.07 11.20 -6.41
C ALA C 265 -11.34 10.16 -5.58
N GLY C 266 -11.50 10.19 -4.28
CA GLY C 266 -10.93 9.13 -3.50
C GLY C 266 -9.60 9.49 -2.88
N ALA C 267 -9.21 10.74 -2.88
CA ALA C 267 -7.87 11.01 -2.38
C ALA C 267 -7.70 10.57 -0.91
N LEU C 268 -8.72 10.75 -0.06
CA LEU C 268 -8.46 10.51 1.37
C LEU C 268 -8.00 9.07 1.62
N ALA C 269 -8.43 8.08 0.80
CA ALA C 269 -8.15 6.67 1.07
C ALA C 269 -6.68 6.31 0.91
N VAL C 270 -5.91 7.20 0.34
CA VAL C 270 -4.53 6.86 0.15
C VAL C 270 -3.69 7.51 1.21
N PHE C 271 -4.26 8.40 2.03
CA PHE C 271 -3.35 9.09 2.94
C PHE C 271 -2.81 8.22 4.08
N PRO C 272 -3.39 7.06 4.43
CA PRO C 272 -2.71 6.21 5.44
C PRO C 272 -1.31 5.88 4.97
N SER C 273 -1.16 5.63 3.68
CA SER C 273 0.15 5.30 3.18
C SER C 273 1.04 6.54 3.10
N LEU C 274 0.52 7.63 2.52
CA LEU C 274 1.33 8.83 2.35
C LEU C 274 1.80 9.35 3.69
N LEU C 275 0.91 9.36 4.70
CA LEU C 275 1.30 9.99 5.93
C LEU C 275 2.23 9.11 6.72
N THR C 276 2.49 7.89 6.24
CA THR C 276 3.45 7.00 6.91
C THR C 276 4.62 6.70 6.00
N ASN C 277 4.67 7.33 4.85
CA ASN C 277 5.61 6.93 3.82
C ASN C 277 7.02 7.25 4.28
N PRO C 278 7.92 6.24 4.34
CA PRO C 278 9.27 6.47 4.87
C PRO C 278 10.01 7.68 4.25
N LYS C 279 9.71 8.07 3.02
CA LYS C 279 10.35 9.28 2.50
C LYS C 279 9.77 10.48 3.25
N THR C 280 10.63 11.18 3.98
CA THR C 280 10.13 12.29 4.79
C THR C 280 9.44 13.32 3.92
N ASN C 281 9.93 13.49 2.67
CA ASN C 281 9.36 14.49 1.78
C ASN C 281 7.95 14.16 1.36
N ILE C 282 7.68 12.89 1.08
CA ILE C 282 6.30 12.50 0.82
C ILE C 282 5.42 12.76 2.06
N GLN C 283 5.91 12.40 3.23
CA GLN C 283 5.17 12.65 4.47
C GLN C 283 4.82 14.14 4.62
N LYS C 284 5.84 14.99 4.52
CA LYS C 284 5.71 16.43 4.65
C LYS C 284 4.68 16.97 3.67
N GLU C 285 4.77 16.57 2.39
CA GLU C 285 3.89 17.10 1.33
C GLU C 285 2.48 16.59 1.49
N ALA C 286 2.35 15.39 2.02
CA ALA C 286 1.05 14.81 2.38
C ALA C 286 0.42 15.53 3.58
N THR C 287 1.23 15.98 4.55
CA THR C 287 0.66 16.72 5.68
C THR C 287 0.31 18.12 5.27
N TRP C 288 1.19 18.76 4.48
CA TRP C 288 0.81 19.99 3.83
C TRP C 288 -0.54 19.89 3.13
N THR C 289 -0.71 18.87 2.26
CA THR C 289 -1.98 18.68 1.55
C THR C 289 -3.12 18.45 2.51
N MET C 290 -2.87 17.70 3.57
CA MET C 290 -3.95 17.49 4.53
C MET C 290 -4.30 18.82 5.21
N SER C 291 -3.32 19.70 5.40
CA SER C 291 -3.56 20.95 6.10
C SER C 291 -4.46 21.86 5.25
N ASN C 292 -4.42 21.72 3.94
CA ASN C 292 -5.30 22.52 3.10
C ASN C 292 -6.69 21.94 2.99
N ILE C 293 -6.84 20.63 3.17
CA ILE C 293 -8.16 19.99 3.27
C ILE C 293 -8.82 20.27 4.62
N THR C 294 -8.06 20.28 5.74
CA THR C 294 -8.68 20.64 7.03
C THR C 294 -9.02 22.12 7.16
N ALA C 295 -8.53 22.96 6.24
CA ALA C 295 -8.93 24.35 6.06
C ALA C 295 -10.22 24.50 5.26
N GLY C 296 -10.74 23.42 4.68
CA GLY C 296 -12.02 23.38 3.99
C GLY C 296 -13.26 23.40 4.89
N ARG C 297 -14.38 23.00 4.29
CA ARG C 297 -15.68 23.13 4.95
C ARG C 297 -15.81 22.06 6.01
N GLN C 298 -16.83 22.21 6.84
CA GLN C 298 -17.03 21.26 7.90
C GLN C 298 -17.33 19.88 7.35
N ASP C 299 -18.11 19.80 6.26
CA ASP C 299 -18.39 18.49 5.67
C ASP C 299 -17.13 17.82 5.16
N GLN C 300 -16.12 18.61 4.73
CA GLN C 300 -14.83 18.08 4.25
C GLN C 300 -13.96 17.60 5.41
N ILE C 301 -13.90 18.38 6.49
CA ILE C 301 -13.29 17.91 7.73
C ILE C 301 -13.89 16.60 8.15
N GLN C 302 -15.22 16.47 8.03
CA GLN C 302 -15.90 15.23 8.40
C GLN C 302 -15.46 14.07 7.50
N GLN C 303 -15.15 14.36 6.23
N GLN C 303 -15.15 14.36 6.23
CA GLN C 303 -14.64 13.29 5.37
CA GLN C 303 -14.63 13.31 5.34
C GLN C 303 -13.23 12.87 5.82
C GLN C 303 -13.23 12.89 5.78
N VAL C 304 -12.42 13.83 6.30
CA VAL C 304 -11.14 13.51 6.91
C VAL C 304 -11.32 12.61 8.15
N VAL C 305 -12.25 12.97 9.01
CA VAL C 305 -12.56 12.10 10.14
C VAL C 305 -13.03 10.75 9.66
N ASN C 306 -14.01 10.73 8.75
CA ASN C 306 -14.65 9.48 8.40
C ASN C 306 -13.67 8.44 7.86
N HIS C 307 -12.57 8.90 7.21
CA HIS C 307 -11.48 8.12 6.58
C HIS C 307 -10.37 7.82 7.56
N GLY C 308 -10.58 8.10 8.84
CA GLY C 308 -9.69 7.60 9.86
C GLY C 308 -8.38 8.30 9.86
N LEU C 309 -8.31 9.47 9.23
CA LEU C 309 -7.02 10.13 9.09
C LEU C 309 -6.58 10.89 10.33
N VAL C 310 -7.45 11.19 11.28
CA VAL C 310 -7.00 12.01 12.42
C VAL C 310 -5.98 11.28 13.29
N PRO C 311 -6.17 10.02 13.67
CA PRO C 311 -5.07 9.33 14.38
C PRO C 311 -3.74 9.36 13.58
N PHE C 312 -3.79 9.33 12.25
CA PHE C 312 -2.54 9.44 11.49
C PHE C 312 -1.94 10.83 11.66
N LEU C 313 -2.76 11.88 11.57
CA LEU C 313 -2.21 13.20 11.79
C LEU C 313 -1.60 13.34 13.18
N VAL C 314 -2.32 12.87 14.22
CA VAL C 314 -1.77 12.89 15.57
C VAL C 314 -0.40 12.23 15.59
N SER C 315 -0.31 11.05 14.97
CA SER C 315 0.93 10.30 14.99
C SER C 315 2.03 11.09 14.33
N VAL C 316 1.71 11.74 13.19
CA VAL C 316 2.70 12.58 12.53
C VAL C 316 3.13 13.69 13.49
N LEU C 317 2.17 14.40 14.09
CA LEU C 317 2.51 15.51 14.99
C LEU C 317 3.38 15.04 16.16
N SER C 318 3.25 13.78 16.55
CA SER C 318 4.01 13.29 17.68
C SER C 318 5.44 12.96 17.32
N LYS C 319 5.65 12.25 16.19
CA LYS C 319 6.92 11.58 15.97
C LYS C 319 7.65 11.96 14.69
N ALA C 320 7.09 12.84 13.86
CA ALA C 320 7.75 13.17 12.59
C ALA C 320 8.82 14.22 12.82
N ASP C 321 9.67 14.40 11.82
CA ASP C 321 10.63 15.50 11.83
C ASP C 321 9.92 16.86 11.97
N PHE C 322 10.70 17.84 12.39
CA PHE C 322 10.14 19.12 12.80
C PHE C 322 9.46 19.83 11.64
N LYS C 323 10.05 19.78 10.44
CA LYS C 323 9.44 20.38 9.27
C LYS C 323 8.09 19.78 8.99
N THR C 324 7.99 18.45 9.06
CA THR C 324 6.69 17.82 8.91
C THR C 324 5.79 18.17 10.09
N GLN C 325 6.31 18.14 11.31
CA GLN C 325 5.48 18.52 12.48
C GLN C 325 4.82 19.88 12.29
N LYS C 326 5.51 20.84 11.65
CA LYS C 326 4.93 22.15 11.43
C LYS C 326 3.73 22.04 10.52
N GLU C 327 3.83 21.24 9.47
CA GLU C 327 2.70 21.02 8.61
C GLU C 327 1.53 20.45 9.39
N ALA C 328 1.82 19.49 10.28
CA ALA C 328 0.79 18.88 11.11
C ALA C 328 0.17 19.89 12.05
N VAL C 329 0.96 20.84 12.55
CA VAL C 329 0.42 21.89 13.41
C VAL C 329 -0.58 22.74 12.64
N TRP C 330 -0.26 23.08 11.40
CA TRP C 330 -1.20 23.85 10.60
C TRP C 330 -2.45 23.05 10.32
N ALA C 331 -2.28 21.76 10.00
CA ALA C 331 -3.44 20.90 9.71
C ALA C 331 -4.39 20.87 10.92
N VAL C 332 -3.87 20.70 12.14
CA VAL C 332 -4.75 20.65 13.31
C VAL C 332 -5.35 22.02 13.58
N THR C 333 -4.57 23.09 13.43
CA THR C 333 -5.14 24.40 13.72
C THR C 333 -6.29 24.72 12.78
N ASN C 334 -6.09 24.50 11.46
CA ASN C 334 -7.18 24.68 10.49
C ASN C 334 -8.38 23.80 10.83
N TYR C 335 -8.14 22.56 11.25
CA TYR C 335 -9.23 21.72 11.75
C TYR C 335 -9.99 22.40 12.89
N THR C 336 -9.25 22.89 13.89
CA THR C 336 -9.95 23.44 15.05
C THR C 336 -10.56 24.77 14.70
N SER C 337 -9.98 25.48 13.73
CA SER C 337 -10.58 26.74 13.29
C SER C 337 -11.93 26.54 12.56
N GLY C 338 -12.02 25.59 11.65
CA GLY C 338 -13.21 25.39 10.87
C GLY C 338 -14.12 24.28 11.34
N GLY C 339 -13.75 23.56 12.37
CA GLY C 339 -14.48 22.37 12.74
C GLY C 339 -15.65 22.58 13.67
N THR C 340 -16.53 21.57 13.70
CA THR C 340 -17.67 21.67 14.62
C THR C 340 -17.20 21.29 16.01
N VAL C 341 -18.05 21.54 17.01
CA VAL C 341 -17.71 21.13 18.37
C VAL C 341 -17.49 19.62 18.44
N GLU C 342 -18.38 18.85 17.83
CA GLU C 342 -18.24 17.39 17.84
C GLU C 342 -16.93 16.94 17.21
N GLN C 343 -16.55 17.54 16.07
CA GLN C 343 -15.27 17.23 15.44
C GLN C 343 -14.07 17.60 16.32
N ILE C 344 -14.13 18.75 17.01
CA ILE C 344 -13.03 19.12 17.91
C ILE C 344 -12.95 18.16 19.07
N VAL C 345 -14.10 17.76 19.61
CA VAL C 345 -14.16 16.76 20.67
C VAL C 345 -13.43 15.50 20.20
N TYR C 346 -13.69 15.08 18.96
CA TYR C 346 -13.09 13.85 18.46
C TYR C 346 -11.59 14.02 18.29
N LEU C 347 -11.19 15.19 17.83
CA LEU C 347 -9.78 15.51 17.78
C LEU C 347 -9.13 15.28 19.13
N VAL C 348 -9.69 15.88 20.19
CA VAL C 348 -9.13 15.72 21.53
C VAL C 348 -9.16 14.26 21.93
N HIS C 349 -10.27 13.58 21.65
CA HIS C 349 -10.38 12.14 21.90
C HIS C 349 -9.23 11.41 21.24
N CYS C 350 -8.77 11.89 20.08
CA CYS C 350 -7.69 11.22 19.37
C CYS C 350 -6.31 11.49 19.97
N GLY C 351 -6.21 12.27 21.04
CA GLY C 351 -4.93 12.46 21.72
C GLY C 351 -4.11 13.65 21.26
N ILE C 352 -4.76 14.69 20.72
CA ILE C 352 -3.96 15.75 20.12
C ILE C 352 -3.23 16.60 21.15
N ILE C 353 -3.76 16.65 22.37
CA ILE C 353 -3.31 17.63 23.37
C ILE C 353 -1.83 17.47 23.67
N GLU C 354 -1.42 16.27 24.06
CA GLU C 354 -0.03 16.10 24.50
C GLU C 354 0.99 16.34 23.37
N PRO C 355 0.85 15.78 22.17
CA PRO C 355 1.84 16.15 21.12
C PRO C 355 1.83 17.63 20.83
N LEU C 356 0.66 18.26 20.88
CA LEU C 356 0.61 19.68 20.59
C LEU C 356 1.33 20.45 21.69
N MET C 357 1.16 20.01 22.93
CA MET C 357 1.81 20.70 24.06
C MET C 357 3.32 20.49 24.03
N ASN C 358 3.76 19.29 23.65
CA ASN C 358 5.18 19.00 23.63
C ASN C 358 5.91 19.90 22.64
N LEU C 359 5.21 20.39 21.62
CA LEU C 359 5.83 21.30 20.65
C LEU C 359 5.96 22.72 21.17
N LEU C 360 5.43 23.01 22.36
CA LEU C 360 5.56 24.35 22.93
C LEU C 360 6.98 24.64 23.38
N THR C 361 7.91 23.69 23.25
CA THR C 361 9.31 23.94 23.54
C THR C 361 10.06 24.40 22.30
N ALA C 362 9.42 24.41 21.13
CA ALA C 362 10.14 24.86 19.94
C ALA C 362 10.46 26.35 20.05
N LYS C 363 11.53 26.78 19.39
CA LYS C 363 11.95 28.17 19.48
C LYS C 363 11.31 29.07 18.42
N ASP C 364 10.67 28.48 17.42
CA ASP C 364 10.03 29.24 16.37
C ASP C 364 8.73 29.90 16.87
N THR C 365 8.73 31.24 16.92
CA THR C 365 7.61 31.97 17.51
C THR C 365 6.31 31.74 16.74
N LYS C 366 6.40 31.66 15.41
CA LYS C 366 5.20 31.49 14.60
C LYS C 366 4.50 30.19 14.97
N ILE C 367 5.25 29.11 15.11
CA ILE C 367 4.62 27.84 15.37
C ILE C 367 4.03 27.81 16.78
N ILE C 368 4.73 28.40 17.73
CA ILE C 368 4.19 28.55 19.07
C ILE C 368 2.84 29.25 19.02
N LEU C 369 2.78 30.40 18.34
CA LEU C 369 1.53 31.13 18.29
C LEU C 369 0.43 30.31 17.62
N VAL C 370 0.78 29.56 16.57
CA VAL C 370 -0.27 28.80 15.91
C VAL C 370 -0.79 27.71 16.83
N ILE C 371 0.10 27.04 17.54
CA ILE C 371 -0.31 26.04 18.52
C ILE C 371 -1.29 26.65 19.52
N LEU C 372 -0.91 27.82 20.09
CA LEU C 372 -1.74 28.46 21.11
C LEU C 372 -3.14 28.79 20.59
N ASP C 373 -3.23 29.26 19.32
CA ASP C 373 -4.52 29.45 18.66
C ASP C 373 -5.33 28.15 18.61
N ALA C 374 -4.71 27.06 18.16
CA ALA C 374 -5.39 25.78 18.20
C ALA C 374 -5.93 25.47 19.60
N ILE C 375 -5.13 25.78 20.64
CA ILE C 375 -5.54 25.49 22.02
C ILE C 375 -6.74 26.34 22.40
N SER C 376 -6.70 27.63 22.03
CA SER C 376 -7.85 28.51 22.23
C SER C 376 -9.10 27.99 21.53
N ASN C 377 -8.97 27.59 20.26
CA ASN C 377 -10.12 27.06 19.52
C ASN C 377 -10.71 25.83 20.18
N ILE C 378 -9.85 24.94 20.71
CA ILE C 378 -10.34 23.75 21.40
C ILE C 378 -11.06 24.16 22.68
N PHE C 379 -10.53 25.17 23.39
CA PHE C 379 -11.20 25.66 24.60
C PHE C 379 -12.56 26.23 24.24
N GLN C 380 -12.64 26.96 23.11
CA GLN C 380 -13.92 27.52 22.73
C GLN C 380 -14.96 26.42 22.51
N ALA C 381 -14.56 25.31 21.88
CA ALA C 381 -15.49 24.19 21.76
C ALA C 381 -15.87 23.67 23.14
N ALA C 382 -14.90 23.63 24.06
CA ALA C 382 -15.20 23.15 25.40
C ALA C 382 -16.17 24.09 26.10
N GLU C 383 -15.99 25.39 25.89
CA GLU C 383 -16.90 26.38 26.45
C GLU C 383 -18.35 26.10 26.04
N LYS C 384 -18.57 25.87 24.73
CA LYS C 384 -19.91 25.59 24.25
C LYS C 384 -20.48 24.34 24.90
N LEU C 385 -19.64 23.41 25.34
CA LEU C 385 -20.10 22.20 26.03
C LEU C 385 -20.12 22.33 27.55
N GLY C 386 -19.53 23.39 28.10
CA GLY C 386 -19.46 23.51 29.54
C GLY C 386 -18.47 22.56 30.17
N GLU C 387 -17.42 22.16 29.43
CA GLU C 387 -16.40 21.22 29.89
C GLU C 387 -15.01 21.84 29.90
N THR C 388 -14.92 23.15 30.11
CA THR C 388 -13.62 23.79 30.11
C THR C 388 -12.74 23.29 31.24
N GLU C 389 -13.35 22.94 32.39
CA GLU C 389 -12.58 22.41 33.52
C GLU C 389 -11.94 21.08 33.16
N LYS C 390 -12.71 20.18 32.55
CA LYS C 390 -12.16 18.88 32.16
C LYS C 390 -10.98 19.05 31.22
N LEU C 391 -11.06 20.03 30.31
CA LEU C 391 -9.95 20.26 29.39
C LEU C 391 -8.73 20.78 30.15
N SER C 392 -8.94 21.72 31.07
CA SER C 392 -7.83 22.25 31.87
C SER C 392 -7.10 21.14 32.63
N ILE C 393 -7.84 20.26 33.32
CA ILE C 393 -7.22 19.13 34.01
C ILE C 393 -6.48 18.22 33.01
N MET C 394 -7.10 17.95 31.87
CA MET C 394 -6.44 17.14 30.84
C MET C 394 -5.10 17.75 30.45
N ILE C 395 -5.08 19.06 30.22
CA ILE C 395 -3.84 19.70 29.81
C ILE C 395 -2.83 19.66 30.95
N GLU C 396 -3.29 19.88 32.17
CA GLU C 396 -2.38 19.87 33.30
C GLU C 396 -1.80 18.47 33.53
N GLU C 397 -2.62 17.44 33.36
CA GLU C 397 -2.16 16.08 33.65
C GLU C 397 -0.89 15.71 32.87
N CYS C 398 -0.86 15.99 31.57
CA CYS C 398 0.29 15.66 30.74
C CYS C 398 1.40 16.70 30.82
N GLY C 399 1.37 17.58 31.83
CA GLY C 399 2.37 18.64 31.94
C GLY C 399 2.25 19.77 30.93
N GLY C 400 1.16 19.82 30.19
CA GLY C 400 0.98 20.92 29.25
C GLY C 400 0.97 22.28 29.94
N LEU C 401 0.30 22.38 31.09
CA LEU C 401 0.22 23.67 31.79
C LEU C 401 1.62 24.17 32.15
N ASP C 402 2.49 23.27 32.62
CA ASP C 402 3.87 23.64 32.88
C ASP C 402 4.53 24.29 31.67
N LYS C 403 4.32 23.70 30.48
CA LYS C 403 4.91 24.21 29.24
C LYS C 403 4.29 25.55 28.84
N ILE C 404 2.98 25.71 29.02
CA ILE C 404 2.36 27.01 28.78
C ILE C 404 2.95 28.03 29.74
N GLU C 405 3.02 27.68 31.05
CA GLU C 405 3.58 28.61 32.07
C GLU C 405 5.02 28.98 31.74
N ALA C 406 5.77 28.02 31.17
CA ALA C 406 7.15 28.27 30.76
C ALA C 406 7.21 29.35 29.70
N LEU C 407 6.14 29.54 28.93
CA LEU C 407 6.09 30.54 27.88
C LEU C 407 5.88 31.95 28.42
N GLN C 408 5.64 32.09 29.73
CA GLN C 408 5.46 33.38 30.37
C GLN C 408 6.81 34.07 30.56
N ASN C 409 7.42 34.45 29.43
CA ASN C 409 8.72 35.09 29.44
C ASN C 409 8.63 36.39 28.66
N HIS C 410 8.94 37.51 29.32
CA HIS C 410 8.80 38.81 28.65
C HIS C 410 9.83 39.06 27.55
N GLU C 411 10.87 38.21 27.44
CA GLU C 411 11.81 38.34 26.34
C GLU C 411 11.11 38.18 24.99
N ASN C 412 9.91 37.61 24.96
CA ASN C 412 9.17 37.42 23.72
C ASN C 412 7.73 37.76 24.07
N GLU C 413 7.37 39.01 23.82
CA GLU C 413 6.06 39.50 24.22
C GLU C 413 4.92 38.84 23.45
N SER C 414 5.12 38.54 22.16
CA SER C 414 4.04 37.88 21.43
C SER C 414 3.60 36.59 22.12
N VAL C 415 4.57 35.73 22.48
CA VAL C 415 4.27 34.47 23.15
C VAL C 415 3.81 34.72 24.59
N TYR C 416 4.41 35.70 25.27
CA TYR C 416 3.97 36.02 26.63
C TYR C 416 2.48 36.37 26.62
N LYS C 417 2.08 37.27 25.73
CA LYS C 417 0.69 37.70 25.70
C LYS C 417 -0.23 36.55 25.34
N ALA C 418 0.17 35.74 24.35
CA ALA C 418 -0.68 34.64 23.89
C ALA C 418 -0.88 33.63 25.01
N SER C 419 0.22 33.22 25.67
CA SER C 419 0.11 32.30 26.79
C SER C 419 -0.64 32.92 27.97
N LEU C 420 -0.42 34.22 28.23
CA LEU C 420 -1.13 34.86 29.34
C LEU C 420 -2.65 34.79 29.13
N SER C 421 -3.13 35.20 27.94
CA SER C 421 -4.56 35.11 27.66
C SER C 421 -5.10 33.72 27.97
N LEU C 422 -4.42 32.66 27.54
CA LEU C 422 -4.95 31.33 27.83
C LEU C 422 -4.96 31.02 29.32
N ILE C 423 -3.91 31.45 30.02
CA ILE C 423 -3.83 31.21 31.46
C ILE C 423 -4.93 32.00 32.16
N GLU C 424 -5.09 33.27 31.79
CA GLU C 424 -6.08 34.10 32.44
C GLU C 424 -7.47 33.57 32.18
N LYS C 425 -7.73 33.05 30.98
CA LYS C 425 -9.09 32.66 30.65
C LYS C 425 -9.46 31.33 31.31
N TYR C 426 -8.53 30.38 31.36
CA TYR C 426 -8.88 29.02 31.70
C TYR C 426 -8.03 28.44 32.80
N PHE C 427 -7.01 29.14 33.28
CA PHE C 427 -6.17 28.60 34.34
C PHE C 427 -6.01 29.57 35.50
N SER C 428 -7.01 30.43 35.70
CA SER C 428 -7.02 31.41 36.80
C SER C 428 -7.11 30.71 38.15
N ASN D 6 -13.60 34.68 12.35
CA ASN D 6 -12.59 35.59 11.80
C ASN D 6 -13.17 36.99 11.63
N TRP D 7 -12.32 37.94 11.25
CA TRP D 7 -12.70 39.32 10.98
C TRP D 7 -12.97 39.53 9.50
N SER D 8 -13.60 40.65 9.18
CA SER D 8 -13.80 41.10 7.81
C SER D 8 -12.79 42.18 7.44
N VAL D 9 -12.58 42.36 6.13
CA VAL D 9 -11.61 43.36 5.70
C VAL D 9 -12.01 44.72 6.24
N ASP D 10 -13.32 44.96 6.38
CA ASP D 10 -13.82 46.24 6.88
C ASP D 10 -13.54 46.39 8.37
N ASP D 11 -13.83 45.33 9.15
CA ASP D 11 -13.48 45.37 10.57
C ASP D 11 -11.96 45.49 10.74
N ILE D 12 -11.19 44.88 9.86
CA ILE D 12 -9.73 45.00 9.97
C ILE D 12 -9.30 46.44 9.68
N VAL D 13 -9.77 46.99 8.55
CA VAL D 13 -9.43 48.37 8.21
C VAL D 13 -9.81 49.32 9.34
N LYS D 14 -10.95 49.05 10.00
CA LYS D 14 -11.38 49.91 11.10
C LYS D 14 -10.43 49.77 12.29
N GLY D 15 -10.00 48.53 12.56
CA GLY D 15 -9.12 48.30 13.68
C GLY D 15 -7.74 48.90 13.48
N ILE D 16 -7.24 48.84 12.25
CA ILE D 16 -5.90 49.35 12.03
C ILE D 16 -5.90 50.86 12.02
N ASN D 17 -7.01 51.49 11.62
CA ASN D 17 -7.07 52.95 11.50
C ASN D 17 -7.45 53.59 12.81
N SER D 18 -7.23 52.90 13.91
CA SER D 18 -7.58 53.38 15.24
C SER D 18 -6.35 54.00 15.90
N SER D 19 -6.60 55.02 16.71
CA SER D 19 -5.52 55.70 17.42
C SER D 19 -4.99 54.86 18.58
N ASN D 20 -5.81 53.95 19.13
CA ASN D 20 -5.34 53.06 20.17
C ASN D 20 -4.47 51.95 19.58
N VAL D 21 -3.26 51.79 20.12
CA VAL D 21 -2.29 50.84 19.57
C VAL D 21 -2.77 49.40 19.77
N GLU D 22 -3.48 49.11 20.86
CA GLU D 22 -3.90 47.74 21.09
C GLU D 22 -4.95 47.30 20.08
N ASN D 23 -5.83 48.22 19.69
CA ASN D 23 -6.82 47.91 18.66
C ASN D 23 -6.14 47.70 17.33
N GLN D 24 -5.05 48.43 17.07
CA GLN D 24 -4.26 48.20 15.86
C GLN D 24 -3.61 46.81 15.90
N LEU D 25 -3.06 46.42 17.06
CA LEU D 25 -2.43 45.13 17.16
C LEU D 25 -3.42 44.00 16.91
N GLN D 26 -4.58 44.05 17.56
CA GLN D 26 -5.57 43.00 17.38
C GLN D 26 -6.03 42.89 15.92
N ALA D 27 -6.23 44.03 15.24
CA ALA D 27 -6.61 44.00 13.83
C ALA D 27 -5.51 43.38 12.98
N THR D 28 -4.24 43.70 13.27
CA THR D 28 -3.14 43.10 12.53
C THR D 28 -3.07 41.61 12.79
N GLN D 29 -3.31 41.18 14.03
CA GLN D 29 -3.35 39.74 14.32
C GLN D 29 -4.44 39.04 13.54
N ALA D 30 -5.66 39.59 13.56
CA ALA D 30 -6.74 39.03 12.76
C ALA D 30 -6.37 38.99 11.28
N ALA D 31 -5.80 40.07 10.76
CA ALA D 31 -5.32 40.05 9.39
C ALA D 31 -4.30 38.92 9.17
N ARG D 32 -3.33 38.77 10.08
CA ARG D 32 -2.33 37.71 9.97
C ARG D 32 -3.00 36.35 9.90
N LYS D 33 -4.00 36.12 10.75
CA LYS D 33 -4.71 34.84 10.79
C LYS D 33 -5.47 34.62 9.50
N LEU D 34 -6.11 35.67 8.98
CA LEU D 34 -6.86 35.53 7.73
C LEU D 34 -5.93 35.29 6.55
N LEU D 35 -4.74 35.86 6.58
CA LEU D 35 -3.80 35.72 5.47
C LEU D 35 -2.88 34.50 5.60
N SER D 36 -2.81 33.88 6.78
CA SER D 36 -1.87 32.78 6.98
C SER D 36 -2.43 31.50 6.41
N ARG D 37 -3.74 31.36 6.37
CA ARG D 37 -4.32 30.19 5.71
C ARG D 37 -3.94 30.22 4.22
N GLU D 38 -3.44 29.08 3.72
CA GLU D 38 -3.11 28.94 2.31
C GLU D 38 -4.33 28.56 1.43
N LYS D 39 -5.54 28.67 1.98
CA LYS D 39 -6.76 28.36 1.25
C LYS D 39 -7.54 29.67 1.12
N GLN D 40 -7.53 30.23 -0.08
CA GLN D 40 -8.31 31.41 -0.47
C GLN D 40 -8.09 32.60 0.46
N PRO D 41 -6.85 33.00 0.70
CA PRO D 41 -6.65 34.25 1.49
C PRO D 41 -7.02 35.47 0.66
N PRO D 42 -7.78 36.41 1.26
CA PRO D 42 -8.28 37.53 0.48
C PRO D 42 -7.19 38.59 0.30
N ILE D 43 -6.17 38.25 -0.47
CA ILE D 43 -5.03 39.15 -0.62
C ILE D 43 -5.43 40.39 -1.44
N ASP D 44 -6.18 40.19 -2.52
CA ASP D 44 -6.58 41.32 -3.36
C ASP D 44 -7.41 42.35 -2.58
N ASN D 45 -8.32 41.89 -1.72
CA ASN D 45 -9.15 42.83 -0.99
C ASN D 45 -8.35 43.59 0.06
N ILE D 46 -7.41 42.90 0.72
CA ILE D 46 -6.57 43.56 1.72
C ILE D 46 -5.69 44.61 1.05
N ILE D 47 -5.16 44.30 -0.13
CA ILE D 47 -4.35 45.29 -0.83
C ILE D 47 -5.20 46.50 -1.20
N ARG D 48 -6.33 46.28 -1.90
CA ARG D 48 -7.17 47.39 -2.34
C ARG D 48 -7.58 48.29 -1.18
N ALA D 49 -7.69 47.71 0.02
CA ALA D 49 -8.00 48.50 1.22
C ALA D 49 -6.85 49.41 1.62
N GLY D 50 -5.67 49.24 1.03
CA GLY D 50 -4.53 50.08 1.37
C GLY D 50 -3.90 49.69 2.68
N LEU D 51 -3.91 48.39 3.01
CA LEU D 51 -3.34 47.95 4.27
C LEU D 51 -1.85 47.68 4.22
N ILE D 52 -1.24 47.64 3.03
CA ILE D 52 0.20 47.38 2.97
C ILE D 52 0.99 48.53 3.59
N PRO D 53 0.79 49.79 3.20
CA PRO D 53 1.52 50.87 3.88
C PRO D 53 1.33 50.89 5.40
N LYS D 54 0.14 50.52 5.90
CA LYS D 54 -0.05 50.45 7.35
C LYS D 54 0.83 49.36 7.97
N PHE D 55 0.85 48.17 7.37
CA PHE D 55 1.74 47.14 7.86
C PHE D 55 3.20 47.58 7.79
N VAL D 56 3.59 48.25 6.71
CA VAL D 56 4.97 48.68 6.59
C VAL D 56 5.30 49.67 7.69
N SER D 57 4.41 50.64 7.93
CA SER D 57 4.64 51.57 9.02
C SER D 57 4.74 50.82 10.35
N PHE D 58 3.91 49.80 10.56
CA PHE D 58 3.97 49.08 11.83
C PHE D 58 5.35 48.42 12.04
N LEU D 59 6.03 48.03 10.96
CA LEU D 59 7.36 47.43 11.09
C LEU D 59 8.29 48.34 11.87
N GLY D 60 8.07 49.64 11.77
CA GLY D 60 8.92 50.54 12.50
C GLY D 60 8.54 50.82 13.94
N ARG D 61 7.49 50.19 14.46
CA ARG D 61 7.08 50.42 15.84
C ARG D 61 7.99 49.66 16.81
N THR D 62 9.17 50.24 17.07
CA THR D 62 10.12 49.58 17.95
C THR D 62 9.54 49.41 19.37
N ASP D 63 8.58 50.23 19.75
CA ASP D 63 8.03 50.13 21.10
C ASP D 63 7.03 48.99 21.23
N CYS D 64 6.60 48.36 20.11
CA CYS D 64 5.54 47.35 20.11
C CYS D 64 6.02 46.20 19.20
N SER D 65 6.87 45.35 19.76
CA SER D 65 7.39 44.23 19.00
C SER D 65 6.29 43.27 18.55
N PRO D 66 5.20 43.06 19.27
CA PRO D 66 4.19 42.14 18.71
C PRO D 66 3.60 42.64 17.40
N ILE D 67 3.35 43.96 17.26
CA ILE D 67 2.73 44.43 16.03
C ILE D 67 3.74 44.39 14.88
N GLN D 68 5.04 44.60 15.16
CA GLN D 68 6.06 44.33 14.17
C GLN D 68 6.01 42.86 13.73
N PHE D 69 5.99 41.95 14.70
CA PHE D 69 5.99 40.54 14.37
C PHE D 69 4.80 40.20 13.47
N GLU D 70 3.60 40.65 13.87
CA GLU D 70 2.37 40.38 13.13
C GLU D 70 2.41 41.05 11.76
N SER D 71 2.82 42.31 11.70
CA SER D 71 2.81 42.98 10.41
C SER D 71 3.79 42.33 9.44
N ALA D 72 4.99 41.99 9.91
CA ALA D 72 5.93 41.27 9.07
C ALA D 72 5.31 39.96 8.58
N TRP D 73 4.57 39.27 9.46
CA TRP D 73 3.96 38.00 9.08
C TRP D 73 2.91 38.20 8.02
N ALA D 74 2.05 39.22 8.21
CA ALA D 74 0.98 39.52 7.24
C ALA D 74 1.57 39.89 5.89
N LEU D 75 2.62 40.70 5.86
CA LEU D 75 3.19 41.14 4.59
C LEU D 75 3.86 39.96 3.84
N THR D 76 4.54 39.08 4.56
CA THR D 76 5.13 37.92 3.94
C THR D 76 4.04 37.05 3.32
N ASN D 77 2.95 36.82 4.06
CA ASN D 77 1.87 36.05 3.47
C ASN D 77 1.39 36.69 2.17
N ILE D 78 1.22 38.02 2.16
CA ILE D 78 0.73 38.72 0.97
C ILE D 78 1.71 38.55 -0.18
N ALA D 79 3.01 38.63 0.13
CA ALA D 79 4.04 38.46 -0.90
C ALA D 79 4.11 37.04 -1.44
N SER D 80 3.52 36.03 -0.76
CA SER D 80 3.57 34.63 -1.20
C SER D 80 2.49 34.29 -2.24
N GLY D 81 1.73 35.29 -2.70
CA GLY D 81 0.76 35.04 -3.74
C GLY D 81 1.32 35.24 -5.14
N THR D 82 0.55 35.98 -5.95
CA THR D 82 0.90 36.22 -7.34
C THR D 82 2.02 37.25 -7.44
N SER D 83 2.61 37.36 -8.63
CA SER D 83 3.73 38.27 -8.80
C SER D 83 3.30 39.71 -8.51
N GLU D 84 2.07 40.06 -8.88
CA GLU D 84 1.59 41.42 -8.67
C GLU D 84 1.40 41.71 -7.18
N GLN D 85 1.04 40.69 -6.40
CA GLN D 85 0.92 40.88 -4.96
C GLN D 85 2.30 40.98 -4.32
N THR D 86 3.26 40.20 -4.77
CA THR D 86 4.62 40.37 -4.28
C THR D 86 5.15 41.75 -4.65
N LYS D 87 4.92 42.17 -5.89
CA LYS D 87 5.35 43.49 -6.32
C LYS D 87 4.73 44.57 -5.45
N ALA D 88 3.46 44.40 -5.07
CA ALA D 88 2.81 45.37 -4.20
C ALA D 88 3.48 45.45 -2.83
N VAL D 89 3.93 44.31 -2.31
CA VAL D 89 4.65 44.33 -1.03
C VAL D 89 5.97 45.07 -1.17
N VAL D 90 6.70 44.79 -2.25
CA VAL D 90 7.97 45.47 -2.46
C VAL D 90 7.78 46.96 -2.71
N ASP D 91 6.80 47.33 -3.55
CA ASP D 91 6.57 48.74 -3.86
C ASP D 91 6.11 49.53 -2.64
N GLY D 92 5.45 48.87 -1.68
CA GLY D 92 5.13 49.52 -0.41
C GLY D 92 6.32 49.84 0.49
N GLY D 93 7.54 49.46 0.10
CA GLY D 93 8.72 49.70 0.91
C GLY D 93 8.96 48.66 1.97
N ALA D 94 8.46 47.45 1.79
CA ALA D 94 8.66 46.44 2.83
C ALA D 94 10.15 46.10 2.98
N ILE D 95 10.91 46.10 1.89
CA ILE D 95 12.27 45.55 1.97
C ILE D 95 13.17 46.39 2.87
N PRO D 96 13.30 47.69 2.67
CA PRO D 96 14.02 48.51 3.67
C PRO D 96 13.51 48.32 5.10
N ALA D 97 12.19 48.16 5.28
CA ALA D 97 11.65 48.00 6.63
C ALA D 97 12.07 46.67 7.24
N PHE D 98 12.10 45.60 6.44
CA PHE D 98 12.59 44.33 6.95
C PHE D 98 14.08 44.44 7.28
N ILE D 99 14.84 45.05 6.40
CA ILE D 99 16.27 45.20 6.67
C ILE D 99 16.47 45.94 7.97
N SER D 100 15.82 47.09 8.12
CA SER D 100 15.95 47.81 9.38
C SER D 100 15.56 46.92 10.56
N LEU D 101 14.65 45.97 10.34
CA LEU D 101 14.19 45.10 11.41
C LEU D 101 15.24 44.05 11.77
N LEU D 102 16.21 43.83 10.89
CA LEU D 102 17.25 42.84 11.15
C LEU D 102 18.09 43.18 12.38
N ALA D 103 18.22 44.46 12.71
CA ALA D 103 19.00 44.89 13.85
C ALA D 103 18.21 44.88 15.16
N SER D 104 16.98 44.35 15.17
CA SER D 104 16.15 44.50 16.38
C SER D 104 16.86 43.81 17.53
N PRO D 105 16.81 44.36 18.75
CA PRO D 105 17.39 43.64 19.90
C PRO D 105 16.58 42.40 20.32
N HIS D 106 15.39 42.16 19.78
CA HIS D 106 14.61 40.98 20.09
C HIS D 106 14.92 39.91 19.05
N ALA D 107 15.52 38.80 19.49
CA ALA D 107 15.99 37.74 18.60
C ALA D 107 14.92 37.31 17.62
N HIS D 108 13.72 37.01 18.12
CA HIS D 108 12.63 36.58 17.27
C HIS D 108 12.14 37.68 16.31
N ILE D 109 12.41 38.95 16.59
CA ILE D 109 12.06 39.95 15.60
C ILE D 109 13.04 39.90 14.44
N SER D 110 14.37 39.93 14.73
CA SER D 110 15.33 39.88 13.62
C SER D 110 15.11 38.60 12.86
N GLU D 111 14.81 37.52 13.59
CA GLU D 111 14.52 36.26 12.91
C GLU D 111 13.35 36.39 11.95
N GLN D 112 12.26 37.09 12.37
CA GLN D 112 11.10 37.36 11.50
C GLN D 112 11.52 38.09 10.23
N ALA D 113 12.33 39.12 10.37
CA ALA D 113 12.86 39.84 9.23
C ALA D 113 13.70 38.93 8.32
N VAL D 114 14.60 38.11 8.91
CA VAL D 114 15.37 37.19 8.07
C VAL D 114 14.43 36.28 7.30
N TRP D 115 13.45 35.69 7.99
CA TRP D 115 12.45 34.85 7.33
C TRP D 115 11.72 35.62 6.23
N ALA D 116 11.27 36.86 6.53
CA ALA D 116 10.51 37.64 5.56
C ALA D 116 11.35 37.93 4.32
N LEU D 117 12.61 38.32 4.51
CA LEU D 117 13.47 38.63 3.37
C LEU D 117 13.79 37.37 2.55
N GLY D 118 14.01 36.24 3.24
CA GLY D 118 14.22 34.99 2.54
C GLY D 118 13.00 34.52 1.75
N ASN D 119 11.81 34.70 2.31
CA ASN D 119 10.60 34.35 1.57
C ASN D 119 10.44 35.22 0.33
N ILE D 120 10.69 36.53 0.46
CA ILE D 120 10.53 37.38 -0.71
C ILE D 120 11.52 36.97 -1.78
N ALA D 121 12.77 36.70 -1.36
CA ALA D 121 13.82 36.33 -2.30
C ALA D 121 13.50 35.01 -3.00
N GLY D 122 12.94 34.04 -2.27
CA GLY D 122 12.50 32.79 -2.91
C GLY D 122 11.30 32.91 -3.84
N ASP D 123 10.60 34.04 -3.83
CA ASP D 123 9.44 34.18 -4.73
C ASP D 123 9.84 34.20 -6.20
N GLY D 124 11.07 34.59 -6.49
CA GLY D 124 11.59 34.49 -7.85
C GLY D 124 12.86 35.28 -7.98
N SER D 125 13.42 35.22 -9.19
CA SER D 125 14.70 35.85 -9.45
C SER D 125 14.62 37.37 -9.37
N VAL D 126 13.54 37.98 -9.87
CA VAL D 126 13.41 39.44 -9.85
C VAL D 126 13.29 39.94 -8.40
N PHE D 127 12.57 39.20 -7.57
CA PHE D 127 12.42 39.63 -6.20
C PHE D 127 13.67 39.35 -5.39
N ARG D 128 14.34 38.25 -5.71
CA ARG D 128 15.66 38.03 -5.12
C ARG D 128 16.58 39.22 -5.39
N ASP D 129 16.64 39.68 -6.66
CA ASP D 129 17.52 40.79 -7.00
C ASP D 129 17.09 42.08 -6.34
N LEU D 130 15.79 42.27 -6.17
CA LEU D 130 15.30 43.43 -5.45
C LEU D 130 15.77 43.40 -4.01
N VAL D 131 15.70 42.24 -3.37
CA VAL D 131 16.17 42.13 -2.00
C VAL D 131 17.64 42.49 -1.94
N ILE D 132 18.40 42.04 -2.94
CA ILE D 132 19.82 42.38 -3.01
C ILE D 132 20.01 43.86 -3.27
N LYS D 133 19.23 44.42 -4.21
CA LYS D 133 19.48 45.80 -4.64
C LYS D 133 19.28 46.77 -3.48
N TYR D 134 18.30 46.50 -2.62
CA TYR D 134 18.02 47.34 -1.47
C TYR D 134 19.00 47.14 -0.32
N GLY D 135 20.01 46.31 -0.47
CA GLY D 135 21.03 46.26 0.54
C GLY D 135 20.89 45.16 1.58
N ALA D 136 20.14 44.10 1.30
CA ALA D 136 19.90 43.12 2.34
C ALA D 136 21.14 42.30 2.66
N VAL D 137 22.08 42.19 1.72
CA VAL D 137 23.19 41.26 1.88
C VAL D 137 24.05 41.64 3.08
N ASP D 138 24.45 42.93 3.16
CA ASP D 138 25.31 43.40 4.24
C ASP D 138 24.75 43.08 5.60
N PRO D 139 23.51 43.48 5.92
CA PRO D 139 23.03 43.24 7.30
C PRO D 139 22.79 41.77 7.55
N LEU D 140 22.36 41.01 6.52
CA LEU D 140 22.19 39.57 6.70
C LEU D 140 23.52 38.94 7.07
N LEU D 141 24.59 39.31 6.37
CA LEU D 141 25.89 38.69 6.59
C LEU D 141 26.50 39.18 7.91
N ALA D 142 26.19 40.40 8.32
CA ALA D 142 26.63 40.88 9.61
C ALA D 142 26.13 40.02 10.75
N LEU D 143 24.93 39.45 10.62
CA LEU D 143 24.41 38.56 11.66
C LEU D 143 25.26 37.29 11.82
N LEU D 144 25.99 36.88 10.79
CA LEU D 144 26.85 35.70 10.90
C LEU D 144 28.32 36.03 11.12
N ALA D 145 28.64 37.30 11.37
CA ALA D 145 30.00 37.77 11.55
C ALA D 145 30.58 37.47 12.95
N VAL D 146 29.90 36.65 13.74
CA VAL D 146 30.37 36.35 15.10
C VAL D 146 31.57 35.42 15.03
N PRO D 147 32.41 35.39 16.07
CA PRO D 147 33.61 34.54 16.00
C PRO D 147 33.29 33.06 15.94
N ASP D 148 32.39 32.57 16.81
CA ASP D 148 32.04 31.16 16.89
C ASP D 148 30.54 31.03 16.64
N MET D 149 30.18 30.31 15.58
CA MET D 149 28.78 30.13 15.22
C MET D 149 28.05 29.16 16.15
N SER D 150 28.78 28.40 16.98
CA SER D 150 28.12 27.52 17.94
C SER D 150 27.41 28.31 19.03
N SER D 151 27.80 29.57 19.25
CA SER D 151 27.08 30.41 20.20
C SER D 151 25.68 30.75 19.69
N LEU D 152 25.48 30.78 18.37
CA LEU D 152 24.19 31.13 17.78
C LEU D 152 23.23 29.96 17.93
N ALA D 153 21.96 30.29 18.12
CA ALA D 153 20.93 29.27 18.27
C ALA D 153 20.82 28.45 16.99
N CYS D 154 20.30 27.23 17.13
CA CYS D 154 20.15 26.36 15.98
C CYS D 154 19.08 26.86 15.03
N GLY D 155 17.88 27.13 15.57
CA GLY D 155 16.78 27.57 14.72
C GLY D 155 17.09 28.88 14.00
N TYR D 156 17.74 29.81 14.70
CA TYR D 156 18.06 31.10 14.10
C TYR D 156 19.04 30.96 12.93
N LEU D 157 20.07 30.15 13.11
CA LEU D 157 21.04 29.94 12.05
C LEU D 157 20.40 29.26 10.85
N ARG D 158 19.49 28.29 11.08
CA ARG D 158 18.87 27.58 9.96
C ARG D 158 18.03 28.53 9.12
N ASN D 159 17.27 29.39 9.79
CA ASN D 159 16.48 30.38 9.08
C ASN D 159 17.39 31.30 8.27
N LEU D 160 18.47 31.77 8.88
CA LEU D 160 19.40 32.59 8.14
C LEU D 160 20.04 31.79 6.99
N THR D 161 20.45 30.53 7.23
CA THR D 161 21.05 29.76 6.13
C THR D 161 20.09 29.59 4.96
N TRP D 162 18.81 29.38 5.25
CA TRP D 162 17.82 29.26 4.19
C TRP D 162 17.70 30.57 3.43
N THR D 163 17.76 31.69 4.12
CA THR D 163 17.61 32.94 3.41
C THR D 163 18.80 33.20 2.48
N LEU D 164 20.02 32.99 2.97
CA LEU D 164 21.19 33.09 2.11
C LEU D 164 21.08 32.15 0.91
N SER D 165 20.69 30.90 1.13
CA SER D 165 20.53 30.00 -0.01
C SER D 165 19.56 30.56 -1.06
N ASN D 166 18.47 31.21 -0.61
CA ASN D 166 17.54 31.79 -1.59
C ASN D 166 18.21 32.92 -2.38
N LEU D 167 19.09 33.71 -1.74
CA LEU D 167 19.83 34.75 -2.47
C LEU D 167 20.79 34.19 -3.52
N CYS D 168 21.16 32.90 -3.44
CA CYS D 168 22.03 32.25 -4.42
C CYS D 168 21.23 31.41 -5.41
N ARG D 169 19.96 31.16 -5.13
CA ARG D 169 19.17 30.26 -5.95
C ARG D 169 18.60 31.01 -7.14
N ASN D 170 18.15 30.23 -8.13
CA ASN D 170 17.39 30.68 -9.30
C ASN D 170 18.27 31.35 -10.34
N LYS D 171 17.79 31.40 -11.58
CA LYS D 171 18.59 31.84 -12.70
C LYS D 171 17.73 32.76 -13.53
N ASN D 172 18.30 33.27 -14.62
CA ASN D 172 17.56 34.09 -15.57
C ASN D 172 16.90 35.27 -14.85
N PRO D 173 17.66 36.17 -14.28
CA PRO D 173 19.13 36.22 -14.27
C PRO D 173 19.75 35.40 -13.11
N ALA D 174 21.04 35.10 -13.21
CA ALA D 174 21.75 34.54 -12.07
C ALA D 174 21.92 35.65 -11.04
N PRO D 175 22.16 35.30 -9.77
CA PRO D 175 22.38 36.34 -8.76
C PRO D 175 23.48 37.27 -9.20
N PRO D 176 23.45 38.54 -8.75
CA PRO D 176 24.48 39.50 -9.16
C PRO D 176 25.87 39.08 -8.68
N ILE D 177 26.87 39.24 -9.54
CA ILE D 177 28.19 38.68 -9.27
C ILE D 177 28.76 39.21 -7.96
N ASP D 178 28.61 40.51 -7.73
CA ASP D 178 29.11 41.11 -6.50
C ASP D 178 28.47 40.46 -5.27
N ALA D 179 27.16 40.24 -5.31
CA ALA D 179 26.48 39.62 -4.17
C ALA D 179 26.98 38.20 -3.92
N VAL D 180 27.17 37.43 -4.98
CA VAL D 180 27.74 36.10 -4.78
C VAL D 180 29.11 36.19 -4.10
N GLU D 181 29.96 37.10 -4.58
CA GLU D 181 31.31 37.20 -4.01
C GLU D 181 31.24 37.64 -2.55
N GLN D 182 30.24 38.42 -2.21
CA GLN D 182 30.13 38.85 -0.82
C GLN D 182 29.65 37.70 0.05
N ILE D 183 28.85 36.80 -0.52
CA ILE D 183 28.16 35.79 0.25
C ILE D 183 29.02 34.55 0.40
N LEU D 184 29.79 34.21 -0.61
CA LEU D 184 30.58 32.99 -0.59
C LEU D 184 31.37 32.79 0.70
N PRO D 185 32.16 33.75 1.21
CA PRO D 185 32.96 33.46 2.42
C PRO D 185 32.13 32.95 3.58
N THR D 186 30.91 33.52 3.76
CA THR D 186 30.01 33.03 4.80
C THR D 186 29.58 31.60 4.53
N LEU D 187 29.27 31.27 3.26
CA LEU D 187 28.89 29.90 2.93
C LEU D 187 30.00 28.92 3.29
N VAL D 188 31.25 29.28 2.99
CA VAL D 188 32.36 28.41 3.34
C VAL D 188 32.37 28.16 4.84
N ARG D 189 32.12 29.22 5.63
CA ARG D 189 32.17 29.11 7.07
C ARG D 189 31.07 28.17 7.55
N LEU D 190 29.85 28.36 7.02
CA LEU D 190 28.70 27.55 7.39
C LEU D 190 28.95 26.08 7.11
N LEU D 191 29.68 25.77 6.03
CA LEU D 191 29.99 24.37 5.71
C LEU D 191 30.88 23.71 6.76
N HIS D 192 31.45 24.49 7.68
CA HIS D 192 32.18 23.90 8.80
C HIS D 192 31.32 23.77 10.04
N HIS D 193 30.04 24.12 9.95
CA HIS D 193 29.12 23.96 11.05
C HIS D 193 28.69 22.50 11.15
N ASP D 194 28.23 22.12 12.35
CA ASP D 194 27.94 20.72 12.64
C ASP D 194 26.46 20.37 12.53
N ASP D 195 25.57 21.36 12.26
CA ASP D 195 24.13 21.08 12.19
C ASP D 195 23.76 20.52 10.82
N PRO D 196 23.08 19.38 10.76
CA PRO D 196 22.84 18.76 9.45
C PRO D 196 22.00 19.61 8.51
N GLU D 197 21.00 20.32 9.02
CA GLU D 197 20.17 21.11 8.12
C GLU D 197 20.92 22.33 7.59
N VAL D 198 21.75 22.98 8.41
CA VAL D 198 22.59 24.06 7.91
C VAL D 198 23.49 23.56 6.78
N LEU D 199 24.09 22.39 6.97
CA LEU D 199 25.04 21.89 5.97
C LEU D 199 24.35 21.57 4.67
N ALA D 200 23.17 20.97 4.75
CA ALA D 200 22.40 20.63 3.56
C ALA D 200 21.98 21.89 2.79
N ASP D 201 21.50 22.90 3.51
CA ASP D 201 21.12 24.15 2.88
C ASP D 201 22.34 24.89 2.33
N THR D 202 23.48 24.81 3.00
CA THR D 202 24.64 25.47 2.44
C THR D 202 25.13 24.73 1.18
N CYS D 203 25.09 23.40 1.20
CA CYS D 203 25.52 22.68 0.00
C CYS D 203 24.60 22.98 -1.17
N TRP D 204 23.28 23.11 -0.92
CA TRP D 204 22.37 23.50 -1.99
C TRP D 204 22.77 24.87 -2.51
N ALA D 205 23.01 25.81 -1.61
CA ALA D 205 23.41 27.12 -2.09
C ALA D 205 24.58 27.04 -3.06
N ILE D 206 25.68 26.36 -2.66
CA ILE D 206 26.88 26.24 -3.51
C ILE D 206 26.54 25.47 -4.79
N SER D 207 25.65 24.49 -4.72
CA SER D 207 25.21 23.86 -5.96
C SER D 207 24.58 24.89 -6.91
N TYR D 208 23.70 25.77 -6.42
CA TYR D 208 23.16 26.84 -7.26
C TYR D 208 24.29 27.70 -7.83
N LEU D 209 25.32 27.98 -7.02
CA LEU D 209 26.32 28.93 -7.50
C LEU D 209 27.23 28.30 -8.54
N THR D 210 27.40 26.99 -8.50
CA THR D 210 28.29 26.29 -9.43
C THR D 210 27.59 25.84 -10.72
N ASP D 211 26.29 26.09 -10.81
CA ASP D 211 25.49 25.74 -11.98
C ASP D 211 25.39 26.96 -12.88
N GLY D 212 26.45 27.20 -13.65
CA GLY D 212 26.52 28.34 -14.53
C GLY D 212 27.86 28.42 -15.23
N PRO D 213 28.15 29.56 -15.83
CA PRO D 213 29.41 29.70 -16.60
C PRO D 213 30.66 29.46 -15.74
N ASN D 214 31.81 29.24 -16.42
CA ASN D 214 33.08 28.97 -15.74
C ASN D 214 33.47 30.03 -14.69
N GLU D 215 33.20 31.31 -14.96
CA GLU D 215 33.49 32.36 -13.97
C GLU D 215 32.82 32.06 -12.62
N ARG D 216 31.56 31.60 -12.64
CA ARG D 216 30.87 31.33 -11.39
C ARG D 216 31.51 30.15 -10.68
N ILE D 217 31.76 29.07 -11.44
CA ILE D 217 32.44 27.92 -10.87
C ILE D 217 33.73 28.39 -10.26
N GLY D 218 34.38 29.35 -10.89
CA GLY D 218 35.73 29.68 -10.47
C GLY D 218 35.70 30.42 -9.16
N MET D 219 34.67 31.24 -8.98
CA MET D 219 34.49 31.96 -7.73
C MET D 219 34.30 30.99 -6.57
N VAL D 220 33.66 29.86 -6.83
CA VAL D 220 33.47 28.87 -5.79
C VAL D 220 34.77 28.17 -5.47
N VAL D 221 35.49 27.71 -6.50
CA VAL D 221 36.66 26.87 -6.23
C VAL D 221 37.73 27.69 -5.55
N LYS D 222 37.87 28.96 -5.96
CA LYS D 222 38.87 29.86 -5.40
C LYS D 222 38.72 30.07 -3.89
N THR D 223 37.53 29.89 -3.31
CA THR D 223 37.38 30.06 -1.86
C THR D 223 38.11 28.99 -1.05
N GLY D 224 38.52 27.89 -1.67
CA GLY D 224 39.13 26.80 -0.95
C GLY D 224 38.16 25.80 -0.37
N VAL D 225 36.87 25.90 -0.70
CA VAL D 225 35.84 25.07 -0.08
C VAL D 225 35.77 23.64 -0.63
N VAL D 226 36.38 23.34 -1.79
CA VAL D 226 36.13 22.04 -2.42
C VAL D 226 36.54 20.92 -1.49
N PRO D 227 37.68 20.98 -0.78
CA PRO D 227 38.00 19.90 0.18
C PRO D 227 36.91 19.67 1.20
N GLN D 228 36.27 20.75 1.66
CA GLN D 228 35.17 20.60 2.62
C GLN D 228 33.95 19.96 1.96
N LEU D 229 33.59 20.37 0.75
CA LEU D 229 32.58 19.63 0.00
C LEU D 229 32.95 18.15 -0.10
N VAL D 230 34.22 17.84 -0.37
CA VAL D 230 34.58 16.43 -0.52
C VAL D 230 34.41 15.72 0.82
N LYS D 231 34.77 16.39 1.90
CA LYS D 231 34.51 15.79 3.21
C LYS D 231 33.04 15.46 3.42
N LEU D 232 32.14 16.31 2.90
CA LEU D 232 30.70 16.10 3.09
C LEU D 232 30.16 14.99 2.20
N LEU D 233 30.83 14.72 1.07
CA LEU D 233 30.46 13.59 0.24
C LEU D 233 30.37 12.32 1.06
N GLY D 234 31.22 12.18 2.08
CA GLY D 234 31.24 11.00 2.91
C GLY D 234 30.36 11.06 4.13
N ALA D 235 29.51 12.09 4.27
CA ALA D 235 28.61 12.16 5.43
C ALA D 235 27.55 11.08 5.33
N SER D 236 27.06 10.66 6.50
CA SER D 236 26.03 9.63 6.50
C SER D 236 24.68 10.16 6.01
N GLU D 237 24.42 11.45 6.21
CA GLU D 237 23.11 12.03 5.91
C GLU D 237 22.96 12.19 4.41
N LEU D 238 22.03 11.46 3.81
CA LEU D 238 21.74 11.64 2.39
C LEU D 238 21.39 13.09 2.03
N PRO D 239 20.68 13.86 2.86
CA PRO D 239 20.39 15.25 2.48
C PRO D 239 21.62 16.12 2.39
N ILE D 240 22.76 15.68 2.90
CA ILE D 240 24.04 16.39 2.75
C ILE D 240 24.80 15.87 1.53
N VAL D 241 24.92 14.55 1.41
CA VAL D 241 25.66 13.98 0.28
C VAL D 241 25.06 14.42 -1.06
N THR D 242 23.72 14.43 -1.19
CA THR D 242 23.09 14.79 -2.46
C THR D 242 23.38 16.21 -2.96
N PRO D 243 23.24 17.26 -2.16
CA PRO D 243 23.72 18.57 -2.66
C PRO D 243 25.24 18.67 -2.78
N ALA D 244 26.02 18.03 -1.89
CA ALA D 244 27.47 18.14 -2.02
C ALA D 244 27.92 17.53 -3.35
N LEU D 245 27.39 16.34 -3.67
CA LEU D 245 27.72 15.67 -4.92
C LEU D 245 27.26 16.48 -6.14
N ARG D 246 26.12 17.14 -6.05
CA ARG D 246 25.70 18.00 -7.15
C ARG D 246 26.71 19.11 -7.38
N ALA D 247 27.10 19.79 -6.31
CA ALA D 247 28.04 20.87 -6.46
C ALA D 247 29.31 20.35 -7.10
N ILE D 248 29.82 19.24 -6.58
CA ILE D 248 31.06 18.69 -7.12
C ILE D 248 30.88 18.35 -8.60
N GLY D 249 29.76 17.68 -8.93
CA GLY D 249 29.46 17.35 -10.31
C GLY D 249 29.36 18.57 -11.21
N ASN D 250 28.82 19.66 -10.69
CA ASN D 250 28.77 20.91 -11.44
C ASN D 250 30.15 21.45 -11.66
N ILE D 251 30.99 21.37 -10.64
CA ILE D 251 32.33 21.94 -10.75
C ILE D 251 33.09 21.25 -11.87
N VAL D 252 32.95 19.92 -11.98
CA VAL D 252 33.82 19.18 -12.90
C VAL D 252 33.36 19.36 -14.34
N THR D 253 32.25 20.08 -14.53
CA THR D 253 31.87 20.50 -15.86
C THR D 253 32.56 21.78 -16.26
N GLY D 254 33.34 22.38 -15.34
CA GLY D 254 34.10 23.59 -15.60
C GLY D 254 35.33 23.33 -16.43
N THR D 255 36.35 24.19 -16.26
CA THR D 255 37.65 24.05 -16.92
C THR D 255 38.44 22.83 -16.36
N ASP D 256 39.42 22.38 -17.14
CA ASP D 256 40.33 21.34 -16.65
C ASP D 256 40.96 21.69 -15.29
N GLU D 257 41.41 22.93 -15.13
CA GLU D 257 41.96 23.35 -13.83
C GLU D 257 40.90 23.27 -12.73
N GLN D 258 39.65 23.68 -13.00
CA GLN D 258 38.61 23.54 -11.99
C GLN D 258 38.37 22.07 -11.64
N THR D 259 38.40 21.15 -12.61
CA THR D 259 38.31 19.74 -12.28
C THR D 259 39.49 19.29 -11.43
N GLN D 260 40.69 19.78 -11.75
CA GLN D 260 41.85 19.40 -10.96
C GLN D 260 41.69 19.80 -9.50
N VAL D 261 40.99 20.90 -9.21
CA VAL D 261 40.77 21.24 -7.80
C VAL D 261 39.98 20.13 -7.09
N VAL D 262 38.98 19.59 -7.77
CA VAL D 262 38.19 18.51 -7.22
C VAL D 262 39.05 17.27 -6.96
N ILE D 263 39.83 16.87 -7.97
CA ILE D 263 40.78 15.74 -7.84
C ILE D 263 41.76 15.98 -6.71
N ASP D 264 42.45 17.13 -6.71
CA ASP D 264 43.42 17.43 -5.65
C ASP D 264 42.79 17.40 -4.25
N ALA D 265 41.52 17.77 -4.15
CA ALA D 265 40.78 17.74 -2.90
C ALA D 265 40.44 16.33 -2.43
N GLY D 266 40.68 15.31 -3.23
CA GLY D 266 40.53 13.98 -2.70
C GLY D 266 39.24 13.31 -3.11
N ALA D 267 38.50 13.89 -4.04
CA ALA D 267 37.20 13.36 -4.38
C ALA D 267 37.26 11.94 -4.90
N LEU D 268 38.27 11.60 -5.69
CA LEU D 268 38.18 10.30 -6.31
C LEU D 268 38.12 9.18 -5.25
N ALA D 269 38.73 9.41 -4.09
CA ALA D 269 38.79 8.34 -3.09
C ALA D 269 37.41 8.01 -2.58
N VAL D 270 36.46 8.91 -2.76
CA VAL D 270 35.11 8.67 -2.29
C VAL D 270 34.24 8.00 -3.36
N PHE D 271 34.74 7.81 -4.55
CA PHE D 271 33.84 7.36 -5.58
C PHE D 271 33.51 5.89 -5.46
N PRO D 272 34.40 5.04 -4.98
CA PRO D 272 34.02 3.63 -4.83
C PRO D 272 32.74 3.49 -4.02
N SER D 273 32.52 4.37 -3.02
CA SER D 273 31.33 4.27 -2.19
C SER D 273 30.14 4.91 -2.86
N LEU D 274 30.32 6.10 -3.44
CA LEU D 274 29.21 6.76 -4.12
C LEU D 274 28.70 5.91 -5.27
N LEU D 275 29.62 5.25 -6.00
CA LEU D 275 29.23 4.43 -7.16
C LEU D 275 28.60 3.12 -6.75
N THR D 276 28.68 2.75 -5.49
CA THR D 276 27.96 1.61 -4.95
C THR D 276 26.85 2.00 -3.99
N ASN D 277 26.52 3.27 -3.89
CA ASN D 277 25.54 3.69 -2.91
C ASN D 277 24.17 3.06 -3.24
N PRO D 278 23.47 2.45 -2.30
CA PRO D 278 22.15 1.89 -2.57
C PRO D 278 21.16 2.84 -3.28
N LYS D 279 21.21 4.15 -2.99
CA LYS D 279 20.38 5.11 -3.70
C LYS D 279 20.80 5.19 -5.17
N THR D 280 19.91 4.78 -6.08
CA THR D 280 20.23 4.84 -7.50
C THR D 280 20.60 6.25 -7.92
N ASN D 281 20.02 7.28 -7.27
CA ASN D 281 20.32 8.66 -7.67
C ASN D 281 21.74 9.06 -7.29
N ILE D 282 22.24 8.59 -6.16
CA ILE D 282 23.64 8.81 -5.83
C ILE D 282 24.55 8.15 -6.87
N GLN D 283 24.22 6.93 -7.29
CA GLN D 283 25.01 6.23 -8.32
C GLN D 283 25.05 7.02 -9.62
N LYS D 284 23.85 7.45 -10.08
CA LYS D 284 23.69 8.18 -11.33
C LYS D 284 24.46 9.49 -11.33
N GLU D 285 24.27 10.29 -10.26
CA GLU D 285 25.02 11.52 -10.06
C GLU D 285 26.52 11.27 -9.96
N ALA D 286 26.93 10.25 -9.19
CA ALA D 286 28.36 9.92 -9.10
C ALA D 286 28.92 9.49 -10.47
N THR D 287 28.15 8.70 -11.26
CA THR D 287 28.59 8.27 -12.58
C THR D 287 28.64 9.42 -13.59
N TRP D 288 27.61 10.28 -13.56
CA TRP D 288 27.65 11.54 -14.27
C TRP D 288 28.90 12.35 -13.93
N THR D 289 29.17 12.54 -12.62
CA THR D 289 30.37 13.31 -12.28
C THR D 289 31.58 12.66 -12.88
N MET D 290 31.63 11.34 -12.81
CA MET D 290 32.81 10.64 -13.35
C MET D 290 32.92 10.82 -14.84
N SER D 291 31.78 10.92 -15.52
CA SER D 291 31.82 11.06 -16.96
C SER D 291 32.41 12.40 -17.32
N ASN D 292 32.17 13.40 -16.51
CA ASN D 292 32.82 14.65 -16.86
C ASN D 292 34.29 14.72 -16.46
N ILE D 293 34.71 13.99 -15.43
CA ILE D 293 36.15 13.89 -15.18
C ILE D 293 36.84 13.14 -16.31
N THR D 294 36.24 12.03 -16.79
CA THR D 294 36.85 11.32 -17.92
C THR D 294 36.80 12.13 -19.22
N ALA D 295 35.96 13.17 -19.30
CA ALA D 295 36.03 14.14 -20.40
C ALA D 295 37.26 15.08 -20.30
N GLY D 296 38.08 14.96 -19.24
CA GLY D 296 39.12 15.92 -18.94
C GLY D 296 40.39 15.54 -19.68
N ARG D 297 41.53 15.99 -19.14
CA ARG D 297 42.85 15.70 -19.67
C ARG D 297 43.22 14.22 -19.49
N GLN D 298 44.23 13.80 -20.22
CA GLN D 298 44.72 12.44 -20.09
C GLN D 298 45.28 12.14 -18.70
N ASP D 299 46.01 13.09 -18.09
CA ASP D 299 46.54 12.87 -16.72
C ASP D 299 45.42 12.81 -15.66
N GLN D 300 44.31 13.48 -15.91
CA GLN D 300 43.12 13.31 -15.09
C GLN D 300 42.49 11.95 -15.30
N ILE D 301 42.26 11.57 -16.55
CA ILE D 301 41.90 10.18 -16.78
C ILE D 301 42.85 9.29 -16.00
N GLN D 302 44.16 9.57 -16.08
CA GLN D 302 45.08 8.62 -15.44
C GLN D 302 44.75 8.47 -13.96
N GLN D 303 44.36 9.57 -13.32
CA GLN D 303 44.09 9.51 -11.89
C GLN D 303 42.83 8.72 -11.60
N VAL D 304 41.80 8.87 -12.44
CA VAL D 304 40.68 7.94 -12.36
C VAL D 304 41.21 6.52 -12.37
N VAL D 305 42.13 6.24 -13.30
CA VAL D 305 42.70 4.90 -13.45
C VAL D 305 43.46 4.49 -12.18
N ASN D 306 44.27 5.39 -11.62
CA ASN D 306 45.09 5.04 -10.47
C ASN D 306 44.26 4.74 -9.22
N HIS D 307 43.15 5.44 -9.02
CA HIS D 307 42.26 5.19 -7.88
C HIS D 307 41.42 3.93 -8.03
N GLY D 308 41.62 3.14 -9.07
CA GLY D 308 40.89 1.90 -9.19
C GLY D 308 39.49 2.09 -9.68
N LEU D 309 39.16 3.24 -10.31
CA LEU D 309 37.75 3.51 -10.58
C LEU D 309 37.22 2.80 -11.82
N VAL D 310 38.06 2.30 -12.72
CA VAL D 310 37.53 1.70 -13.95
C VAL D 310 36.78 0.40 -13.66
N PRO D 311 37.21 -0.45 -12.76
CA PRO D 311 36.39 -1.63 -12.42
C PRO D 311 35.01 -1.26 -11.90
N PHE D 312 34.89 -0.13 -11.18
CA PHE D 312 33.58 0.31 -10.70
C PHE D 312 32.73 0.84 -11.84
N LEU D 313 33.33 1.62 -12.75
CA LEU D 313 32.64 2.07 -13.95
C LEU D 313 32.09 0.89 -14.77
N VAL D 314 32.90 -0.14 -14.97
CA VAL D 314 32.42 -1.29 -15.74
C VAL D 314 31.21 -1.93 -15.05
N SER D 315 31.26 -2.09 -13.72
CA SER D 315 30.15 -2.75 -13.04
C SER D 315 28.86 -1.92 -13.23
N VAL D 316 29.00 -0.60 -13.24
CA VAL D 316 27.85 0.29 -13.40
C VAL D 316 27.29 0.19 -14.80
N LEU D 317 28.18 0.23 -15.77
CA LEU D 317 27.74 0.08 -17.13
C LEU D 317 27.02 -1.21 -17.28
N SER D 318 27.46 -2.21 -16.54
CA SER D 318 26.90 -3.51 -16.76
C SER D 318 25.59 -3.75 -16.09
N LYS D 319 25.51 -3.33 -14.85
CA LYS D 319 24.52 -3.84 -13.96
C LYS D 319 23.67 -2.78 -13.31
N ALA D 320 23.94 -1.50 -13.53
CA ALA D 320 23.12 -0.48 -12.88
C ALA D 320 21.80 -0.28 -13.63
N ASP D 321 20.94 0.56 -13.04
CA ASP D 321 19.68 0.87 -13.72
C ASP D 321 20.01 1.63 -15.01
N PHE D 322 19.09 1.60 -15.97
CA PHE D 322 19.36 2.10 -17.31
C PHE D 322 19.73 3.60 -17.38
N LYS D 323 19.08 4.44 -16.60
CA LYS D 323 19.47 5.84 -16.52
C LYS D 323 20.94 6.03 -16.13
N THR D 324 21.38 5.30 -15.09
CA THR D 324 22.78 5.30 -14.68
C THR D 324 23.69 4.65 -15.72
N GLN D 325 23.25 3.56 -16.34
CA GLN D 325 24.01 2.96 -17.44
C GLN D 325 24.28 3.97 -18.53
N LYS D 326 23.30 4.79 -18.89
CA LYS D 326 23.55 5.75 -19.95
C LYS D 326 24.62 6.76 -19.54
N GLU D 327 24.61 7.23 -18.30
CA GLU D 327 25.71 8.08 -17.89
C GLU D 327 27.04 7.34 -18.02
N ALA D 328 27.02 6.02 -17.71
CA ALA D 328 28.25 5.24 -17.80
C ALA D 328 28.70 5.18 -19.26
N VAL D 329 27.72 5.18 -20.20
CA VAL D 329 28.02 5.22 -21.64
C VAL D 329 28.71 6.52 -21.98
N TRP D 330 28.23 7.61 -21.38
CA TRP D 330 28.92 8.85 -21.67
C TRP D 330 30.30 8.86 -21.06
N ALA D 331 30.48 8.31 -19.86
CA ALA D 331 31.82 8.17 -19.32
C ALA D 331 32.72 7.43 -20.27
N VAL D 332 32.23 6.32 -20.84
CA VAL D 332 33.09 5.55 -21.71
C VAL D 332 33.41 6.31 -22.97
N THR D 333 32.41 6.95 -23.62
CA THR D 333 32.72 7.71 -24.85
C THR D 333 33.69 8.84 -24.53
N ASN D 334 33.53 9.53 -23.40
CA ASN D 334 34.47 10.62 -23.08
C ASN D 334 35.90 10.09 -22.83
N TYR D 335 36.03 9.05 -21.98
CA TYR D 335 37.33 8.40 -21.77
C TYR D 335 37.96 7.94 -23.06
N THR D 336 37.18 7.28 -23.93
CA THR D 336 37.75 6.75 -25.16
C THR D 336 38.09 7.82 -26.15
N SER D 337 37.39 8.95 -26.07
CA SER D 337 37.66 10.06 -26.93
C SER D 337 38.92 10.84 -26.53
N GLY D 338 39.11 11.13 -25.26
CA GLY D 338 40.30 11.90 -24.95
C GLY D 338 41.47 11.08 -24.42
N GLY D 339 41.34 9.77 -24.29
CA GLY D 339 42.31 9.04 -23.48
C GLY D 339 43.52 8.55 -24.29
N THR D 340 44.66 8.18 -23.64
CA THR D 340 45.67 7.62 -24.53
C THR D 340 45.29 6.21 -25.04
N VAL D 341 46.10 5.69 -25.99
CA VAL D 341 45.99 4.28 -26.45
C VAL D 341 46.13 3.30 -25.28
N GLU D 342 47.14 3.49 -24.41
CA GLU D 342 47.29 2.64 -23.23
C GLU D 342 46.06 2.77 -22.32
N GLN D 343 45.54 3.99 -22.08
CA GLN D 343 44.33 4.12 -21.24
C GLN D 343 43.16 3.39 -21.86
N ILE D 344 43.05 3.46 -23.18
CA ILE D 344 41.98 2.76 -23.85
C ILE D 344 42.18 1.26 -23.76
N VAL D 345 43.41 0.76 -23.99
CA VAL D 345 43.64 -0.67 -23.85
C VAL D 345 43.22 -1.11 -22.45
N TYR D 346 43.63 -0.33 -21.47
CA TYR D 346 43.33 -0.64 -20.07
C TYR D 346 41.83 -0.84 -19.90
N LEU D 347 41.04 0.10 -20.40
CA LEU D 347 39.59 0.05 -20.32
C LEU D 347 39.05 -1.25 -20.83
N VAL D 348 39.48 -1.64 -22.04
CA VAL D 348 39.08 -2.93 -22.59
C VAL D 348 39.52 -4.09 -21.65
N HIS D 349 40.73 -4.05 -21.06
CA HIS D 349 41.17 -5.16 -20.21
C HIS D 349 40.31 -5.29 -18.96
N CYS D 350 39.80 -4.17 -18.46
CA CYS D 350 38.84 -4.16 -17.37
C CYS D 350 37.47 -4.73 -17.72
N GLY D 351 37.17 -5.08 -18.97
CA GLY D 351 35.90 -5.72 -19.26
C GLY D 351 34.83 -4.81 -19.81
N ILE D 352 35.21 -3.71 -20.46
CA ILE D 352 34.19 -2.77 -20.92
C ILE D 352 33.44 -3.29 -22.15
N ILE D 353 33.98 -4.26 -22.90
CA ILE D 353 33.38 -4.58 -24.20
C ILE D 353 32.04 -5.26 -24.03
N GLU D 354 31.97 -6.31 -23.28
CA GLU D 354 30.70 -7.01 -23.23
C GLU D 354 29.57 -6.12 -22.72
N PRO D 355 29.71 -5.38 -21.63
CA PRO D 355 28.62 -4.49 -21.17
C PRO D 355 28.21 -3.40 -22.18
N LEU D 356 29.20 -2.86 -22.88
CA LEU D 356 28.97 -1.87 -23.93
C LEU D 356 28.20 -2.51 -25.07
N MET D 357 28.65 -3.68 -25.55
N MET D 357 28.66 -3.67 -25.55
CA MET D 357 27.93 -4.29 -26.66
CA MET D 357 27.92 -4.34 -26.62
C MET D 357 26.49 -4.57 -26.28
C MET D 357 26.49 -4.63 -26.19
N ASN D 358 26.27 -5.03 -25.05
N ASN D 358 26.30 -5.06 -24.94
CA ASN D 358 24.93 -5.46 -24.71
CA ASN D 358 24.97 -5.46 -24.52
C ASN D 358 23.95 -4.30 -24.70
C ASN D 358 23.99 -4.33 -24.65
N LEU D 359 24.46 -3.10 -24.53
CA LEU D 359 23.58 -1.97 -24.49
C LEU D 359 23.10 -1.63 -25.88
N LEU D 360 23.70 -2.23 -26.92
CA LEU D 360 23.27 -1.90 -28.28
C LEU D 360 21.88 -2.43 -28.62
N THR D 361 21.16 -3.02 -27.65
CA THR D 361 19.73 -3.29 -27.80
C THR D 361 18.87 -2.12 -27.34
N ALA D 362 19.48 -1.06 -26.83
CA ALA D 362 18.76 0.14 -26.46
C ALA D 362 17.99 0.68 -27.68
N LYS D 363 16.75 1.19 -27.46
CA LYS D 363 15.95 1.67 -28.59
C LYS D 363 16.34 3.08 -29.02
N ASP D 364 16.94 3.84 -28.14
CA ASP D 364 17.14 5.25 -28.44
C ASP D 364 18.31 5.51 -29.39
N THR D 365 18.03 6.22 -30.48
N THR D 365 18.03 6.22 -30.48
CA THR D 365 19.06 6.36 -31.51
CA THR D 365 19.06 6.33 -31.51
C THR D 365 20.27 7.12 -31.00
C THR D 365 20.27 7.10 -30.99
N LYS D 366 20.07 8.17 -30.18
CA LYS D 366 21.22 8.88 -29.65
C LYS D 366 22.13 7.95 -28.82
N ILE D 367 21.57 7.15 -27.92
CA ILE D 367 22.47 6.33 -27.12
C ILE D 367 23.17 5.28 -27.97
N ILE D 368 22.50 4.75 -28.99
CA ILE D 368 23.14 3.78 -29.87
C ILE D 368 24.34 4.42 -30.59
N LEU D 369 24.15 5.63 -31.16
CA LEU D 369 25.23 6.30 -31.90
C LEU D 369 26.38 6.62 -30.97
N VAL D 370 26.06 6.94 -29.70
CA VAL D 370 27.16 7.20 -28.77
C VAL D 370 27.92 5.93 -28.47
N ILE D 371 27.21 4.85 -28.14
CA ILE D 371 27.89 3.59 -27.96
C ILE D 371 28.70 3.28 -29.20
N LEU D 372 28.11 3.42 -30.39
CA LEU D 372 28.89 2.99 -31.56
C LEU D 372 30.13 3.85 -31.69
N ASP D 373 30.00 5.14 -31.33
CA ASP D 373 31.14 6.04 -31.31
C ASP D 373 32.24 5.51 -30.40
N ALA D 374 31.85 5.05 -29.20
CA ALA D 374 32.81 4.56 -28.23
C ALA D 374 33.57 3.36 -28.80
N ILE D 375 32.83 2.45 -29.43
CA ILE D 375 33.44 1.28 -30.10
C ILE D 375 34.43 1.71 -31.14
N SER D 376 34.04 2.67 -31.98
CA SER D 376 34.94 3.24 -32.99
C SER D 376 36.18 3.87 -32.36
N ASN D 377 36.01 4.65 -31.27
CA ASN D 377 37.19 5.15 -30.52
C ASN D 377 38.10 4.02 -30.07
N ILE D 378 37.54 2.92 -29.55
CA ILE D 378 38.43 1.85 -29.11
C ILE D 378 39.16 1.26 -30.31
N PHE D 379 38.48 1.12 -31.45
CA PHE D 379 39.09 0.52 -32.64
C PHE D 379 40.19 1.40 -33.19
N GLN D 380 40.05 2.71 -33.05
CA GLN D 380 41.14 3.59 -33.42
C GLN D 380 42.39 3.39 -32.53
N ALA D 381 42.23 3.22 -31.21
CA ALA D 381 43.40 2.80 -30.43
C ALA D 381 44.02 1.52 -30.99
N ALA D 382 43.18 0.55 -31.33
CA ALA D 382 43.70 -0.73 -31.83
C ALA D 382 44.45 -0.53 -33.14
N GLU D 383 43.94 0.37 -34.00
CA GLU D 383 44.64 0.74 -35.22
C GLU D 383 46.08 1.19 -34.96
N LYS D 384 46.27 2.14 -34.05
CA LYS D 384 47.60 2.60 -33.71
C LYS D 384 48.51 1.46 -33.22
N LEU D 385 47.94 0.39 -32.67
CA LEU D 385 48.74 -0.75 -32.24
C LEU D 385 48.83 -1.86 -33.28
N GLY D 386 48.10 -1.75 -34.39
CA GLY D 386 47.96 -2.88 -35.28
C GLY D 386 47.20 -4.09 -34.74
N GLU D 387 46.29 -3.90 -33.77
CA GLU D 387 45.56 -5.04 -33.21
C GLU D 387 44.05 -4.97 -33.50
N THR D 388 43.66 -4.37 -34.61
CA THR D 388 42.22 -4.29 -34.88
C THR D 388 41.61 -5.67 -35.01
N GLU D 389 42.32 -6.63 -35.62
CA GLU D 389 41.79 -7.99 -35.78
C GLU D 389 41.56 -8.66 -34.43
N LYS D 390 42.48 -8.52 -33.49
CA LYS D 390 42.22 -9.11 -32.18
C LYS D 390 41.01 -8.47 -31.49
N LEU D 391 40.83 -7.16 -31.63
CA LEU D 391 39.64 -6.54 -31.07
C LEU D 391 38.36 -7.06 -31.75
N SER D 392 38.41 -7.22 -33.08
CA SER D 392 37.25 -7.77 -33.80
C SER D 392 36.89 -9.12 -33.24
N ILE D 393 37.89 -9.96 -33.00
CA ILE D 393 37.61 -11.29 -32.47
C ILE D 393 36.95 -11.20 -31.11
N MET D 394 37.42 -10.32 -30.24
CA MET D 394 36.79 -10.19 -28.92
C MET D 394 35.33 -9.79 -29.04
N ILE D 395 35.03 -8.87 -29.96
CA ILE D 395 33.66 -8.39 -30.12
C ILE D 395 32.80 -9.52 -30.66
N GLU D 396 33.34 -10.31 -31.58
CA GLU D 396 32.55 -11.43 -32.08
C GLU D 396 32.27 -12.44 -30.98
N GLU D 397 33.27 -12.72 -30.15
CA GLU D 397 33.15 -13.83 -29.20
C GLU D 397 31.99 -13.61 -28.24
N CYS D 398 31.77 -12.38 -27.79
CA CYS D 398 30.72 -12.07 -26.83
C CYS D 398 29.42 -11.76 -27.54
N GLY D 399 29.31 -12.11 -28.81
CA GLY D 399 28.10 -11.73 -29.47
C GLY D 399 28.01 -10.28 -29.88
N GLY D 400 29.08 -9.50 -29.74
CA GLY D 400 28.98 -8.10 -30.10
C GLY D 400 28.79 -7.85 -31.60
N LEU D 401 29.40 -8.69 -32.43
CA LEU D 401 29.19 -8.50 -33.86
C LEU D 401 27.73 -8.75 -34.24
N ASP D 402 27.11 -9.75 -33.63
CA ASP D 402 25.69 -9.97 -33.90
C ASP D 402 24.85 -8.75 -33.56
N LYS D 403 25.11 -8.12 -32.41
CA LYS D 403 24.36 -6.91 -32.06
C LYS D 403 24.64 -5.75 -33.00
N ILE D 404 25.89 -5.52 -33.39
CA ILE D 404 26.14 -4.55 -34.45
C ILE D 404 25.38 -4.93 -35.73
N GLU D 405 25.43 -6.20 -36.14
CA GLU D 405 24.76 -6.57 -37.38
C GLU D 405 23.25 -6.35 -37.27
N ALA D 406 22.68 -6.60 -36.09
CA ALA D 406 21.26 -6.37 -35.90
C ALA D 406 20.88 -4.92 -36.14
N LEU D 407 21.84 -4.00 -36.03
CA LEU D 407 21.55 -2.59 -36.26
C LEU D 407 21.53 -2.23 -37.74
N GLN D 408 21.86 -3.19 -38.63
CA GLN D 408 21.79 -3.02 -40.08
C GLN D 408 20.34 -3.09 -40.55
N ASN D 409 19.57 -2.08 -40.17
CA ASN D 409 18.19 -1.95 -40.55
C ASN D 409 18.04 -0.57 -41.16
N HIS D 410 17.61 -0.51 -42.42
CA HIS D 410 17.47 0.75 -43.14
C HIS D 410 16.35 1.62 -42.58
N GLU D 411 15.54 1.09 -41.68
CA GLU D 411 14.51 1.93 -41.07
C GLU D 411 15.15 3.08 -40.31
N ASN D 412 16.42 2.96 -39.95
CA ASN D 412 17.16 4.04 -39.31
C ASN D 412 18.52 4.17 -39.97
N GLU D 413 18.59 5.13 -40.90
CA GLU D 413 19.76 5.28 -41.75
C GLU D 413 20.98 5.72 -40.97
N SER D 414 20.81 6.61 -39.97
CA SER D 414 21.94 6.97 -39.13
C SER D 414 22.58 5.73 -38.51
N VAL D 415 21.76 4.87 -37.92
CA VAL D 415 22.33 3.71 -37.24
C VAL D 415 22.85 2.70 -38.24
N TYR D 416 22.11 2.50 -39.35
CA TYR D 416 22.61 1.69 -40.48
C TYR D 416 24.02 2.13 -40.86
N LYS D 417 24.18 3.42 -41.18
CA LYS D 417 25.50 3.87 -41.64
C LYS D 417 26.56 3.71 -40.55
N ALA D 418 26.20 3.95 -39.28
CA ALA D 418 27.24 3.85 -38.25
C ALA D 418 27.66 2.40 -38.02
N SER D 419 26.69 1.50 -37.96
CA SER D 419 27.02 0.10 -37.84
C SER D 419 27.75 -0.39 -39.11
N LEU D 420 27.36 0.11 -40.28
CA LEU D 420 27.98 -0.38 -41.53
C LEU D 420 29.43 0.01 -41.54
N SER D 421 29.71 1.25 -41.18
CA SER D 421 31.08 1.72 -41.16
C SER D 421 31.96 0.79 -40.35
N LEU D 422 31.52 0.41 -39.11
CA LEU D 422 32.34 -0.48 -38.28
C LEU D 422 32.53 -1.83 -38.94
N ILE D 423 31.50 -2.34 -39.61
CA ILE D 423 31.58 -3.65 -40.25
C ILE D 423 32.53 -3.62 -41.45
N GLU D 424 32.37 -2.62 -42.31
CA GLU D 424 33.28 -2.50 -43.43
C GLU D 424 34.71 -2.31 -42.95
N LYS D 425 34.93 -1.46 -41.93
CA LYS D 425 36.32 -1.18 -41.57
C LYS D 425 37.05 -2.36 -40.88
N TYR D 426 36.36 -3.11 -40.01
CA TYR D 426 37.02 -4.01 -39.08
C TYR D 426 36.52 -5.43 -39.10
N PHE D 427 35.44 -5.72 -39.81
CA PHE D 427 34.92 -7.09 -39.84
C PHE D 427 34.74 -7.61 -41.27
N SER D 428 35.39 -7.00 -42.26
CA SER D 428 35.26 -7.41 -43.67
C SER D 428 36.55 -8.01 -44.20
N VAL D 429 37.51 -8.29 -43.32
CA VAL D 429 38.83 -8.72 -43.73
C VAL D 429 38.78 -10.02 -44.53
O1 MES E . 2.17 3.21 -13.41
C2 MES E . 1.56 2.93 -12.18
C3 MES E . 2.42 1.90 -11.45
N4 MES E . 2.98 0.82 -12.29
C5 MES E . 3.54 1.17 -13.60
C6 MES E . 2.55 2.12 -14.26
C7 MES E . 3.87 -0.09 -11.47
C8 MES E . 4.37 -1.37 -12.19
S MES E . 4.91 -2.61 -11.20
O1S MES E . 5.11 -2.05 -9.85
O2S MES E . 6.06 -3.37 -11.72
O3S MES E . 3.71 -3.50 -11.24
H21 MES E . 0.55 2.54 -12.33
H22 MES E . 1.48 3.84 -11.57
H31 MES E . 1.81 1.44 -10.66
H32 MES E . 3.24 2.41 -10.97
HN4 MES E . 2.16 0.29 -12.59
H51 MES E . 3.68 0.28 -14.21
H52 MES E . 4.51 1.65 -13.47
H61 MES E . 3.01 2.52 -15.17
H62 MES E . 1.66 1.57 -14.53
H71 MES E . 4.75 0.49 -11.16
H72 MES E . 3.32 -0.38 -10.57
H81 MES E . 3.55 -1.75 -12.81
H82 MES E . 5.19 -1.09 -12.86
MG MG F . 8.76 13.97 7.18
#